data_2JMM
#
_entry.id   2JMM
#
_cell.length_a   1.000
_cell.length_b   1.000
_cell.length_c   1.000
_cell.angle_alpha   90.00
_cell.angle_beta   90.00
_cell.angle_gamma   90.00
#
_symmetry.space_group_name_H-M   'P 1'
#
_entity_poly.entity_id   1
_entity_poly.type   'polypeptide(L)'
_entity_poly.pdbx_seq_one_letter_code
;MPKDNTWYTGAKLGWSQYSRENQLGAGAFGGYQVNPYVGFEMGYDWLGRMPRKAQGVQLTAKLGYPKLGTDDLDIYTRLG
GMVWRADTSDKDGNGYISAAEASVSPVFAGGVEYVIRRRITPEIATRLEYQWTNNASDNGMLSLGVSYRFGQGEAA
;
_entity_poly.pdbx_strand_id   A
#
# COMPACT_ATOMS: atom_id res chain seq x y z
N MET A 1 -11.42 20.60 -0.89
CA MET A 1 -10.18 20.95 -0.16
C MET A 1 -9.10 19.85 -0.03
N PRO A 2 -9.40 18.59 0.35
CA PRO A 2 -8.38 17.52 0.42
C PRO A 2 -7.99 16.91 -0.94
N LYS A 3 -8.04 17.73 -1.98
CA LYS A 3 -7.84 17.32 -3.38
C LYS A 3 -6.85 18.27 -4.08
N ASP A 4 -6.07 17.71 -4.99
CA ASP A 4 -5.11 18.43 -5.87
C ASP A 4 -3.86 18.92 -5.13
N ASN A 5 -2.81 18.11 -5.29
CA ASN A 5 -1.50 18.23 -4.60
C ASN A 5 -1.65 18.16 -3.08
N THR A 6 -2.40 17.14 -2.66
CA THR A 6 -2.72 16.86 -1.24
C THR A 6 -2.13 15.52 -0.78
N TRP A 7 -1.99 15.40 0.53
CA TRP A 7 -1.30 14.25 1.15
C TRP A 7 -2.28 13.14 1.56
N TYR A 8 -1.83 11.92 1.32
CA TYR A 8 -2.52 10.66 1.66
C TYR A 8 -1.69 9.89 2.71
N THR A 9 -2.16 9.90 3.95
CA THR A 9 -1.51 9.13 5.03
C THR A 9 -2.56 8.19 5.67
N GLY A 10 -2.31 6.89 5.58
CA GLY A 10 -3.26 5.86 6.07
C GLY A 10 -2.60 4.58 6.60
N ALA A 11 -3.40 3.85 7.37
CA ALA A 11 -3.00 2.55 7.95
C ALA A 11 -4.02 1.46 7.60
N LYS A 12 -3.50 0.31 7.17
CA LYS A 12 -4.33 -0.84 6.74
C LYS A 12 -3.66 -2.21 6.94
N LEU A 13 -4.50 -3.21 7.15
CA LEU A 13 -4.08 -4.61 7.32
C LEU A 13 -4.70 -5.55 6.28
N GLY A 14 -3.80 -6.37 5.74
CA GLY A 14 -4.13 -7.34 4.68
C GLY A 14 -3.77 -8.80 5.00
N TRP A 15 -4.55 -9.69 4.39
CA TRP A 15 -4.30 -11.14 4.42
C TRP A 15 -4.26 -11.73 3.01
N SER A 16 -3.34 -12.67 2.82
CA SER A 16 -3.04 -13.25 1.50
C SER A 16 -3.42 -14.73 1.37
N GLN A 17 -3.87 -15.04 0.16
CA GLN A 17 -4.22 -16.40 -0.30
C GLN A 17 -3.06 -17.37 -0.09
N TYR A 18 -3.35 -18.41 0.70
CA TYR A 18 -2.44 -19.55 1.00
C TYR A 18 -1.10 -19.11 1.64
N SER A 19 -1.19 -18.17 2.58
CA SER A 19 -0.04 -17.67 3.37
C SER A 19 0.55 -18.71 4.33
N ARG A 20 1.37 -19.58 3.76
CA ARG A 20 2.18 -20.58 4.49
C ARG A 20 3.20 -19.96 5.48
N GLU A 21 3.78 -18.85 5.07
CA GLU A 21 4.74 -18.09 5.89
C GLU A 21 3.99 -17.16 6.86
N ASN A 22 4.52 -17.05 8.08
CA ASN A 22 3.99 -16.16 9.12
C ASN A 22 4.24 -14.68 8.75
N GLN A 23 3.28 -14.17 8.00
CA GLN A 23 3.26 -12.77 7.52
C GLN A 23 1.80 -12.26 7.53
N LEU A 24 1.64 -11.10 8.16
CA LEU A 24 0.37 -10.34 8.12
C LEU A 24 0.66 -8.97 7.48
N GLY A 25 -0.20 -8.60 6.53
CA GLY A 25 -0.09 -7.38 5.71
C GLY A 25 -0.39 -6.07 6.45
N ALA A 26 0.19 -5.92 7.64
CA ALA A 26 0.13 -4.70 8.45
C ALA A 26 1.02 -3.62 7.82
N GLY A 27 0.36 -2.82 6.99
CA GLY A 27 1.01 -1.80 6.16
C GLY A 27 0.53 -0.38 6.46
N ALA A 28 1.50 0.51 6.46
CA ALA A 28 1.28 1.96 6.54
C ALA A 28 1.45 2.52 5.12
N PHE A 29 0.38 3.14 4.66
CA PHE A 29 0.28 3.62 3.27
C PHE A 29 0.26 5.15 3.23
N GLY A 30 1.34 5.65 2.65
CA GLY A 30 1.64 7.08 2.50
C GLY A 30 1.88 7.43 1.03
N GLY A 31 1.48 8.64 0.67
CA GLY A 31 1.69 9.18 -0.68
C GLY A 31 1.00 10.53 -0.90
N TYR A 32 0.71 10.77 -2.17
CA TYR A 32 0.20 12.08 -2.63
C TYR A 32 -0.87 11.94 -3.71
N GLN A 33 -1.86 12.81 -3.63
CA GLN A 33 -2.97 12.88 -4.60
C GLN A 33 -2.98 14.24 -5.31
N VAL A 34 -2.38 14.20 -6.50
CA VAL A 34 -2.18 15.39 -7.35
C VAL A 34 -3.42 15.85 -8.16
N ASN A 35 -4.20 14.90 -8.68
CA ASN A 35 -5.35 15.20 -9.55
C ASN A 35 -6.56 14.31 -9.27
N PRO A 36 -7.80 14.75 -9.56
CA PRO A 36 -8.99 13.87 -9.55
C PRO A 36 -8.99 12.94 -10.77
N TYR A 37 -8.00 12.05 -10.73
CA TYR A 37 -7.61 11.11 -11.80
C TYR A 37 -6.49 10.20 -11.28
N VAL A 38 -5.26 10.70 -11.25
CA VAL A 38 -4.07 9.93 -10.80
C VAL A 38 -3.31 10.58 -9.64
N GLY A 39 -2.81 9.69 -8.80
CA GLY A 39 -1.94 9.99 -7.64
C GLY A 39 -0.97 8.83 -7.37
N PHE A 40 -0.15 9.01 -6.34
CA PHE A 40 0.90 8.03 -5.97
C PHE A 40 0.72 7.49 -4.55
N GLU A 41 0.85 6.18 -4.45
CA GLU A 41 0.62 5.42 -3.20
C GLU A 41 1.81 4.49 -2.91
N MET A 42 2.32 4.58 -1.69
CA MET A 42 3.35 3.65 -1.18
C MET A 42 2.88 2.98 0.11
N GLY A 43 3.19 1.69 0.21
CA GLY A 43 2.79 0.83 1.34
C GLY A 43 4.01 0.20 2.02
N TYR A 44 4.21 0.61 3.27
CA TYR A 44 5.34 0.18 4.11
C TYR A 44 4.88 -0.79 5.21
N ASP A 45 5.29 -2.05 5.04
CA ASP A 45 5.06 -3.12 6.03
C ASP A 45 6.43 -3.56 6.59
N TRP A 46 6.57 -3.38 7.89
CA TRP A 46 7.82 -3.74 8.60
C TRP A 46 7.58 -4.87 9.61
N LEU A 47 8.27 -5.98 9.37
CA LEU A 47 8.19 -7.16 10.26
C LEU A 47 9.12 -6.98 11.49
N GLY A 48 8.63 -6.14 12.39
CA GLY A 48 9.25 -5.88 13.72
C GLY A 48 9.02 -7.05 14.70
N ARG A 49 9.46 -8.23 14.26
CA ARG A 49 9.28 -9.51 14.95
C ARG A 49 10.66 -10.20 15.06
N MET A 50 11.18 -10.66 13.92
CA MET A 50 12.56 -11.14 13.78
C MET A 50 13.57 -10.01 14.03
N PRO A 51 14.77 -10.31 14.58
CA PRO A 51 15.83 -9.30 14.83
C PRO A 51 16.53 -8.73 13.58
N ARG A 52 15.78 -8.67 12.47
CA ARG A 52 16.22 -8.16 11.17
C ARG A 52 15.14 -7.20 10.65
N LYS A 53 15.57 -6.10 10.07
CA LYS A 53 14.64 -5.09 9.49
C LYS A 53 14.03 -5.54 8.16
N ALA A 54 13.08 -6.45 8.27
CA ALA A 54 12.30 -6.96 7.12
C ALA A 54 11.25 -5.94 6.66
N GLN A 55 11.77 -5.01 5.85
CA GLN A 55 11.01 -3.89 5.27
C GLN A 55 10.45 -4.27 3.90
N GLY A 56 9.16 -4.56 3.88
CA GLY A 56 8.39 -4.94 2.69
C GLY A 56 7.56 -3.74 2.23
N VAL A 57 8.05 -3.10 1.17
CA VAL A 57 7.50 -1.83 0.68
C VAL A 57 6.96 -2.01 -0.75
N GLN A 58 5.75 -1.49 -0.95
CA GLN A 58 5.15 -1.39 -2.29
C GLN A 58 5.07 0.07 -2.76
N LEU A 59 5.38 0.22 -4.05
CA LEU A 59 5.27 1.50 -4.77
C LEU A 59 4.30 1.34 -5.94
N THR A 60 3.16 2.00 -5.79
CA THR A 60 2.04 1.93 -6.76
C THR A 60 1.51 3.30 -7.17
N ALA A 61 1.07 3.37 -8.42
CA ALA A 61 0.36 4.53 -8.97
C ALA A 61 -1.15 4.22 -8.97
N LYS A 62 -1.90 5.14 -8.41
CA LYS A 62 -3.35 4.96 -8.18
C LYS A 62 -4.21 5.92 -9.02
N LEU A 63 -5.26 5.34 -9.59
CA LEU A 63 -6.31 6.08 -10.31
C LEU A 63 -7.56 6.13 -9.43
N GLY A 64 -7.80 7.33 -8.92
CA GLY A 64 -8.87 7.67 -7.97
C GLY A 64 -10.08 8.23 -8.74
N TYR A 65 -11.03 7.34 -8.98
CA TYR A 65 -12.19 7.59 -9.86
C TYR A 65 -13.51 7.51 -9.08
N PRO A 66 -14.46 8.42 -9.36
CA PRO A 66 -15.77 8.46 -8.68
C PRO A 66 -16.69 7.25 -8.92
N LYS A 67 -16.67 6.73 -10.16
CA LYS A 67 -17.43 5.54 -10.60
C LYS A 67 -18.94 5.56 -10.24
N LEU A 68 -19.51 6.76 -10.22
CA LEU A 68 -20.91 7.04 -9.83
C LEU A 68 -21.32 6.44 -8.47
N GLY A 69 -20.47 6.67 -7.46
CA GLY A 69 -20.72 6.34 -6.05
C GLY A 69 -21.92 7.12 -5.48
N THR A 70 -23.08 6.52 -5.74
CA THR A 70 -24.45 7.08 -5.62
C THR A 70 -25.02 7.41 -4.21
N ASP A 71 -24.11 7.72 -3.30
CA ASP A 71 -24.36 8.03 -1.88
C ASP A 71 -23.04 8.58 -1.29
N ASP A 72 -22.05 7.69 -1.17
CA ASP A 72 -20.69 7.99 -0.70
C ASP A 72 -19.80 6.76 -0.96
N LEU A 73 -19.24 6.70 -2.16
CA LEU A 73 -18.22 5.70 -2.53
C LEU A 73 -17.39 6.16 -3.74
N ASP A 74 -16.09 5.85 -3.66
CA ASP A 74 -15.13 6.07 -4.76
C ASP A 74 -14.18 4.87 -4.90
N ILE A 75 -13.72 4.64 -6.12
CA ILE A 75 -12.78 3.54 -6.41
C ILE A 75 -11.38 4.10 -6.73
N TYR A 76 -10.38 3.41 -6.22
CA TYR A 76 -8.97 3.65 -6.58
C TYR A 76 -8.34 2.33 -7.06
N THR A 77 -7.71 2.42 -8.23
CA THR A 77 -6.98 1.27 -8.80
C THR A 77 -5.50 1.64 -8.81
N ARG A 78 -4.73 0.79 -8.15
CA ARG A 78 -3.27 1.01 -7.95
C ARG A 78 -2.41 -0.13 -8.53
N LEU A 79 -1.51 0.28 -9.40
CA LEU A 79 -0.60 -0.63 -10.12
C LEU A 79 0.87 -0.24 -9.86
N GLY A 80 1.69 -1.25 -9.62
CA GLY A 80 3.14 -1.08 -9.41
C GLY A 80 3.85 -2.35 -8.94
N GLY A 81 4.82 -2.15 -8.07
CA GLY A 81 5.70 -3.21 -7.55
C GLY A 81 5.84 -3.24 -6.03
N MET A 82 5.94 -4.44 -5.47
CA MET A 82 6.29 -4.63 -4.04
C MET A 82 7.63 -5.37 -3.86
N VAL A 83 8.53 -4.66 -3.20
CA VAL A 83 9.93 -5.08 -2.98
C VAL A 83 10.21 -5.09 -1.46
N TRP A 84 10.96 -6.09 -1.03
CA TRP A 84 11.39 -6.25 0.37
C TRP A 84 12.91 -6.09 0.43
N ARG A 85 13.41 -5.41 1.48
CA ARG A 85 14.84 -5.18 1.78
C ARG A 85 15.61 -4.25 0.82
N ALA A 86 15.28 -4.31 -0.48
CA ALA A 86 15.92 -3.63 -1.62
C ALA A 86 17.32 -4.19 -1.96
N ASP A 87 18.21 -4.22 -0.97
CA ASP A 87 19.53 -4.87 -1.07
C ASP A 87 19.95 -5.41 0.31
N THR A 88 19.88 -6.72 0.45
CA THR A 88 20.18 -7.40 1.73
C THR A 88 21.68 -7.57 1.98
N SER A 89 22.02 -7.74 3.26
CA SER A 89 23.41 -7.82 3.72
C SER A 89 23.71 -9.19 4.34
N ASP A 90 24.99 -9.56 4.23
CA ASP A 90 25.52 -10.90 4.57
C ASP A 90 27.05 -10.95 4.58
N LYS A 91 27.67 -10.26 3.61
CA LYS A 91 29.14 -10.16 3.41
C LYS A 91 29.83 -11.52 3.26
N ASP A 92 29.87 -11.97 2.01
CA ASP A 92 30.48 -13.26 1.63
C ASP A 92 32.02 -13.19 1.60
N GLY A 93 32.59 -13.21 2.80
CA GLY A 93 34.05 -13.17 3.05
C GLY A 93 34.67 -11.82 2.66
N ASN A 94 35.09 -11.75 1.40
CA ASN A 94 35.72 -10.59 0.73
C ASN A 94 36.02 -10.92 -0.75
N GLY A 95 36.14 -9.86 -1.55
CA GLY A 95 36.46 -9.96 -2.99
C GLY A 95 35.36 -9.32 -3.84
N TYR A 96 35.08 -9.96 -4.97
CA TYR A 96 34.12 -9.43 -5.97
C TYR A 96 32.82 -10.25 -5.99
N ILE A 97 31.89 -9.79 -5.18
CA ILE A 97 30.55 -10.38 -5.03
C ILE A 97 29.52 -9.31 -5.47
N SER A 98 28.60 -9.73 -6.33
CA SER A 98 27.52 -8.88 -6.87
C SER A 98 26.55 -8.45 -5.75
N ALA A 99 25.96 -7.27 -5.96
CA ALA A 99 25.00 -6.65 -5.01
C ALA A 99 23.72 -7.48 -4.88
N ALA A 100 23.34 -7.74 -3.63
CA ALA A 100 22.16 -8.55 -3.28
C ALA A 100 20.83 -7.79 -3.41
N GLU A 101 20.56 -7.42 -4.67
CA GLU A 101 19.38 -6.66 -5.10
C GLU A 101 18.12 -7.54 -5.14
N ALA A 102 17.11 -7.08 -4.40
CA ALA A 102 15.77 -7.69 -4.37
C ALA A 102 14.94 -7.27 -5.59
N SER A 103 14.05 -8.17 -6.01
CA SER A 103 13.30 -8.05 -7.27
C SER A 103 11.95 -7.32 -7.15
N VAL A 104 11.66 -6.58 -8.21
CA VAL A 104 10.33 -5.96 -8.44
C VAL A 104 9.27 -7.01 -8.79
N SER A 105 8.09 -6.86 -8.21
CA SER A 105 6.94 -7.75 -8.45
C SER A 105 5.72 -7.01 -9.02
N PRO A 106 5.27 -7.35 -10.25
CA PRO A 106 4.09 -6.74 -10.87
C PRO A 106 2.79 -7.07 -10.11
N VAL A 107 2.37 -6.07 -9.35
CA VAL A 107 1.15 -6.14 -8.52
C VAL A 107 0.15 -5.00 -8.80
N PHE A 108 -1.09 -5.42 -8.98
CA PHE A 108 -2.23 -4.52 -9.26
C PHE A 108 -3.38 -4.77 -8.29
N ALA A 109 -3.89 -3.69 -7.72
CA ALA A 109 -5.02 -3.76 -6.77
C ALA A 109 -6.16 -2.80 -7.11
N GLY A 110 -7.36 -3.31 -6.84
CA GLY A 110 -8.64 -2.59 -7.00
C GLY A 110 -9.25 -2.39 -5.61
N GLY A 111 -9.23 -1.13 -5.16
CA GLY A 111 -9.72 -0.74 -3.83
C GLY A 111 -10.87 0.28 -3.90
N VAL A 112 -11.79 0.12 -2.97
CA VAL A 112 -12.92 1.06 -2.79
C VAL A 112 -12.88 1.74 -1.42
N GLU A 113 -13.15 3.03 -1.47
CA GLU A 113 -13.14 3.93 -0.29
C GLU A 113 -14.44 4.71 -0.09
N TYR A 114 -14.80 4.78 1.18
CA TYR A 114 -15.93 5.58 1.71
C TYR A 114 -15.37 6.63 2.69
N VAL A 115 -15.96 7.82 2.66
CA VAL A 115 -15.63 8.89 3.62
C VAL A 115 -16.75 9.05 4.66
N ILE A 116 -16.33 9.12 5.91
CA ILE A 116 -17.22 9.08 7.09
C ILE A 116 -18.24 10.23 7.21
N ARG A 117 -19.45 9.98 6.73
CA ARG A 117 -20.57 10.93 6.88
C ARG A 117 -21.15 10.83 8.31
N ARG A 118 -20.45 11.55 9.19
CA ARG A 118 -20.66 11.63 10.66
C ARG A 118 -19.68 12.67 11.21
N ARG A 119 -19.12 12.45 12.41
CA ARG A 119 -18.15 13.34 13.07
C ARG A 119 -16.84 13.48 12.26
N ILE A 120 -16.80 14.61 11.54
CA ILE A 120 -15.67 15.08 10.71
C ILE A 120 -15.39 14.13 9.53
N THR A 121 -16.14 14.36 8.44
CA THR A 121 -15.95 13.66 7.16
C THR A 121 -14.56 13.83 6.54
N PRO A 122 -13.97 15.04 6.46
CA PRO A 122 -12.56 15.20 6.05
C PRO A 122 -11.60 14.84 7.20
N GLU A 123 -11.56 13.54 7.47
CA GLU A 123 -10.69 12.93 8.50
C GLU A 123 -10.11 11.62 7.94
N ILE A 124 -10.90 10.54 8.04
CA ILE A 124 -10.52 9.21 7.50
C ILE A 124 -11.52 8.66 6.49
N ALA A 125 -10.93 7.98 5.51
CA ALA A 125 -11.63 7.19 4.48
C ALA A 125 -11.43 5.70 4.76
N THR A 126 -12.56 5.01 4.89
CA THR A 126 -12.63 3.56 5.13
C THR A 126 -12.43 2.89 3.77
N ARG A 127 -11.35 2.14 3.67
CA ARG A 127 -10.90 1.53 2.41
C ARG A 127 -10.70 0.01 2.50
N LEU A 128 -11.21 -0.63 1.46
CA LEU A 128 -11.07 -2.07 1.23
C LEU A 128 -10.53 -2.33 -0.19
N GLU A 129 -9.29 -2.81 -0.19
CA GLU A 129 -8.45 -3.00 -1.39
C GLU A 129 -8.17 -4.49 -1.62
N TYR A 130 -8.29 -4.88 -2.88
CA TYR A 130 -8.06 -6.27 -3.32
C TYR A 130 -6.86 -6.33 -4.26
N GLN A 131 -5.79 -6.88 -3.70
CA GLN A 131 -4.44 -6.89 -4.28
C GLN A 131 -4.19 -8.22 -4.99
N TRP A 132 -4.03 -8.13 -6.31
CA TRP A 132 -3.77 -9.29 -7.18
C TRP A 132 -2.43 -9.22 -7.94
N THR A 133 -1.87 -10.41 -8.12
CA THR A 133 -0.67 -10.62 -8.96
C THR A 133 -0.90 -11.66 -10.07
N ASN A 134 -0.17 -11.46 -11.16
CA ASN A 134 -0.27 -12.20 -12.44
C ASN A 134 -1.70 -12.20 -13.03
N ASN A 135 -1.98 -13.11 -13.96
CA ASN A 135 -3.29 -13.21 -14.65
C ASN A 135 -4.03 -14.49 -14.23
N ALA A 136 -5.33 -14.53 -14.56
CA ALA A 136 -6.31 -15.54 -14.11
C ALA A 136 -6.38 -15.64 -12.57
N SER A 137 -7.12 -16.62 -12.05
CA SER A 137 -7.20 -16.90 -10.59
C SER A 137 -5.83 -17.37 -10.06
N ASP A 138 -5.03 -16.37 -9.73
CA ASP A 138 -3.62 -16.56 -9.33
C ASP A 138 -3.49 -16.43 -7.79
N ASN A 139 -3.02 -15.28 -7.29
CA ASN A 139 -2.89 -15.02 -5.84
C ASN A 139 -3.44 -13.64 -5.51
N GLY A 140 -4.36 -13.65 -4.55
CA GLY A 140 -5.02 -12.44 -4.02
C GLY A 140 -4.77 -12.18 -2.53
N MET A 141 -4.65 -10.90 -2.23
CA MET A 141 -4.60 -10.34 -0.87
C MET A 141 -5.79 -9.40 -0.66
N LEU A 142 -6.39 -9.53 0.51
CA LEU A 142 -7.51 -8.69 0.97
C LEU A 142 -7.04 -7.74 2.07
N SER A 143 -6.83 -6.49 1.65
CA SER A 143 -6.28 -5.42 2.51
C SER A 143 -7.35 -4.37 2.82
N LEU A 144 -7.54 -4.16 4.12
CA LEU A 144 -8.57 -3.23 4.64
C LEU A 144 -8.03 -2.34 5.76
N GLY A 145 -8.47 -1.08 5.73
CA GLY A 145 -8.06 -0.06 6.71
C GLY A 145 -8.67 1.32 6.46
N VAL A 146 -8.05 2.31 7.08
CA VAL A 146 -8.45 3.73 6.96
C VAL A 146 -7.29 4.65 6.59
N SER A 147 -7.59 5.60 5.72
CA SER A 147 -6.64 6.65 5.30
C SER A 147 -7.10 8.04 5.72
N TYR A 148 -6.16 8.79 6.27
CA TYR A 148 -6.37 10.15 6.78
C TYR A 148 -5.79 11.16 5.78
N ARG A 149 -6.60 12.18 5.54
CA ARG A 149 -6.25 13.29 4.63
C ARG A 149 -5.19 14.23 5.24
N PHE A 150 -4.12 14.39 4.48
CA PHE A 150 -2.87 15.10 4.85
C PHE A 150 -2.08 14.34 5.92
N GLY A 151 -2.55 14.43 7.17
CA GLY A 151 -1.83 13.94 8.37
C GLY A 151 -0.77 14.94 8.82
N GLN A 152 -1.26 15.98 9.48
CA GLN A 152 -0.46 17.13 9.98
C GLN A 152 0.69 16.71 10.90
N GLY A 153 0.41 15.76 11.79
CA GLY A 153 1.43 15.05 12.60
C GLY A 153 2.10 13.97 11.73
N GLU A 154 2.95 14.45 10.83
CA GLU A 154 3.65 13.62 9.82
C GLU A 154 4.69 12.68 10.44
N ALA A 155 4.17 11.53 10.86
CA ALA A 155 4.97 10.41 11.44
C ALA A 155 5.91 9.76 10.41
N ALA A 156 7.17 10.18 10.49
CA ALA A 156 8.27 9.65 9.64
C ALA A 156 9.13 8.58 10.33
N MET A 1 3.74 24.58 -8.66
CA MET A 1 2.58 23.72 -9.01
C MET A 1 1.82 23.15 -7.79
N PRO A 2 0.48 23.20 -7.79
CA PRO A 2 -0.35 22.68 -6.69
C PRO A 2 -0.49 21.13 -6.69
N LYS A 3 0.66 20.49 -6.52
CA LYS A 3 0.80 19.01 -6.47
C LYS A 3 0.39 18.41 -5.11
N ASP A 4 -0.79 18.82 -4.66
CA ASP A 4 -1.32 18.58 -3.31
C ASP A 4 -2.84 18.84 -3.22
N ASN A 5 -3.56 18.32 -4.22
CA ASN A 5 -5.04 18.42 -4.30
C ASN A 5 -5.71 17.85 -3.05
N THR A 6 -5.36 16.60 -2.74
CA THR A 6 -5.85 15.86 -1.55
C THR A 6 -4.80 14.88 -1.03
N TRP A 7 -4.70 14.82 0.29
CA TRP A 7 -3.81 13.86 0.97
C TRP A 7 -4.57 13.05 2.03
N TYR A 8 -4.31 11.75 2.02
CA TYR A 8 -4.73 10.82 3.07
C TYR A 8 -3.53 10.05 3.62
N THR A 9 -3.41 10.09 4.95
CA THR A 9 -2.33 9.41 5.69
C THR A 9 -2.90 8.50 6.79
N GLY A 10 -2.32 7.31 6.92
CA GLY A 10 -2.75 6.32 7.92
C GLY A 10 -1.96 5.01 7.88
N ALA A 11 -2.66 3.94 8.26
CA ALA A 11 -2.10 2.57 8.40
C ALA A 11 -3.21 1.51 8.38
N LYS A 12 -2.93 0.42 7.68
CA LYS A 12 -3.68 -0.86 7.72
C LYS A 12 -2.99 -2.00 6.94
N LEU A 13 -3.51 -3.21 7.12
CA LEU A 13 -2.82 -4.47 6.76
C LEU A 13 -3.55 -5.25 5.64
N GLY A 14 -2.79 -6.16 5.03
CA GLY A 14 -3.27 -7.07 3.97
C GLY A 14 -3.06 -8.54 4.34
N TRP A 15 -4.06 -9.34 3.99
CA TRP A 15 -4.06 -10.79 4.26
C TRP A 15 -4.11 -11.60 2.95
N SER A 16 -3.44 -12.75 2.95
CA SER A 16 -3.42 -13.66 1.79
C SER A 16 -4.50 -14.75 1.85
N GLN A 17 -5.27 -14.81 0.77
CA GLN A 17 -6.47 -15.65 0.59
C GLN A 17 -6.27 -17.13 0.94
N TYR A 18 -6.72 -17.47 2.15
CA TYR A 18 -6.54 -18.79 2.80
C TYR A 18 -5.10 -19.36 2.80
N SER A 19 -4.15 -18.44 2.74
CA SER A 19 -2.70 -18.73 2.68
C SER A 19 -1.96 -18.34 3.97
N ARG A 20 -2.33 -17.19 4.56
CA ARG A 20 -1.74 -16.62 5.80
C ARG A 20 -0.32 -16.06 5.60
N GLU A 21 0.43 -16.65 4.68
CA GLU A 21 1.79 -16.24 4.30
C GLU A 21 1.86 -14.79 3.75
N ASN A 22 2.23 -13.92 4.69
CA ASN A 22 2.69 -12.53 4.42
C ASN A 22 3.29 -11.93 5.69
N GLN A 23 4.50 -11.39 5.51
CA GLN A 23 5.18 -10.53 6.49
C GLN A 23 5.81 -9.27 5.86
N LEU A 24 5.17 -8.76 4.80
CA LEU A 24 5.72 -7.69 3.95
C LEU A 24 4.71 -7.01 3.01
N GLY A 25 4.90 -5.72 2.87
CA GLY A 25 4.07 -4.82 2.03
C GLY A 25 3.28 -3.80 2.86
N ALA A 26 2.06 -4.20 3.20
CA ALA A 26 1.09 -3.38 3.97
C ALA A 26 1.62 -2.92 5.34
N GLY A 27 1.00 -1.85 5.84
CA GLY A 27 1.49 -1.12 7.03
C GLY A 27 1.00 0.33 7.05
N ALA A 28 1.96 1.24 7.15
CA ALA A 28 1.71 2.69 7.29
C ALA A 28 1.91 3.42 5.96
N PHE A 29 0.85 4.07 5.51
CA PHE A 29 0.77 4.63 4.15
C PHE A 29 0.45 6.13 4.05
N GLY A 30 1.05 6.68 3.01
CA GLY A 30 0.83 8.06 2.52
C GLY A 30 0.25 7.98 1.10
N GLY A 31 -1.06 8.24 1.03
CA GLY A 31 -1.85 8.17 -0.21
C GLY A 31 -2.35 9.58 -0.59
N TYR A 32 -1.65 10.17 -1.54
CA TYR A 32 -1.93 11.56 -1.97
C TYR A 32 -2.44 11.59 -3.42
N GLN A 33 -3.34 12.52 -3.67
CA GLN A 33 -3.93 12.73 -5.01
C GLN A 33 -3.66 14.16 -5.48
N VAL A 34 -3.28 14.24 -6.76
CA VAL A 34 -2.90 15.50 -7.42
C VAL A 34 -3.97 16.05 -8.38
N ASN A 35 -4.67 15.13 -9.02
CA ASN A 35 -5.89 15.39 -9.82
C ASN A 35 -7.03 14.56 -9.19
N PRO A 36 -8.23 15.12 -8.99
CA PRO A 36 -9.40 14.36 -8.49
C PRO A 36 -9.87 13.33 -9.53
N TYR A 37 -9.19 12.19 -9.47
CA TYR A 37 -9.15 11.09 -10.47
C TYR A 37 -7.88 10.23 -10.29
N VAL A 38 -6.74 10.88 -10.03
CA VAL A 38 -5.42 10.21 -10.01
C VAL A 38 -4.38 10.87 -9.08
N GLY A 39 -3.66 9.98 -8.41
CA GLY A 39 -2.52 10.27 -7.51
C GLY A 39 -1.67 9.01 -7.27
N PHE A 40 -0.98 9.00 -6.13
CA PHE A 40 -0.07 7.91 -5.77
C PHE A 40 -0.11 7.60 -4.25
N GLU A 41 0.06 6.32 -3.96
CA GLU A 41 0.09 5.80 -2.57
C GLU A 41 1.33 4.92 -2.29
N MET A 42 1.98 5.26 -1.18
CA MET A 42 3.15 4.53 -0.67
C MET A 42 2.88 4.01 0.74
N GLY A 43 2.83 2.68 0.86
CA GLY A 43 2.61 1.97 2.13
C GLY A 43 3.89 1.28 2.60
N TYR A 44 4.41 1.77 3.72
CA TYR A 44 5.70 1.34 4.27
C TYR A 44 5.52 0.38 5.46
N ASP A 45 6.41 -0.60 5.47
CA ASP A 45 6.44 -1.67 6.48
C ASP A 45 7.87 -1.98 6.96
N TRP A 46 7.99 -2.01 8.27
CA TRP A 46 9.25 -2.30 8.99
C TRP A 46 9.01 -3.50 9.92
N LEU A 47 9.98 -4.41 9.94
CA LEU A 47 9.84 -5.69 10.65
C LEU A 47 10.93 -5.77 11.74
N GLY A 48 10.66 -5.02 12.81
CA GLY A 48 11.64 -4.72 13.87
C GLY A 48 12.79 -3.85 13.33
N ARG A 49 13.86 -3.78 14.13
CA ARG A 49 15.02 -2.91 13.87
C ARG A 49 15.70 -3.21 12.50
N MET A 50 16.66 -4.14 12.50
CA MET A 50 17.21 -4.74 11.27
C MET A 50 17.29 -6.27 11.47
N PRO A 51 16.28 -7.01 10.99
CA PRO A 51 16.24 -8.48 11.13
C PRO A 51 17.23 -9.22 10.21
N ARG A 52 17.37 -8.71 8.98
CA ARG A 52 18.16 -9.24 7.85
C ARG A 52 17.89 -8.36 6.62
N LYS A 53 16.61 -8.36 6.20
CA LYS A 53 16.10 -7.59 5.06
C LYS A 53 15.15 -6.46 5.55
N ALA A 54 13.85 -6.56 5.24
CA ALA A 54 12.79 -5.62 5.66
C ALA A 54 13.01 -4.18 5.14
N GLN A 55 12.69 -3.18 5.97
CA GLN A 55 12.79 -1.73 5.67
C GLN A 55 12.13 -1.33 4.33
N GLY A 56 10.95 -1.91 4.12
CA GLY A 56 10.34 -2.00 2.77
C GLY A 56 9.02 -1.25 2.63
N VAL A 57 8.64 -1.07 1.38
CA VAL A 57 7.43 -0.33 0.96
C VAL A 57 6.68 -1.05 -0.18
N GLN A 58 5.36 -0.96 -0.15
CA GLN A 58 4.51 -1.26 -1.31
C GLN A 58 3.90 0.05 -1.84
N LEU A 59 4.28 0.35 -3.07
CA LEU A 59 4.01 1.62 -3.74
C LEU A 59 3.22 1.41 -5.04
N THR A 60 2.05 2.02 -5.07
CA THR A 60 1.10 1.93 -6.20
C THR A 60 0.54 3.30 -6.61
N ALA A 61 0.23 3.40 -7.90
CA ALA A 61 -0.42 4.59 -8.49
C ALA A 61 -1.93 4.38 -8.46
N LYS A 62 -2.60 5.42 -8.00
CA LYS A 62 -4.02 5.38 -7.59
C LYS A 62 -4.88 6.18 -8.58
N LEU A 63 -5.60 5.43 -9.42
CA LEU A 63 -6.52 6.01 -10.42
C LEU A 63 -7.95 5.49 -10.18
N GLY A 64 -8.92 6.41 -10.23
CA GLY A 64 -10.34 6.09 -10.04
C GLY A 64 -11.25 7.34 -10.02
N TYR A 65 -12.36 7.18 -9.30
CA TYR A 65 -13.46 8.17 -9.23
C TYR A 65 -14.54 7.81 -8.19
N PRO A 66 -15.30 8.78 -7.65
CA PRO A 66 -16.50 8.50 -6.83
C PRO A 66 -17.58 7.83 -7.66
N LYS A 67 -17.89 6.59 -7.28
CA LYS A 67 -18.82 5.73 -8.06
C LYS A 67 -20.23 6.33 -7.99
N LEU A 68 -20.80 6.49 -9.19
CA LEU A 68 -22.08 7.17 -9.45
C LEU A 68 -22.12 8.64 -8.95
N GLY A 69 -20.93 9.22 -8.80
CA GLY A 69 -20.69 10.55 -8.20
C GLY A 69 -21.11 10.66 -6.71
N THR A 70 -21.22 9.52 -6.04
CA THR A 70 -21.68 9.47 -4.64
C THR A 70 -20.46 9.67 -3.74
N ASP A 71 -20.21 10.94 -3.46
CA ASP A 71 -19.07 11.41 -2.64
C ASP A 71 -19.13 10.91 -1.19
N ASP A 72 -18.68 9.66 -1.14
CA ASP A 72 -18.42 8.81 0.04
C ASP A 72 -17.77 7.47 -0.38
N LEU A 73 -18.24 6.94 -1.52
CA LEU A 73 -17.69 5.72 -2.13
C LEU A 73 -16.98 6.01 -3.45
N ASP A 74 -15.67 6.12 -3.35
CA ASP A 74 -14.78 6.41 -4.49
C ASP A 74 -13.83 5.25 -4.79
N ILE A 75 -14.09 4.63 -5.94
CA ILE A 75 -13.39 3.40 -6.39
C ILE A 75 -12.02 3.75 -6.98
N TYR A 76 -11.08 2.83 -6.80
CA TYR A 76 -9.69 2.98 -7.29
C TYR A 76 -9.04 1.66 -7.73
N THR A 77 -8.26 1.81 -8.78
CA THR A 77 -7.29 0.80 -9.25
C THR A 77 -5.88 1.36 -9.03
N ARG A 78 -5.13 0.57 -8.27
CA ARG A 78 -3.77 0.93 -7.84
C ARG A 78 -2.77 -0.05 -8.45
N LEU A 79 -1.83 0.53 -9.17
CA LEU A 79 -0.83 -0.22 -9.96
C LEU A 79 0.61 0.17 -9.65
N GLY A 80 1.43 -0.84 -9.37
CA GLY A 80 2.87 -0.67 -9.10
C GLY A 80 3.46 -1.97 -8.54
N GLY A 81 3.69 -1.96 -7.23
CA GLY A 81 4.13 -3.17 -6.50
C GLY A 81 4.92 -2.89 -5.22
N MET A 82 5.78 -3.86 -4.88
CA MET A 82 6.51 -3.86 -3.61
C MET A 82 8.03 -3.84 -3.83
N VAL A 83 8.69 -3.06 -2.98
CA VAL A 83 10.16 -2.95 -2.88
C VAL A 83 10.56 -3.22 -1.42
N TRP A 84 11.24 -4.34 -1.23
CA TRP A 84 11.80 -4.75 0.08
C TRP A 84 13.34 -4.80 0.02
N ARG A 85 13.98 -4.28 1.06
CA ARG A 85 15.45 -4.12 1.08
C ARG A 85 16.18 -5.44 1.39
N ALA A 86 17.31 -5.61 0.69
CA ALA A 86 18.22 -6.76 0.90
C ALA A 86 19.64 -6.37 1.35
N ASP A 87 20.25 -5.43 0.62
CA ASP A 87 21.56 -4.80 0.91
C ASP A 87 22.74 -5.79 1.11
N THR A 88 23.41 -6.08 0.00
CA THR A 88 24.63 -6.91 -0.01
C THR A 88 25.83 -6.13 0.59
N SER A 89 25.94 -6.23 1.91
CA SER A 89 27.11 -5.74 2.67
C SER A 89 27.68 -6.87 3.53
N ASP A 90 28.54 -7.65 2.88
CA ASP A 90 29.18 -8.86 3.45
C ASP A 90 30.32 -9.37 2.56
N LYS A 91 31.30 -10.00 3.20
CA LYS A 91 32.40 -10.72 2.50
C LYS A 91 31.88 -11.96 1.76
N ASP A 92 32.52 -12.25 0.63
CA ASP A 92 32.21 -13.44 -0.20
C ASP A 92 32.36 -14.81 0.50
N GLY A 93 33.21 -14.85 1.54
CA GLY A 93 33.50 -16.05 2.36
C GLY A 93 33.79 -17.29 1.50
N ASN A 94 35.03 -17.34 1.04
CA ASN A 94 35.47 -18.10 -0.17
C ASN A 94 34.83 -17.50 -1.45
N GLY A 95 34.89 -18.25 -2.55
CA GLY A 95 34.43 -17.79 -3.88
C GLY A 95 32.91 -17.83 -4.09
N TYR A 96 32.19 -17.06 -3.27
CA TYR A 96 30.71 -16.99 -3.36
C TYR A 96 30.23 -15.56 -3.67
N ILE A 97 29.90 -15.38 -4.95
CA ILE A 97 29.37 -14.10 -5.47
C ILE A 97 27.91 -13.95 -5.01
N SER A 98 27.77 -13.49 -3.77
CA SER A 98 26.48 -13.25 -3.09
C SER A 98 25.74 -12.00 -3.61
N ALA A 99 25.43 -12.04 -4.90
CA ALA A 99 24.76 -10.94 -5.63
C ALA A 99 23.26 -10.83 -5.31
N ALA A 100 22.97 -10.07 -4.25
CA ALA A 100 21.58 -9.78 -3.84
C ALA A 100 21.21 -8.28 -4.01
N GLU A 101 20.00 -8.10 -4.52
CA GLU A 101 19.40 -6.78 -4.80
C GLU A 101 18.05 -6.64 -4.08
N ALA A 102 17.58 -5.39 -3.97
CA ALA A 102 16.26 -5.09 -3.37
C ALA A 102 15.14 -5.80 -4.16
N SER A 103 14.27 -6.47 -3.41
CA SER A 103 13.17 -7.28 -3.95
C SER A 103 12.03 -6.39 -4.46
N VAL A 104 11.95 -6.31 -5.79
CA VAL A 104 10.94 -5.52 -6.51
C VAL A 104 9.98 -6.43 -7.30
N SER A 105 8.73 -6.38 -6.86
CA SER A 105 7.62 -7.16 -7.46
C SER A 105 6.52 -6.26 -8.06
N PRO A 106 6.09 -6.54 -9.30
CA PRO A 106 4.91 -5.88 -9.90
C PRO A 106 3.60 -6.46 -9.36
N VAL A 107 2.80 -5.57 -8.79
CA VAL A 107 1.50 -5.90 -8.16
C VAL A 107 0.40 -4.94 -8.68
N PHE A 108 -0.76 -5.53 -8.91
CA PHE A 108 -1.99 -4.78 -9.24
C PHE A 108 -3.03 -4.98 -8.12
N ALA A 109 -3.46 -3.85 -7.57
CA ALA A 109 -4.39 -3.80 -6.44
C ALA A 109 -5.64 -2.97 -6.79
N GLY A 110 -6.78 -3.67 -6.86
CA GLY A 110 -8.07 -3.05 -7.24
C GLY A 110 -9.10 -3.08 -6.11
N GLY A 111 -9.80 -1.96 -5.94
CA GLY A 111 -10.87 -1.84 -4.93
C GLY A 111 -11.54 -0.47 -4.80
N VAL A 112 -11.94 -0.19 -3.56
CA VAL A 112 -12.78 0.98 -3.20
C VAL A 112 -12.15 1.73 -2.01
N GLU A 113 -12.30 3.05 -2.05
CA GLU A 113 -12.06 3.93 -0.89
C GLU A 113 -13.43 4.46 -0.43
N TYR A 114 -13.74 4.17 0.82
CA TYR A 114 -14.98 4.62 1.48
C TYR A 114 -14.67 5.53 2.68
N VAL A 115 -15.14 6.76 2.54
CA VAL A 115 -15.01 7.86 3.53
C VAL A 115 -16.38 8.50 3.80
N ILE A 116 -16.59 8.88 5.06
CA ILE A 116 -17.78 9.63 5.55
C ILE A 116 -19.12 8.86 5.39
N ARG A 117 -20.01 9.05 6.37
CA ARG A 117 -21.31 8.34 6.52
C ARG A 117 -21.12 6.84 6.73
N ARG A 118 -22.11 6.21 7.35
CA ARG A 118 -22.14 4.79 7.78
C ARG A 118 -21.18 4.46 8.95
N ARG A 119 -19.92 4.88 8.78
CA ARG A 119 -18.85 4.77 9.79
C ARG A 119 -19.16 5.69 11.00
N ILE A 120 -19.13 5.05 12.17
CA ILE A 120 -19.46 5.65 13.49
C ILE A 120 -18.85 7.04 13.75
N THR A 121 -17.63 7.26 13.27
CA THR A 121 -16.99 8.60 13.28
C THR A 121 -16.49 8.90 11.85
N PRO A 122 -17.26 9.67 11.06
CA PRO A 122 -16.93 9.97 9.65
C PRO A 122 -15.74 10.94 9.48
N GLU A 123 -14.58 10.45 9.89
CA GLU A 123 -13.28 11.17 9.78
C GLU A 123 -12.21 10.45 8.94
N ILE A 124 -12.42 9.16 8.69
CA ILE A 124 -11.41 8.31 8.01
C ILE A 124 -11.95 7.70 6.72
N ALA A 125 -10.99 7.46 5.84
CA ALA A 125 -11.18 6.77 4.55
C ALA A 125 -10.58 5.37 4.65
N THR A 126 -11.46 4.40 4.49
CA THR A 126 -11.05 2.98 4.40
C THR A 126 -10.90 2.69 2.90
N ARG A 127 -9.67 2.36 2.55
CA ARG A 127 -9.29 2.06 1.16
C ARG A 127 -8.86 0.59 1.10
N LEU A 128 -9.73 -0.21 0.50
CA LEU A 128 -9.55 -1.67 0.40
C LEU A 128 -9.29 -2.05 -1.06
N GLU A 129 -8.24 -2.85 -1.18
CA GLU A 129 -7.68 -3.36 -2.44
C GLU A 129 -7.51 -4.88 -2.41
N TYR A 130 -7.80 -5.50 -3.55
CA TYR A 130 -7.38 -6.88 -3.82
C TYR A 130 -6.11 -6.86 -4.66
N GLN A 131 -5.06 -7.37 -4.01
CA GLN A 131 -3.69 -7.35 -4.55
C GLN A 131 -3.42 -8.70 -5.21
N TRP A 132 -3.36 -8.58 -6.54
CA TRP A 132 -3.28 -9.71 -7.48
C TRP A 132 -2.17 -9.51 -8.52
N THR A 133 -1.59 -10.65 -8.88
CA THR A 133 -0.53 -10.76 -9.91
C THR A 133 -0.83 -11.69 -11.08
N ASN A 134 -1.71 -12.68 -10.86
CA ASN A 134 -1.82 -13.84 -11.77
C ASN A 134 -3.20 -14.08 -12.39
N ASN A 135 -3.33 -13.58 -13.61
CA ASN A 135 -4.45 -13.76 -14.57
C ASN A 135 -5.46 -14.89 -14.28
N ALA A 136 -4.97 -16.12 -14.19
CA ALA A 136 -5.80 -17.29 -13.86
C ALA A 136 -5.41 -17.85 -12.48
N SER A 137 -5.97 -17.18 -11.46
CA SER A 137 -5.78 -17.50 -10.03
C SER A 137 -6.74 -16.67 -9.17
N ASP A 138 -6.96 -17.15 -7.95
CA ASP A 138 -7.82 -16.51 -6.92
C ASP A 138 -7.27 -15.12 -6.53
N ASN A 139 -8.21 -14.25 -6.14
CA ASN A 139 -8.05 -12.91 -5.53
C ASN A 139 -6.64 -12.41 -5.13
N GLY A 140 -5.93 -13.26 -4.39
CA GLY A 140 -4.54 -13.02 -3.96
C GLY A 140 -4.50 -12.54 -2.50
N MET A 141 -4.41 -11.22 -2.36
CA MET A 141 -4.41 -10.57 -1.04
C MET A 141 -5.55 -9.55 -0.86
N LEU A 142 -6.34 -9.81 0.18
CA LEU A 142 -7.37 -8.87 0.65
C LEU A 142 -6.70 -7.87 1.61
N SER A 143 -6.38 -6.72 1.02
CA SER A 143 -5.59 -5.68 1.68
C SER A 143 -6.41 -4.42 1.92
N LEU A 144 -6.38 -3.95 3.16
CA LEU A 144 -7.09 -2.72 3.56
C LEU A 144 -6.13 -1.74 4.25
N GLY A 145 -6.32 -0.47 3.89
CA GLY A 145 -5.64 0.69 4.50
C GLY A 145 -6.66 1.70 5.04
N VAL A 146 -6.48 2.16 6.29
CA VAL A 146 -7.34 3.25 6.82
C VAL A 146 -6.52 4.53 7.05
N SER A 147 -7.04 5.61 6.48
CA SER A 147 -6.37 6.92 6.45
C SER A 147 -7.26 8.10 6.87
N TYR A 148 -6.60 9.13 7.37
CA TYR A 148 -7.19 10.43 7.69
C TYR A 148 -6.73 11.48 6.67
N ARG A 149 -7.65 12.39 6.33
CA ARG A 149 -7.41 13.46 5.36
C ARG A 149 -6.45 14.54 5.89
N PHE A 150 -5.31 14.60 5.19
CA PHE A 150 -4.13 15.44 5.50
C PHE A 150 -3.56 15.23 6.92
N GLY A 151 -2.24 15.19 6.99
CA GLY A 151 -1.47 15.01 8.24
C GLY A 151 -1.54 16.22 9.19
N GLN A 152 -2.63 16.25 9.96
CA GLN A 152 -2.89 17.27 10.99
C GLN A 152 -1.79 17.35 12.09
N GLY A 153 -1.35 16.18 12.54
CA GLY A 153 -0.29 16.05 13.57
C GLY A 153 -0.19 14.61 14.08
N GLU A 154 0.27 14.48 15.32
CA GLU A 154 0.43 13.19 16.02
C GLU A 154 -0.31 13.20 17.37
N ALA A 155 -0.92 12.06 17.68
CA ALA A 155 -1.66 11.85 18.94
C ALA A 155 -0.72 11.73 20.16
N ALA A 156 -0.46 12.88 20.76
CA ALA A 156 0.37 13.01 21.99
C ALA A 156 -0.16 12.24 23.21
N MET A 1 -14.72 18.17 -7.84
CA MET A 1 -13.44 17.71 -7.27
C MET A 1 -12.36 17.25 -8.28
N PRO A 2 -11.39 18.14 -8.59
CA PRO A 2 -10.28 17.82 -9.50
C PRO A 2 -9.26 16.81 -8.94
N LYS A 3 -9.19 16.70 -7.60
CA LYS A 3 -8.23 15.85 -6.87
C LYS A 3 -6.76 16.05 -7.31
N ASP A 4 -6.41 17.33 -7.40
CA ASP A 4 -5.08 17.78 -7.89
C ASP A 4 -4.33 18.66 -6.87
N ASN A 5 -4.65 18.45 -5.60
CA ASN A 5 -4.17 19.26 -4.45
C ASN A 5 -4.78 18.75 -3.11
N THR A 6 -4.67 17.43 -2.94
CA THR A 6 -5.16 16.69 -1.76
C THR A 6 -4.04 15.83 -1.17
N TRP A 7 -4.14 15.59 0.13
CA TRP A 7 -3.14 14.78 0.87
C TRP A 7 -3.71 13.51 1.51
N TYR A 8 -2.91 12.45 1.39
CA TYR A 8 -3.27 11.09 1.84
C TYR A 8 -2.28 10.59 2.89
N THR A 9 -2.83 9.98 3.94
CA THR A 9 -2.06 9.27 4.99
C THR A 9 -2.95 8.34 5.82
N GLY A 10 -2.47 7.12 6.02
CA GLY A 10 -3.13 6.10 6.86
C GLY A 10 -2.31 4.80 6.96
N ALA A 11 -2.97 3.77 7.47
CA ALA A 11 -2.34 2.45 7.70
C ALA A 11 -3.18 1.31 7.11
N LYS A 12 -2.47 0.41 6.43
CA LYS A 12 -3.04 -0.80 5.81
C LYS A 12 -2.17 -2.03 6.12
N LEU A 13 -2.84 -3.17 6.29
CA LEU A 13 -2.19 -4.47 6.51
C LEU A 13 -2.44 -5.43 5.34
N GLY A 14 -1.44 -6.25 5.07
CA GLY A 14 -1.40 -7.17 3.91
C GLY A 14 -1.44 -8.63 4.36
N TRP A 15 -2.57 -9.28 4.08
CA TRP A 15 -2.82 -10.67 4.51
C TRP A 15 -3.04 -11.65 3.34
N SER A 16 -2.49 -12.85 3.48
CA SER A 16 -2.54 -13.89 2.43
C SER A 16 -3.73 -14.87 2.56
N GLN A 17 -4.75 -14.56 1.77
CA GLN A 17 -6.08 -15.21 1.68
C GLN A 17 -6.24 -16.61 2.33
N TYR A 18 -5.72 -17.62 1.64
CA TYR A 18 -5.61 -18.98 2.21
C TYR A 18 -4.18 -19.50 1.95
N SER A 19 -3.29 -18.97 2.79
CA SER A 19 -1.86 -19.33 2.79
C SER A 19 -1.18 -18.85 4.08
N ARG A 20 -0.30 -19.70 4.58
CA ARG A 20 0.55 -19.42 5.75
C ARG A 20 1.84 -18.76 5.24
N GLU A 21 1.70 -17.48 4.90
CA GLU A 21 2.78 -16.68 4.30
C GLU A 21 2.81 -15.22 4.78
N ASN A 22 1.84 -14.43 4.33
CA ASN A 22 1.78 -12.96 4.51
C ASN A 22 2.91 -12.15 3.84
N GLN A 23 4.14 -12.34 4.32
CA GLN A 23 5.35 -11.55 4.00
C GLN A 23 5.20 -10.09 4.46
N LEU A 24 4.21 -9.42 3.87
CA LEU A 24 3.72 -8.11 4.31
C LEU A 24 2.95 -8.29 5.63
N GLY A 25 3.16 -7.35 6.53
CA GLY A 25 2.46 -7.30 7.82
C GLY A 25 1.58 -6.05 7.87
N ALA A 26 2.14 -5.03 8.50
CA ALA A 26 1.52 -3.69 8.57
C ALA A 26 2.41 -2.66 7.88
N GLY A 27 1.77 -1.89 7.03
CA GLY A 27 2.40 -0.77 6.29
C GLY A 27 1.66 0.54 6.56
N ALA A 28 2.45 1.60 6.67
CA ALA A 28 1.94 2.98 6.78
C ALA A 28 2.09 3.65 5.42
N PHE A 29 0.96 4.10 4.90
CA PHE A 29 0.83 4.60 3.53
C PHE A 29 0.44 6.08 3.53
N GLY A 30 1.38 6.88 3.05
CA GLY A 30 1.29 8.34 3.01
C GLY A 30 1.85 8.93 1.71
N GLY A 31 1.23 10.02 1.28
CA GLY A 31 1.63 10.78 0.09
C GLY A 31 0.63 11.87 -0.30
N TYR A 32 0.76 12.31 -1.54
CA TYR A 32 -0.01 13.44 -2.06
C TYR A 32 -0.75 13.08 -3.36
N GLN A 33 -1.97 13.63 -3.49
CA GLN A 33 -2.72 13.58 -4.75
C GLN A 33 -2.79 15.02 -5.27
N VAL A 34 -1.68 15.35 -5.92
CA VAL A 34 -1.39 16.69 -6.48
C VAL A 34 -0.70 16.44 -7.84
N ASN A 35 -1.55 15.98 -8.76
CA ASN A 35 -1.24 15.62 -10.16
C ASN A 35 -2.61 15.25 -10.78
N PRO A 36 -2.88 15.54 -12.07
CA PRO A 36 -4.20 15.34 -12.70
C PRO A 36 -4.79 13.94 -12.49
N TYR A 37 -5.78 13.92 -11.59
CA TYR A 37 -6.55 12.73 -11.13
C TYR A 37 -5.80 11.73 -10.22
N VAL A 38 -4.49 11.71 -10.35
CA VAL A 38 -3.60 10.71 -9.71
C VAL A 38 -2.72 11.30 -8.59
N GLY A 39 -2.49 10.43 -7.63
CA GLY A 39 -1.65 10.70 -6.45
C GLY A 39 -0.44 9.76 -6.37
N PHE A 40 0.59 10.24 -5.70
CA PHE A 40 1.81 9.46 -5.41
C PHE A 40 1.97 9.30 -3.91
N GLU A 41 1.86 8.05 -3.50
CA GLU A 41 1.97 7.65 -2.08
C GLU A 41 2.93 6.47 -1.89
N MET A 42 3.61 6.49 -0.76
CA MET A 42 4.52 5.41 -0.36
C MET A 42 3.98 4.66 0.87
N GLY A 43 4.26 3.35 0.84
CA GLY A 43 4.00 2.43 1.95
C GLY A 43 5.32 2.07 2.63
N TYR A 44 5.31 2.25 3.95
CA TYR A 44 6.45 1.93 4.83
C TYR A 44 6.08 0.81 5.81
N ASP A 45 6.60 -0.37 5.51
CA ASP A 45 6.45 -1.56 6.36
C ASP A 45 7.77 -1.84 7.10
N TRP A 46 7.65 -1.86 8.43
CA TRP A 46 8.74 -2.20 9.34
C TRP A 46 8.55 -3.63 9.88
N LEU A 47 9.69 -4.31 10.03
CA LEU A 47 9.81 -5.72 10.47
C LEU A 47 8.83 -6.73 9.84
N GLY A 48 8.58 -6.55 8.54
CA GLY A 48 7.86 -7.54 7.70
C GLY A 48 8.69 -8.83 7.56
N ARG A 49 8.52 -9.67 8.57
CA ARG A 49 9.21 -10.97 8.79
C ARG A 49 10.71 -10.89 9.11
N MET A 50 11.46 -10.17 8.29
CA MET A 50 12.94 -10.04 8.37
C MET A 50 13.42 -9.29 9.64
N PRO A 51 14.01 -10.02 10.62
CA PRO A 51 14.54 -9.40 11.85
C PRO A 51 15.81 -8.58 11.61
N ARG A 52 16.82 -9.22 11.02
CA ARG A 52 18.09 -8.57 10.64
C ARG A 52 17.90 -7.86 9.29
N LYS A 53 17.39 -6.63 9.42
CA LYS A 53 17.09 -5.68 8.33
C LYS A 53 15.96 -6.10 7.37
N ALA A 54 14.88 -5.33 7.50
CA ALA A 54 13.67 -5.47 6.66
C ALA A 54 13.44 -4.23 5.77
N GLN A 55 12.92 -3.15 6.37
CA GLN A 55 12.51 -1.89 5.70
C GLN A 55 11.93 -2.06 4.28
N GLY A 56 10.62 -2.32 4.27
CA GLY A 56 9.84 -2.63 3.07
C GLY A 56 9.04 -1.40 2.65
N VAL A 57 9.61 -0.67 1.70
CA VAL A 57 9.01 0.57 1.16
C VAL A 57 8.52 0.37 -0.28
N GLN A 58 7.22 0.55 -0.44
CA GLN A 58 6.56 0.49 -1.76
C GLN A 58 6.07 1.87 -2.22
N LEU A 59 6.66 2.30 -3.33
CA LEU A 59 6.35 3.59 -3.96
C LEU A 59 5.30 3.36 -5.06
N THR A 60 4.14 3.94 -4.80
CA THR A 60 2.92 3.69 -5.60
C THR A 60 2.24 4.97 -6.11
N ALA A 61 1.64 4.81 -7.28
CA ALA A 61 0.76 5.80 -7.92
C ALA A 61 -0.69 5.29 -7.81
N LYS A 62 -1.52 6.19 -7.32
CA LYS A 62 -2.92 5.90 -6.96
C LYS A 62 -3.90 6.78 -7.76
N LEU A 63 -4.97 6.10 -8.18
CA LEU A 63 -6.08 6.66 -8.96
C LEU A 63 -7.36 6.56 -8.13
N GLY A 64 -8.08 7.68 -8.08
CA GLY A 64 -9.31 7.82 -7.28
C GLY A 64 -10.53 8.03 -8.19
N TYR A 65 -11.58 7.25 -7.91
CA TYR A 65 -12.79 7.21 -8.74
C TYR A 65 -14.06 7.58 -7.94
N PRO A 66 -14.49 8.85 -8.04
CA PRO A 66 -15.79 9.30 -7.48
C PRO A 66 -16.96 8.72 -8.29
N LYS A 67 -17.31 7.50 -7.89
CA LYS A 67 -18.39 6.70 -8.48
C LYS A 67 -19.44 6.37 -7.41
N LEU A 68 -20.67 6.17 -7.88
CA LEU A 68 -21.84 5.88 -7.01
C LEU A 68 -21.75 4.50 -6.33
N GLY A 69 -21.03 4.49 -5.21
CA GLY A 69 -20.87 3.30 -4.36
C GLY A 69 -21.73 3.35 -3.11
N THR A 70 -22.22 2.16 -2.80
CA THR A 70 -23.25 1.82 -1.78
C THR A 70 -22.94 2.42 -0.41
N ASP A 71 -23.59 3.57 -0.16
CA ASP A 71 -23.40 4.44 1.00
C ASP A 71 -21.92 4.84 1.22
N ASP A 72 -21.44 5.68 0.31
CA ASP A 72 -20.18 6.46 0.43
C ASP A 72 -18.91 5.65 0.12
N LEU A 73 -19.02 4.84 -0.93
CA LEU A 73 -17.92 3.99 -1.42
C LEU A 73 -17.32 4.56 -2.72
N ASP A 74 -16.06 4.95 -2.62
CA ASP A 74 -15.26 5.49 -3.73
C ASP A 74 -14.27 4.41 -4.19
N ILE A 75 -14.17 4.26 -5.51
CA ILE A 75 -13.34 3.20 -6.12
C ILE A 75 -11.88 3.71 -6.18
N TYR A 76 -10.95 2.83 -5.84
CA TYR A 76 -9.51 3.14 -5.88
C TYR A 76 -8.65 2.06 -6.55
N THR A 77 -7.76 2.58 -7.39
CA THR A 77 -6.76 1.80 -8.14
C THR A 77 -5.36 2.26 -7.69
N ARG A 78 -4.56 1.31 -7.23
CA ARG A 78 -3.17 1.56 -6.79
C ARG A 78 -2.20 0.66 -7.57
N LEU A 79 -1.09 1.26 -8.01
CA LEU A 79 -0.02 0.55 -8.72
C LEU A 79 1.37 1.17 -8.50
N GLY A 80 2.36 0.31 -8.34
CA GLY A 80 3.78 0.72 -8.15
C GLY A 80 4.74 -0.45 -7.95
N GLY A 81 5.81 -0.16 -7.22
CA GLY A 81 6.91 -1.11 -6.96
C GLY A 81 7.38 -1.09 -5.50
N MET A 82 7.89 -2.24 -5.07
CA MET A 82 8.40 -2.43 -3.69
C MET A 82 9.91 -2.69 -3.62
N VAL A 83 10.53 -2.00 -2.66
CA VAL A 83 11.98 -2.07 -2.36
C VAL A 83 12.13 -2.39 -0.86
N TRP A 84 12.77 -3.52 -0.58
CA TRP A 84 13.11 -3.94 0.79
C TRP A 84 14.59 -4.33 0.90
N ARG A 85 15.15 -4.16 2.09
CA ARG A 85 16.59 -4.45 2.29
C ARG A 85 16.82 -5.80 2.97
N ALA A 86 16.75 -6.83 2.13
CA ALA A 86 17.05 -8.23 2.50
C ALA A 86 18.56 -8.45 2.59
N ASP A 87 19.06 -8.36 3.82
CA ASP A 87 20.50 -8.54 4.11
C ASP A 87 20.98 -9.97 3.83
N THR A 88 22.21 -10.08 3.34
CA THR A 88 22.87 -11.33 2.91
C THR A 88 22.93 -12.39 4.02
N SER A 89 22.02 -13.36 3.90
CA SER A 89 21.94 -14.55 4.78
C SER A 89 23.20 -15.42 4.73
N ASP A 90 23.47 -16.01 5.89
CA ASP A 90 24.42 -17.14 6.03
C ASP A 90 23.87 -18.37 5.29
N LYS A 91 24.81 -19.20 4.82
CA LYS A 91 24.58 -20.46 4.06
C LYS A 91 23.96 -20.21 2.66
N ASP A 92 24.38 -21.08 1.74
CA ASP A 92 24.03 -21.02 0.30
C ASP A 92 24.51 -22.27 -0.46
N GLY A 93 25.73 -22.71 -0.14
CA GLY A 93 26.36 -23.91 -0.74
C GLY A 93 27.69 -23.52 -1.39
N ASN A 94 27.58 -23.10 -2.65
CA ASN A 94 28.73 -22.63 -3.45
C ASN A 94 28.79 -21.10 -3.49
N GLY A 95 30.02 -20.59 -3.59
CA GLY A 95 30.33 -19.14 -3.52
C GLY A 95 29.76 -18.29 -4.67
N TYR A 96 28.49 -17.95 -4.54
CA TYR A 96 27.79 -17.05 -5.47
C TYR A 96 27.33 -15.74 -4.79
N ILE A 97 28.22 -14.76 -4.94
CA ILE A 97 28.01 -13.38 -4.44
C ILE A 97 28.10 -12.35 -5.57
N SER A 98 27.25 -11.34 -5.48
CA SER A 98 27.11 -10.24 -6.47
C SER A 98 26.20 -9.14 -5.89
N ALA A 99 24.94 -9.08 -6.35
CA ALA A 99 23.89 -8.11 -5.93
C ALA A 99 24.23 -6.64 -6.26
N ALA A 100 23.16 -5.86 -6.45
CA ALA A 100 23.23 -4.42 -6.80
C ALA A 100 22.00 -3.64 -6.33
N GLU A 101 20.84 -3.95 -6.91
CA GLU A 101 19.55 -3.31 -6.59
C GLU A 101 18.55 -4.37 -6.11
N ALA A 102 17.74 -4.00 -5.13
CA ALA A 102 16.62 -4.83 -4.64
C ALA A 102 15.56 -5.02 -5.73
N SER A 103 14.92 -6.19 -5.72
CA SER A 103 13.96 -6.57 -6.77
C SER A 103 12.66 -5.76 -6.68
N VAL A 104 12.53 -4.82 -7.61
CA VAL A 104 11.33 -3.96 -7.70
C VAL A 104 10.22 -4.70 -8.48
N SER A 105 9.55 -5.58 -7.75
CA SER A 105 8.39 -6.34 -8.25
C SER A 105 7.20 -5.43 -8.58
N PRO A 106 6.59 -5.59 -9.76
CA PRO A 106 5.39 -4.84 -10.17
C PRO A 106 4.19 -5.23 -9.29
N VAL A 107 3.75 -4.25 -8.50
CA VAL A 107 2.70 -4.41 -7.48
C VAL A 107 1.49 -3.55 -7.85
N PHE A 108 0.38 -4.26 -8.02
CA PHE A 108 -0.94 -3.66 -8.31
C PHE A 108 -1.92 -4.01 -7.18
N ALA A 109 -2.81 -3.06 -6.90
CA ALA A 109 -3.93 -3.23 -5.97
C ALA A 109 -5.18 -2.51 -6.49
N GLY A 110 -6.28 -3.24 -6.49
CA GLY A 110 -7.61 -2.72 -6.87
C GLY A 110 -8.60 -2.93 -5.72
N GLY A 111 -9.31 -1.86 -5.36
CA GLY A 111 -10.31 -1.91 -4.28
C GLY A 111 -11.16 -0.65 -4.11
N VAL A 112 -11.73 -0.56 -2.92
CA VAL A 112 -12.72 0.49 -2.57
C VAL A 112 -12.37 1.11 -1.21
N GLU A 113 -12.62 2.40 -1.12
CA GLU A 113 -12.50 3.19 0.11
C GLU A 113 -13.86 3.83 0.45
N TYR A 114 -14.27 3.63 1.70
CA TYR A 114 -15.51 4.20 2.26
C TYR A 114 -15.17 5.43 3.11
N VAL A 115 -15.92 6.49 2.82
CA VAL A 115 -15.82 7.77 3.56
C VAL A 115 -16.93 7.86 4.62
N ILE A 116 -16.46 7.83 5.86
CA ILE A 116 -17.29 7.80 7.09
C ILE A 116 -18.34 8.94 7.15
N ARG A 117 -19.56 8.56 6.81
CA ARG A 117 -20.74 9.45 6.86
C ARG A 117 -21.70 9.10 8.01
N ARG A 118 -21.79 7.81 8.32
CA ARG A 118 -22.75 7.23 9.31
C ARG A 118 -22.73 7.84 10.73
N ARG A 119 -21.63 8.50 11.10
CA ARG A 119 -21.49 9.15 12.42
C ARG A 119 -21.08 10.62 12.19
N ILE A 120 -21.59 11.49 13.06
CA ILE A 120 -21.35 12.95 13.05
C ILE A 120 -19.83 13.23 13.17
N THR A 121 -19.40 14.18 12.35
CA THR A 121 -17.98 14.61 12.20
C THR A 121 -17.11 13.49 11.61
N PRO A 122 -16.96 13.46 10.27
CA PRO A 122 -16.08 12.49 9.59
C PRO A 122 -14.61 12.72 9.95
N GLU A 123 -13.94 11.60 10.24
CA GLU A 123 -12.51 11.61 10.62
C GLU A 123 -11.65 10.78 9.64
N ILE A 124 -11.62 9.46 9.81
CA ILE A 124 -10.78 8.55 9.00
C ILE A 124 -11.71 7.61 8.21
N ALA A 125 -11.26 7.23 7.02
CA ALA A 125 -12.02 6.44 6.05
C ALA A 125 -11.48 4.99 5.98
N THR A 126 -12.37 4.07 5.64
CA THR A 126 -12.09 2.62 5.66
C THR A 126 -11.78 2.13 4.24
N ARG A 127 -10.59 1.54 4.09
CA ARG A 127 -10.08 1.10 2.77
C ARG A 127 -9.79 -0.40 2.73
N LEU A 128 -10.37 -1.04 1.71
CA LEU A 128 -10.17 -2.47 1.39
C LEU A 128 -9.78 -2.65 -0.08
N GLU A 129 -8.59 -3.22 -0.28
CA GLU A 129 -7.99 -3.45 -1.62
C GLU A 129 -7.41 -4.86 -1.79
N TYR A 130 -7.53 -5.35 -3.01
CA TYR A 130 -6.97 -6.65 -3.42
C TYR A 130 -5.68 -6.43 -4.21
N GLN A 131 -4.62 -7.03 -3.67
CA GLN A 131 -3.24 -6.79 -4.10
C GLN A 131 -2.65 -8.02 -4.81
N TRP A 132 -2.24 -7.75 -6.04
CA TRP A 132 -1.62 -8.71 -6.96
C TRP A 132 -0.25 -8.19 -7.43
N THR A 133 0.66 -9.14 -7.63
CA THR A 133 1.98 -8.87 -8.26
C THR A 133 2.17 -9.82 -9.45
N ASN A 134 2.71 -9.28 -10.54
CA ASN A 134 2.94 -10.07 -11.77
C ASN A 134 4.19 -10.98 -11.59
N ASN A 135 3.96 -12.02 -10.79
CA ASN A 135 4.97 -13.03 -10.43
C ASN A 135 4.39 -14.44 -10.60
N ALA A 136 5.30 -15.39 -10.83
CA ALA A 136 4.97 -16.81 -11.04
C ALA A 136 4.57 -17.50 -9.72
N SER A 137 3.28 -17.34 -9.43
CA SER A 137 2.63 -17.68 -8.15
C SER A 137 1.11 -17.50 -8.27
N ASP A 138 0.38 -18.10 -7.33
CA ASP A 138 -1.03 -17.78 -7.08
C ASP A 138 -1.20 -16.32 -6.60
N ASN A 139 -0.16 -15.77 -5.97
CA ASN A 139 -0.08 -14.41 -5.38
C ASN A 139 -1.18 -14.16 -4.32
N GLY A 140 -2.31 -13.58 -4.73
CA GLY A 140 -3.50 -13.33 -3.89
C GLY A 140 -3.26 -12.73 -2.50
N MET A 141 -3.17 -11.40 -2.46
CA MET A 141 -3.00 -10.65 -1.19
C MET A 141 -4.20 -9.72 -0.97
N LEU A 142 -4.62 -9.69 0.29
CA LEU A 142 -5.73 -8.85 0.77
C LEU A 142 -5.19 -7.76 1.71
N SER A 143 -5.21 -6.54 1.19
CA SER A 143 -4.69 -5.37 1.94
C SER A 143 -5.87 -4.50 2.37
N LEU A 144 -5.93 -4.26 3.67
CA LEU A 144 -7.04 -3.51 4.30
C LEU A 144 -6.58 -2.71 5.51
N GLY A 145 -7.22 -1.56 5.68
CA GLY A 145 -6.92 -0.63 6.77
C GLY A 145 -7.77 0.64 6.72
N VAL A 146 -7.28 1.63 7.45
CA VAL A 146 -7.92 2.97 7.57
C VAL A 146 -6.97 4.08 7.13
N SER A 147 -7.51 4.93 6.27
CA SER A 147 -6.79 6.06 5.65
C SER A 147 -7.56 7.39 5.76
N TYR A 148 -6.77 8.45 5.89
CA TYR A 148 -7.27 9.84 5.95
C TYR A 148 -6.73 10.61 4.73
N ARG A 149 -7.68 11.08 3.94
CA ARG A 149 -7.40 11.95 2.78
C ARG A 149 -8.06 13.31 3.00
N PHE A 150 -7.21 14.33 3.03
CA PHE A 150 -7.59 15.72 3.34
C PHE A 150 -6.60 16.70 2.66
N GLY A 151 -5.96 17.58 3.43
CA GLY A 151 -5.03 18.61 2.94
C GLY A 151 -5.21 19.94 3.70
N GLN A 152 -4.14 20.73 3.68
CA GLN A 152 -4.06 22.08 4.32
C GLN A 152 -4.44 22.16 5.82
N GLY A 153 -4.12 21.09 6.55
CA GLY A 153 -4.48 20.94 7.97
C GLY A 153 -3.24 21.03 8.88
N GLU A 154 -3.42 21.77 9.97
CA GLU A 154 -2.37 21.97 10.99
C GLU A 154 -2.49 21.01 12.19
N ALA A 155 -3.66 21.03 12.85
CA ALA A 155 -3.93 20.31 14.13
C ALA A 155 -3.02 20.74 15.29
N ALA A 156 -3.45 20.37 16.50
CA ALA A 156 -2.71 20.67 17.75
C ALA A 156 -2.27 19.42 18.53
N MET A 1 -14.98 15.50 -6.41
CA MET A 1 -14.48 16.41 -5.36
C MET A 1 -13.07 16.99 -5.61
N PRO A 2 -12.84 18.28 -5.28
CA PRO A 2 -11.51 18.91 -5.38
C PRO A 2 -10.52 18.32 -4.36
N LYS A 3 -9.38 17.91 -4.89
CA LYS A 3 -8.30 17.25 -4.12
C LYS A 3 -7.04 18.13 -3.91
N ASP A 4 -6.28 18.33 -4.99
CA ASP A 4 -5.16 19.30 -5.08
C ASP A 4 -4.22 19.34 -3.85
N ASN A 5 -3.28 18.40 -3.86
CA ASN A 5 -2.29 18.13 -2.80
C ASN A 5 -2.94 17.81 -1.44
N THR A 6 -3.48 16.60 -1.42
CA THR A 6 -4.06 15.99 -0.21
C THR A 6 -3.35 14.67 0.15
N TRP A 7 -3.34 14.37 1.44
CA TRP A 7 -2.76 13.14 1.98
C TRP A 7 -3.83 12.15 2.43
N TYR A 8 -3.64 10.91 1.99
CA TYR A 8 -4.38 9.73 2.45
C TYR A 8 -3.40 8.74 3.09
N THR A 9 -3.42 8.78 4.41
CA THR A 9 -2.52 7.97 5.25
C THR A 9 -3.34 6.86 5.88
N GLY A 10 -2.97 5.64 5.55
CA GLY A 10 -3.74 4.42 5.90
C GLY A 10 -2.90 3.31 6.54
N ALA A 11 -3.59 2.51 7.34
CA ALA A 11 -3.05 1.26 7.90
C ALA A 11 -3.98 0.11 7.47
N LYS A 12 -3.38 -0.88 6.82
CA LYS A 12 -4.12 -2.03 6.25
C LYS A 12 -3.33 -3.34 6.34
N LEU A 13 -4.07 -4.46 6.34
CA LEU A 13 -3.46 -5.80 6.34
C LEU A 13 -3.76 -6.53 5.02
N GLY A 14 -2.73 -7.24 4.56
CA GLY A 14 -2.67 -7.87 3.23
C GLY A 14 -2.79 -9.39 3.35
N TRP A 15 -4.01 -9.86 3.13
CA TRP A 15 -4.35 -11.29 3.24
C TRP A 15 -4.68 -11.91 1.88
N SER A 16 -4.37 -13.21 1.83
CA SER A 16 -4.43 -14.03 0.62
C SER A 16 -5.37 -15.24 0.83
N GLN A 17 -5.83 -15.80 -0.29
CA GLN A 17 -6.46 -17.14 -0.33
C GLN A 17 -5.58 -18.16 0.44
N TYR A 18 -6.22 -19.20 0.97
CA TYR A 18 -5.53 -20.30 1.68
C TYR A 18 -4.53 -21.02 0.77
N SER A 19 -3.32 -20.49 0.82
CA SER A 19 -2.12 -20.93 0.07
C SER A 19 -0.90 -20.22 0.67
N ARG A 20 0.19 -20.99 0.76
CA ARG A 20 1.48 -20.59 1.37
C ARG A 20 1.33 -20.08 2.83
N GLU A 21 2.48 -19.90 3.49
CA GLU A 21 2.57 -19.38 4.87
C GLU A 21 2.21 -17.88 5.00
N ASN A 22 0.90 -17.61 4.93
CA ASN A 22 0.34 -16.26 5.16
C ASN A 22 -0.83 -16.28 6.15
N GLN A 23 -0.92 -15.17 6.89
CA GLN A 23 -1.90 -14.95 7.97
C GLN A 23 -1.81 -13.49 8.49
N LEU A 24 -0.77 -13.20 9.26
CA LEU A 24 -0.60 -11.88 9.92
C LEU A 24 0.47 -11.04 9.20
N GLY A 25 -0.03 -10.28 8.22
CA GLY A 25 0.79 -9.34 7.43
C GLY A 25 0.09 -7.98 7.27
N ALA A 26 0.67 -6.95 7.90
CA ALA A 26 0.14 -5.58 7.84
C ALA A 26 1.16 -4.59 7.23
N GLY A 27 0.61 -3.65 6.46
CA GLY A 27 1.36 -2.61 5.72
C GLY A 27 0.78 -1.21 5.94
N ALA A 28 1.67 -0.24 5.80
CA ALA A 28 1.34 1.20 5.91
C ALA A 28 1.25 1.85 4.53
N PHE A 29 0.20 2.66 4.37
CA PHE A 29 -0.18 3.34 3.12
C PHE A 29 0.02 4.86 3.25
N GLY A 30 0.90 5.37 2.39
CA GLY A 30 1.17 6.81 2.25
C GLY A 30 0.90 7.28 0.82
N GLY A 31 -0.33 7.69 0.57
CA GLY A 31 -0.80 8.14 -0.76
C GLY A 31 -1.14 9.62 -0.78
N TYR A 32 -0.39 10.36 -1.60
CA TYR A 32 -0.57 11.82 -1.75
C TYR A 32 -1.04 12.19 -3.16
N GLN A 33 -2.17 12.88 -3.19
CA GLN A 33 -2.84 13.24 -4.45
C GLN A 33 -2.73 14.74 -4.71
N VAL A 34 -1.56 15.08 -5.25
CA VAL A 34 -1.22 16.44 -5.71
C VAL A 34 -1.99 16.83 -6.99
N ASN A 35 -1.59 16.25 -8.11
CA ASN A 35 -2.12 16.53 -9.46
C ASN A 35 -3.56 15.99 -9.63
N PRO A 36 -4.51 16.83 -10.08
CA PRO A 36 -5.85 16.39 -10.48
C PRO A 36 -5.82 15.63 -11.83
N TYR A 37 -5.23 14.44 -11.74
CA TYR A 37 -5.01 13.47 -12.84
C TYR A 37 -4.39 12.20 -12.22
N VAL A 38 -3.18 12.36 -11.70
CA VAL A 38 -2.45 11.28 -11.00
C VAL A 38 -1.90 11.73 -9.63
N GLY A 39 -2.00 10.81 -8.68
CA GLY A 39 -1.43 10.94 -7.32
C GLY A 39 -0.34 9.87 -7.11
N PHE A 40 0.53 10.11 -6.15
CA PHE A 40 1.67 9.21 -5.89
C PHE A 40 1.52 8.51 -4.54
N GLU A 41 1.80 7.22 -4.55
CA GLU A 41 1.58 6.34 -3.38
C GLU A 41 2.85 5.56 -3.04
N MET A 42 3.15 5.55 -1.75
CA MET A 42 4.23 4.72 -1.17
C MET A 42 3.69 3.82 -0.05
N GLY A 43 4.03 2.54 -0.20
CA GLY A 43 3.65 1.46 0.73
C GLY A 43 4.88 1.03 1.54
N TYR A 44 4.66 0.90 2.84
CA TYR A 44 5.73 0.65 3.82
C TYR A 44 5.50 -0.67 4.58
N ASP A 45 6.42 -1.60 4.34
CA ASP A 45 6.45 -2.91 5.00
C ASP A 45 7.84 -3.17 5.60
N TRP A 46 7.87 -3.83 6.75
CA TRP A 46 9.12 -4.09 7.48
C TRP A 46 9.37 -5.58 7.71
N LEU A 47 10.65 -5.97 7.61
CA LEU A 47 11.05 -7.38 7.76
C LEU A 47 11.35 -7.68 9.24
N GLY A 48 10.26 -7.84 9.97
CA GLY A 48 10.26 -8.05 11.44
C GLY A 48 10.65 -6.75 12.17
N ARG A 49 11.39 -6.92 13.26
CA ARG A 49 11.89 -5.80 14.10
C ARG A 49 12.99 -5.01 13.36
N MET A 50 14.25 -5.41 13.54
CA MET A 50 15.40 -4.91 12.78
C MET A 50 16.37 -6.08 12.52
N PRO A 51 16.30 -6.69 11.32
CA PRO A 51 17.21 -7.79 10.95
C PRO A 51 18.66 -7.31 10.73
N ARG A 52 18.78 -6.19 10.02
CA ARG A 52 20.01 -5.40 9.76
C ARG A 52 19.56 -4.20 8.89
N LYS A 53 19.77 -4.28 7.57
CA LYS A 53 19.29 -3.28 6.61
C LYS A 53 18.44 -3.99 5.55
N ALA A 54 17.20 -4.24 5.96
CA ALA A 54 16.20 -5.01 5.19
C ALA A 54 14.76 -4.52 5.45
N GLN A 55 14.30 -3.71 4.51
CA GLN A 55 12.95 -3.13 4.47
C GLN A 55 12.25 -3.39 3.13
N GLY A 56 10.93 -3.36 3.14
CA GLY A 56 10.09 -3.61 1.95
C GLY A 56 9.27 -2.38 1.59
N VAL A 57 9.75 -1.65 0.60
CA VAL A 57 9.11 -0.39 0.17
C VAL A 57 8.46 -0.51 -1.23
N GLN A 58 7.22 -0.03 -1.27
CA GLN A 58 6.36 -0.13 -2.46
C GLN A 58 6.19 1.28 -3.06
N LEU A 59 6.54 1.38 -4.33
CA LEU A 59 6.41 2.63 -5.10
C LEU A 59 5.35 2.46 -6.19
N THR A 60 4.25 3.17 -5.97
CA THR A 60 3.02 3.08 -6.80
C THR A 60 2.43 4.46 -7.13
N ALA A 61 1.68 4.47 -8.22
CA ALA A 61 0.88 5.64 -8.63
C ALA A 61 -0.63 5.32 -8.61
N LYS A 62 -1.40 6.31 -8.18
CA LYS A 62 -2.87 6.24 -8.08
C LYS A 62 -3.54 7.14 -9.12
N LEU A 63 -4.42 6.50 -9.87
CA LEU A 63 -5.33 7.19 -10.83
C LEU A 63 -6.79 6.79 -10.56
N GLY A 64 -7.70 7.73 -10.80
CA GLY A 64 -9.15 7.55 -10.57
C GLY A 64 -9.78 8.73 -9.82
N TYR A 65 -10.89 8.46 -9.14
CA TYR A 65 -11.76 9.53 -8.58
C TYR A 65 -12.81 9.03 -7.56
N PRO A 66 -13.33 9.92 -6.70
CA PRO A 66 -14.51 9.64 -5.87
C PRO A 66 -15.79 9.50 -6.70
N LYS A 67 -16.54 8.45 -6.38
CA LYS A 67 -17.79 8.09 -7.07
C LYS A 67 -18.92 7.86 -6.07
N LEU A 68 -19.99 8.62 -6.26
CA LEU A 68 -21.25 8.46 -5.49
C LEU A 68 -21.96 7.17 -5.88
N GLY A 69 -22.24 6.36 -4.86
CA GLY A 69 -22.88 5.04 -5.03
C GLY A 69 -24.08 4.84 -4.10
N THR A 70 -23.76 4.38 -2.90
CA THR A 70 -24.75 4.03 -1.85
C THR A 70 -24.44 4.77 -0.54
N ASP A 71 -23.14 4.84 -0.24
CA ASP A 71 -22.57 5.99 0.48
C ASP A 71 -21.56 6.68 -0.45
N ASP A 72 -20.50 7.23 0.13
CA ASP A 72 -19.46 7.99 -0.59
C ASP A 72 -18.19 7.14 -0.67
N LEU A 73 -17.98 6.57 -1.84
CA LEU A 73 -16.76 5.79 -2.13
C LEU A 73 -15.81 6.45 -3.14
N ASP A 74 -14.53 6.27 -2.89
CA ASP A 74 -13.43 6.74 -3.76
C ASP A 74 -12.74 5.53 -4.39
N ILE A 75 -12.71 5.51 -5.72
CA ILE A 75 -12.18 4.37 -6.49
C ILE A 75 -10.88 4.80 -7.18
N TYR A 76 -9.81 4.19 -6.71
CA TYR A 76 -8.45 4.39 -7.27
C TYR A 76 -7.83 3.08 -7.76
N THR A 77 -7.13 3.24 -8.87
CA THR A 77 -6.33 2.16 -9.49
C THR A 77 -4.87 2.56 -9.24
N ARG A 78 -4.19 1.63 -8.57
CA ARG A 78 -2.81 1.82 -8.10
C ARG A 78 -1.91 0.82 -8.84
N LEU A 79 -0.89 1.35 -9.50
CA LEU A 79 0.09 0.55 -10.25
C LEU A 79 1.52 0.98 -9.91
N GLY A 80 2.38 -0.02 -9.76
CA GLY A 80 3.83 0.18 -9.52
C GLY A 80 4.59 -1.12 -9.24
N GLY A 81 5.59 -0.98 -8.37
CA GLY A 81 6.49 -2.08 -7.98
C GLY A 81 6.84 -2.04 -6.48
N MET A 82 7.12 -3.22 -5.94
CA MET A 82 7.60 -3.36 -4.54
C MET A 82 9.05 -3.85 -4.50
N VAL A 83 9.89 -3.00 -3.92
CA VAL A 83 11.35 -3.22 -3.84
C VAL A 83 11.72 -3.41 -2.35
N TRP A 84 12.38 -4.53 -2.10
CA TRP A 84 12.89 -4.85 -0.75
C TRP A 84 14.43 -4.94 -0.76
N ARG A 85 15.00 -4.56 0.38
CA ARG A 85 16.46 -4.53 0.57
C ARG A 85 16.92 -5.78 1.34
N ALA A 86 17.98 -6.39 0.82
CA ALA A 86 18.65 -7.56 1.43
C ALA A 86 20.14 -7.33 1.60
N ASP A 87 20.65 -7.71 2.78
CA ASP A 87 22.07 -7.56 3.16
C ASP A 87 22.96 -8.59 2.44
N THR A 88 23.52 -8.13 1.32
CA THR A 88 24.33 -8.94 0.36
C THR A 88 23.54 -10.18 -0.10
N SER A 89 22.28 -9.92 -0.46
CA SER A 89 21.23 -10.90 -0.81
C SER A 89 20.89 -11.83 0.36
N ASP A 90 21.26 -13.12 0.28
CA ASP A 90 21.03 -14.11 1.34
C ASP A 90 22.33 -14.89 1.61
N LYS A 91 22.97 -14.57 2.73
CA LYS A 91 24.21 -15.23 3.19
C LYS A 91 23.96 -16.71 3.52
N ASP A 92 24.31 -17.55 2.56
CA ASP A 92 24.23 -19.02 2.70
C ASP A 92 25.64 -19.62 2.81
N GLY A 93 26.12 -19.63 4.06
CA GLY A 93 27.45 -20.13 4.44
C GLY A 93 28.60 -19.30 3.85
N ASN A 94 29.72 -19.99 3.61
CA ASN A 94 30.97 -19.40 3.10
C ASN A 94 30.89 -18.98 1.62
N GLY A 95 30.21 -17.86 1.40
CA GLY A 95 30.13 -17.21 0.08
C GLY A 95 29.22 -15.98 0.07
N TYR A 96 29.71 -14.95 -0.62
CA TYR A 96 28.98 -13.67 -0.80
C TYR A 96 28.81 -13.29 -2.28
N ILE A 97 28.32 -14.27 -3.05
CA ILE A 97 28.12 -14.14 -4.50
C ILE A 97 26.66 -14.44 -4.91
N SER A 98 26.14 -13.55 -5.76
CA SER A 98 24.78 -13.64 -6.35
C SER A 98 24.61 -12.56 -7.41
N ALA A 99 23.82 -12.88 -8.43
CA ALA A 99 23.54 -11.97 -9.55
C ALA A 99 22.05 -11.63 -9.64
N ALA A 100 21.68 -10.63 -8.84
CA ALA A 100 20.31 -10.09 -8.77
C ALA A 100 20.31 -8.58 -8.48
N GLU A 101 19.41 -7.87 -9.14
CA GLU A 101 19.27 -6.41 -8.97
C GLU A 101 17.87 -6.08 -8.40
N ALA A 102 17.84 -6.07 -7.06
CA ALA A 102 16.64 -5.75 -6.24
C ALA A 102 15.42 -6.64 -6.63
N SER A 103 14.21 -6.08 -6.62
CA SER A 103 12.98 -6.77 -7.07
C SER A 103 11.98 -5.73 -7.59
N VAL A 104 11.87 -5.70 -8.92
CA VAL A 104 10.98 -4.75 -9.62
C VAL A 104 9.99 -5.54 -10.51
N SER A 105 8.79 -5.70 -9.97
CA SER A 105 7.66 -6.35 -10.67
C SER A 105 6.48 -5.39 -10.88
N PRO A 106 5.87 -5.39 -12.08
CA PRO A 106 4.65 -4.62 -12.36
C PRO A 106 3.43 -5.21 -11.64
N VAL A 107 3.15 -4.63 -10.49
CA VAL A 107 2.06 -5.07 -9.59
C VAL A 107 0.99 -3.99 -9.42
N PHE A 108 -0.25 -4.46 -9.33
CA PHE A 108 -1.44 -3.61 -9.41
C PHE A 108 -2.40 -3.87 -8.25
N ALA A 109 -2.92 -2.75 -7.73
CA ALA A 109 -3.87 -2.68 -6.60
C ALA A 109 -5.15 -1.93 -6.96
N GLY A 110 -6.29 -2.49 -6.57
CA GLY A 110 -7.62 -1.85 -6.74
C GLY A 110 -8.07 -1.32 -5.38
N GLY A 111 -7.87 -0.03 -5.18
CA GLY A 111 -7.99 0.64 -3.88
C GLY A 111 -9.24 1.52 -3.80
N VAL A 112 -10.13 1.10 -2.92
CA VAL A 112 -11.42 1.79 -2.66
C VAL A 112 -11.44 2.28 -1.21
N GLU A 113 -11.82 3.55 -1.10
CA GLU A 113 -11.98 4.29 0.17
C GLU A 113 -13.47 4.56 0.39
N TYR A 114 -14.04 3.88 1.39
CA TYR A 114 -15.50 3.95 1.65
C TYR A 114 -15.81 4.76 2.92
N VAL A 115 -16.67 5.74 2.74
CA VAL A 115 -17.12 6.68 3.80
C VAL A 115 -18.62 6.45 4.08
N ILE A 116 -18.94 6.36 5.37
CA ILE A 116 -20.30 6.14 5.89
C ILE A 116 -20.71 7.34 6.76
N ARG A 117 -21.99 7.70 6.66
CA ARG A 117 -22.60 8.82 7.42
C ARG A 117 -22.75 8.55 8.92
N ARG A 118 -21.77 9.05 9.67
CA ARG A 118 -21.77 9.04 11.14
C ARG A 118 -21.53 10.43 11.73
N ARG A 119 -22.12 10.66 12.92
CA ARG A 119 -21.93 11.90 13.70
C ARG A 119 -20.47 12.23 14.04
N ILE A 120 -19.71 11.20 14.43
CA ILE A 120 -18.30 11.35 14.84
C ILE A 120 -17.44 10.47 13.92
N THR A 121 -17.02 11.08 12.81
CA THR A 121 -16.07 10.47 11.86
C THR A 121 -14.79 11.33 11.80
N PRO A 122 -13.79 11.05 12.65
CA PRO A 122 -12.50 11.79 12.65
C PRO A 122 -11.61 11.41 11.45
N GLU A 123 -11.92 12.06 10.33
CA GLU A 123 -11.21 11.98 9.03
C GLU A 123 -10.85 10.56 8.52
N ILE A 124 -11.71 9.60 8.87
CA ILE A 124 -11.42 8.17 8.66
C ILE A 124 -12.41 7.51 7.66
N ALA A 125 -11.79 6.82 6.70
CA ALA A 125 -12.47 6.03 5.67
C ALA A 125 -12.01 4.56 5.72
N THR A 126 -12.89 3.68 5.26
CA THR A 126 -12.62 2.23 5.18
C THR A 126 -11.79 1.98 3.91
N ARG A 127 -10.62 1.38 4.13
CA ARG A 127 -9.67 1.07 3.05
C ARG A 127 -9.85 -0.41 2.67
N LEU A 128 -10.42 -0.59 1.48
CA LEU A 128 -10.66 -1.91 0.90
C LEU A 128 -9.95 -1.96 -0.46
N GLU A 129 -8.91 -2.78 -0.50
CA GLU A 129 -8.05 -2.91 -1.69
C GLU A 129 -7.87 -4.39 -2.08
N TYR A 130 -8.29 -4.73 -3.30
CA TYR A 130 -7.99 -6.05 -3.90
C TYR A 130 -7.53 -5.88 -5.35
N GLN A 131 -6.22 -6.07 -5.45
CA GLN A 131 -5.43 -6.32 -6.68
C GLN A 131 -4.17 -7.19 -6.54
N TRP A 132 -3.68 -7.78 -7.63
CA TRP A 132 -2.53 -8.69 -7.49
C TRP A 132 -1.25 -7.84 -7.34
N THR A 133 -0.70 -7.92 -6.14
CA THR A 133 0.49 -7.12 -5.72
C THR A 133 1.71 -7.94 -5.30
N ASN A 134 1.47 -9.21 -5.00
CA ASN A 134 2.46 -10.22 -4.57
C ASN A 134 1.83 -11.62 -4.71
N ASN A 135 2.44 -12.64 -4.12
CA ASN A 135 2.04 -14.07 -4.26
C ASN A 135 2.11 -14.64 -5.68
N ALA A 136 2.37 -15.94 -5.71
CA ALA A 136 2.50 -16.71 -6.97
C ALA A 136 1.27 -17.59 -7.23
N SER A 137 1.05 -18.60 -6.39
CA SER A 137 -0.15 -19.46 -6.49
C SER A 137 -1.17 -19.01 -5.43
N ASP A 138 -1.90 -17.97 -5.83
CA ASP A 138 -2.95 -17.31 -5.02
C ASP A 138 -3.71 -16.31 -5.90
N ASN A 139 -5.02 -16.23 -5.70
CA ASN A 139 -5.91 -15.35 -6.50
C ASN A 139 -5.87 -13.89 -6.02
N GLY A 140 -4.85 -13.18 -6.49
CA GLY A 140 -4.60 -11.75 -6.18
C GLY A 140 -4.32 -11.50 -4.68
N MET A 141 -4.39 -10.24 -4.30
CA MET A 141 -4.23 -9.83 -2.88
C MET A 141 -5.32 -8.89 -2.37
N LEU A 142 -5.81 -9.24 -1.18
CA LEU A 142 -6.85 -8.48 -0.47
C LEU A 142 -6.32 -7.81 0.80
N SER A 143 -6.15 -6.51 0.67
CA SER A 143 -5.72 -5.62 1.76
C SER A 143 -6.94 -4.88 2.29
N LEU A 144 -7.13 -5.02 3.60
CA LEU A 144 -8.23 -4.37 4.32
C LEU A 144 -7.73 -3.65 5.58
N GLY A 145 -8.26 -2.45 5.77
CA GLY A 145 -7.86 -1.55 6.88
C GLY A 145 -8.61 -0.22 6.86
N VAL A 146 -8.04 0.73 7.59
CA VAL A 146 -8.57 2.11 7.70
C VAL A 146 -7.58 3.16 7.22
N SER A 147 -8.11 4.16 6.53
CA SER A 147 -7.33 5.27 5.95
C SER A 147 -7.86 6.62 6.46
N TYR A 148 -6.92 7.47 6.81
CA TYR A 148 -7.18 8.82 7.36
C TYR A 148 -6.75 9.89 6.35
N ARG A 149 -7.63 10.87 6.18
CA ARG A 149 -7.38 12.01 5.28
C ARG A 149 -6.70 13.15 6.06
N PHE A 150 -5.60 13.60 5.46
CA PHE A 150 -4.64 14.58 5.99
C PHE A 150 -3.97 14.15 7.31
N GLY A 151 -2.93 13.34 7.12
CA GLY A 151 -2.01 12.90 8.19
C GLY A 151 -1.07 14.02 8.65
N GLN A 152 0.19 13.63 8.85
CA GLN A 152 1.28 14.53 9.29
C GLN A 152 1.70 15.61 8.27
N GLY A 153 0.89 16.67 8.25
CA GLY A 153 1.16 17.88 7.44
C GLY A 153 0.13 19.00 7.68
N GLU A 154 0.43 19.81 8.70
CA GLU A 154 -0.40 20.97 9.09
C GLU A 154 0.45 22.25 9.07
N ALA A 155 -0.12 23.30 8.51
CA ALA A 155 0.48 24.65 8.48
C ALA A 155 0.46 25.30 9.87
N ALA A 156 1.58 25.13 10.56
CA ALA A 156 1.81 25.70 11.91
C ALA A 156 2.98 26.70 11.97
N MET A 1 -12.62 18.30 0.09
CA MET A 1 -11.61 17.77 -0.85
C MET A 1 -12.08 17.64 -2.33
N PRO A 2 -11.95 18.71 -3.13
CA PRO A 2 -12.33 18.69 -4.57
C PRO A 2 -11.28 17.99 -5.47
N LYS A 3 -10.99 16.73 -5.11
CA LYS A 3 -10.05 15.80 -5.79
C LYS A 3 -8.71 16.34 -6.33
N ASP A 4 -8.24 17.41 -5.70
CA ASP A 4 -6.96 18.08 -5.99
C ASP A 4 -6.21 18.41 -4.68
N ASN A 5 -4.91 18.18 -4.69
CA ASN A 5 -4.00 18.31 -3.52
C ASN A 5 -4.56 17.66 -2.25
N THR A 6 -5.03 16.44 -2.49
CA THR A 6 -5.78 15.62 -1.52
C THR A 6 -4.82 14.62 -0.86
N TRP A 7 -4.65 14.81 0.45
CA TRP A 7 -3.71 14.01 1.25
C TRP A 7 -4.41 12.83 1.90
N TYR A 8 -3.79 11.68 1.71
CA TYR A 8 -4.33 10.38 2.11
C TYR A 8 -3.24 9.44 2.62
N THR A 9 -3.31 9.20 3.91
CA THR A 9 -2.40 8.32 4.69
C THR A 9 -3.19 7.15 5.30
N GLY A 10 -2.46 6.23 5.92
CA GLY A 10 -3.06 5.20 6.80
C GLY A 10 -2.25 3.91 6.90
N ALA A 11 -2.97 2.86 7.31
CA ALA A 11 -2.40 1.51 7.48
C ALA A 11 -3.41 0.43 7.06
N LYS A 12 -2.90 -0.51 6.26
CA LYS A 12 -3.69 -1.66 5.78
C LYS A 12 -2.90 -2.97 5.83
N LEU A 13 -3.64 -4.06 6.02
CA LEU A 13 -3.06 -5.41 6.13
C LEU A 13 -3.48 -6.30 4.95
N GLY A 14 -2.52 -7.13 4.55
CA GLY A 14 -2.61 -8.04 3.40
C GLY A 14 -2.86 -9.48 3.87
N TRP A 15 -4.01 -9.99 3.43
CA TRP A 15 -4.47 -11.35 3.75
C TRP A 15 -4.53 -12.24 2.50
N SER A 16 -4.14 -13.50 2.70
CA SER A 16 -4.07 -14.52 1.63
C SER A 16 -4.92 -15.76 1.91
N GLN A 17 -6.12 -15.78 1.32
CA GLN A 17 -7.09 -16.89 1.46
C GLN A 17 -6.87 -18.05 0.47
N TYR A 18 -5.61 -18.49 0.40
CA TYR A 18 -5.14 -19.55 -0.55
C TYR A 18 -3.75 -20.12 -0.24
N SER A 19 -3.33 -20.08 1.03
CA SER A 19 -1.98 -20.51 1.44
C SER A 19 -1.92 -20.93 2.91
N ARG A 20 -1.09 -21.95 3.16
CA ARG A 20 -0.87 -22.49 4.51
C ARG A 20 0.14 -21.62 5.28
N GLU A 21 -0.43 -20.63 5.98
CA GLU A 21 0.30 -19.73 6.91
C GLU A 21 1.47 -18.91 6.32
N ASN A 22 1.38 -18.63 5.01
CA ASN A 22 2.43 -17.90 4.28
C ASN A 22 1.96 -16.53 3.78
N GLN A 23 2.82 -15.55 4.01
CA GLN A 23 2.65 -14.12 3.66
C GLN A 23 1.35 -13.46 4.15
N LEU A 24 1.53 -12.85 5.31
CA LEU A 24 0.48 -12.15 6.09
C LEU A 24 1.10 -11.07 6.98
N GLY A 25 0.46 -9.91 7.01
CA GLY A 25 0.88 -8.77 7.86
C GLY A 25 0.28 -7.43 7.43
N ALA A 26 0.79 -6.37 8.03
CA ALA A 26 0.31 -4.99 7.82
C ALA A 26 1.42 -4.02 7.38
N GLY A 27 1.02 -3.12 6.49
CA GLY A 27 1.88 -2.06 5.93
C GLY A 27 1.29 -0.67 6.20
N ALA A 28 2.19 0.28 6.41
CA ALA A 28 1.84 1.69 6.68
C ALA A 28 2.12 2.52 5.42
N PHE A 29 1.06 3.15 4.92
CA PHE A 29 1.09 3.87 3.63
C PHE A 29 0.59 5.32 3.76
N GLY A 30 1.07 6.17 2.86
CA GLY A 30 0.68 7.58 2.83
C GLY A 30 1.24 8.38 1.65
N GLY A 31 0.44 9.37 1.24
CA GLY A 31 0.79 10.34 0.19
C GLY A 31 -0.32 11.34 -0.10
N TYR A 32 -0.38 11.72 -1.37
CA TYR A 32 -1.22 12.82 -1.89
C TYR A 32 -1.51 12.72 -3.41
N GLN A 33 -2.68 13.24 -3.77
CA GLN A 33 -3.18 13.31 -5.15
C GLN A 33 -3.29 14.78 -5.57
N VAL A 34 -2.24 15.27 -6.23
CA VAL A 34 -2.11 16.68 -6.66
C VAL A 34 -3.27 17.10 -7.58
N ASN A 35 -3.54 16.26 -8.58
CA ASN A 35 -4.58 16.51 -9.60
C ASN A 35 -5.62 15.39 -9.62
N PRO A 36 -6.86 15.66 -10.08
CA PRO A 36 -7.89 14.64 -10.34
C PRO A 36 -7.57 13.73 -11.55
N TYR A 37 -6.37 13.17 -11.48
CA TYR A 37 -5.77 12.29 -12.52
C TYR A 37 -5.02 11.15 -11.83
N VAL A 38 -3.78 11.41 -11.41
CA VAL A 38 -2.95 10.46 -10.65
C VAL A 38 -2.39 11.16 -9.39
N GLY A 39 -2.33 10.38 -8.31
CA GLY A 39 -1.66 10.74 -7.05
C GLY A 39 -0.62 9.69 -6.67
N PHE A 40 0.22 10.04 -5.70
CA PHE A 40 1.29 9.14 -5.21
C PHE A 40 1.17 8.80 -3.73
N GLU A 41 1.44 7.53 -3.44
CA GLU A 41 1.56 7.03 -2.05
C GLU A 41 2.79 6.13 -1.88
N MET A 42 3.46 6.35 -0.76
CA MET A 42 4.59 5.51 -0.31
C MET A 42 4.12 4.56 0.78
N GLY A 43 4.68 3.35 0.73
CA GLY A 43 4.40 2.28 1.70
C GLY A 43 5.69 1.84 2.42
N TYR A 44 5.59 1.81 3.75
CA TYR A 44 6.68 1.39 4.64
C TYR A 44 6.28 0.18 5.47
N ASP A 45 7.22 -0.77 5.49
CA ASP A 45 7.17 -1.99 6.30
C ASP A 45 8.43 -2.07 7.16
N TRP A 46 8.23 -2.39 8.44
CA TRP A 46 9.33 -2.50 9.40
C TRP A 46 9.64 -3.99 9.67
N LEU A 47 10.94 -4.27 9.62
CA LEU A 47 11.48 -5.64 9.71
C LEU A 47 12.14 -5.96 11.07
N GLY A 48 12.81 -4.96 11.63
CA GLY A 48 13.59 -5.07 12.88
C GLY A 48 15.11 -5.06 12.63
N ARG A 49 15.50 -4.38 11.57
CA ARG A 49 16.91 -4.26 11.12
C ARG A 49 17.42 -2.81 11.28
N MET A 50 18.73 -2.67 11.19
CA MET A 50 19.46 -1.39 11.37
C MET A 50 18.87 -0.19 10.60
N PRO A 51 18.98 1.02 11.16
CA PRO A 51 18.61 2.26 10.45
C PRO A 51 19.51 2.49 9.23
N ARG A 52 18.98 3.27 8.29
CA ARG A 52 19.58 3.61 6.98
C ARG A 52 19.72 2.38 6.05
N LYS A 53 18.68 2.23 5.23
CA LYS A 53 18.50 1.15 4.22
C LYS A 53 18.54 -0.29 4.76
N ALA A 54 17.33 -0.80 5.03
CA ALA A 54 17.08 -2.13 5.61
C ALA A 54 15.58 -2.49 5.56
N GLN A 55 14.77 -1.76 6.33
CA GLN A 55 13.29 -1.85 6.30
C GLN A 55 12.71 -1.71 4.87
N GLY A 56 11.61 -2.42 4.66
CA GLY A 56 11.00 -2.62 3.32
C GLY A 56 10.18 -1.41 2.88
N VAL A 57 10.38 -1.05 1.61
CA VAL A 57 9.75 0.15 1.01
C VAL A 57 9.11 -0.12 -0.36
N GLN A 58 7.93 0.45 -0.51
CA GLN A 58 7.14 0.43 -1.75
C GLN A 58 6.73 1.84 -2.19
N LEU A 59 6.81 2.03 -3.50
CA LEU A 59 6.44 3.28 -4.17
C LEU A 59 5.31 3.00 -5.17
N THR A 60 4.14 3.53 -4.83
CA THR A 60 2.90 3.26 -5.57
C THR A 60 2.26 4.58 -6.03
N ALA A 61 1.72 4.54 -7.24
CA ALA A 61 0.86 5.62 -7.73
C ALA A 61 -0.58 5.11 -7.58
N LYS A 62 -1.45 6.02 -7.14
CA LYS A 62 -2.89 5.77 -6.89
C LYS A 62 -3.85 6.73 -7.63
N LEU A 63 -4.95 6.21 -8.17
CA LEU A 63 -6.05 7.10 -8.61
C LEU A 63 -7.41 6.73 -8.03
N GLY A 64 -7.94 7.74 -7.33
CA GLY A 64 -9.23 7.68 -6.62
C GLY A 64 -10.20 8.76 -7.09
N TYR A 65 -11.44 8.32 -7.29
CA TYR A 65 -12.54 9.17 -7.77
C TYR A 65 -13.88 8.94 -7.03
N PRO A 66 -14.67 10.01 -6.84
CA PRO A 66 -16.07 9.91 -6.40
C PRO A 66 -16.96 9.39 -7.54
N LYS A 67 -17.09 8.08 -7.56
CA LYS A 67 -17.87 7.33 -8.58
C LYS A 67 -18.52 6.12 -7.89
N LEU A 68 -19.66 5.72 -8.49
CA LEU A 68 -20.61 4.72 -7.96
C LEU A 68 -21.23 5.22 -6.65
N GLY A 69 -22.28 6.01 -6.83
CA GLY A 69 -22.99 6.70 -5.74
C GLY A 69 -22.70 8.20 -5.80
N THR A 70 -22.54 8.78 -4.60
CA THR A 70 -22.21 10.21 -4.41
C THR A 70 -21.12 10.41 -3.34
N ASP A 71 -21.54 10.51 -2.09
CA ASP A 71 -20.66 10.63 -0.91
C ASP A 71 -21.04 9.50 0.07
N ASP A 72 -20.14 8.53 0.12
CA ASP A 72 -20.21 7.31 0.97
C ASP A 72 -19.02 6.37 0.67
N LEU A 73 -18.77 6.22 -0.64
CA LEU A 73 -17.64 5.43 -1.17
C LEU A 73 -16.91 6.15 -2.32
N ASP A 74 -15.63 5.84 -2.44
CA ASP A 74 -14.77 6.27 -3.56
C ASP A 74 -13.97 5.10 -4.13
N ILE A 75 -13.90 5.08 -5.46
CA ILE A 75 -13.22 4.02 -6.23
C ILE A 75 -11.72 4.33 -6.41
N TYR A 76 -10.91 3.29 -6.21
CA TYR A 76 -9.46 3.30 -6.46
C TYR A 76 -9.05 2.18 -7.43
N THR A 77 -8.32 2.56 -8.46
CA THR A 77 -7.46 1.61 -9.21
C THR A 77 -6.12 2.30 -9.48
N ARG A 78 -5.07 1.62 -9.00
CA ARG A 78 -3.66 1.94 -9.22
C ARG A 78 -2.52 0.92 -9.06
N LEU A 79 -1.35 1.24 -9.60
CA LEU A 79 -0.20 0.31 -9.59
C LEU A 79 1.09 0.96 -9.03
N GLY A 80 1.97 0.10 -8.54
CA GLY A 80 3.28 0.50 -7.97
C GLY A 80 4.26 -0.68 -7.82
N GLY A 81 5.42 -0.37 -7.25
CA GLY A 81 6.53 -1.33 -7.06
C GLY A 81 7.05 -1.39 -5.62
N MET A 82 7.43 -2.60 -5.21
CA MET A 82 7.98 -2.88 -3.87
C MET A 82 9.36 -3.54 -3.87
N VAL A 83 10.18 -3.09 -2.91
CA VAL A 83 11.53 -3.63 -2.63
C VAL A 83 11.82 -3.73 -1.12
N TRP A 84 12.55 -4.79 -0.75
CA TRP A 84 13.02 -5.04 0.63
C TRP A 84 14.55 -5.17 0.69
N ARG A 85 15.11 -4.81 1.85
CA ARG A 85 16.55 -4.88 2.10
C ARG A 85 16.89 -5.73 3.33
N ALA A 86 18.15 -6.18 3.38
CA ALA A 86 18.71 -7.09 4.39
C ALA A 86 18.00 -8.47 4.36
N ASP A 87 17.81 -9.14 5.51
CA ASP A 87 17.09 -10.43 5.64
C ASP A 87 17.50 -11.50 4.60
N THR A 88 18.78 -11.85 4.62
CA THR A 88 19.40 -12.78 3.64
C THR A 88 19.63 -14.20 4.17
N SER A 89 20.66 -14.33 5.01
CA SER A 89 21.14 -15.60 5.63
C SER A 89 21.80 -16.56 4.62
N ASP A 90 23.08 -16.80 4.88
CA ASP A 90 23.96 -17.68 4.08
C ASP A 90 25.27 -17.93 4.85
N LYS A 91 25.74 -19.16 4.76
CA LYS A 91 27.02 -19.58 5.35
C LYS A 91 28.21 -18.96 4.60
N ASP A 92 29.34 -18.83 5.31
CA ASP A 92 30.53 -18.13 4.80
C ASP A 92 31.73 -19.08 4.62
N GLY A 93 32.56 -18.70 3.65
CA GLY A 93 33.77 -19.45 3.23
C GLY A 93 34.44 -18.71 2.07
N ASN A 94 34.31 -19.31 0.88
CA ASN A 94 34.78 -18.73 -0.40
C ASN A 94 34.19 -17.35 -0.73
N GLY A 95 32.95 -17.11 -0.28
CA GLY A 95 32.29 -15.80 -0.33
C GLY A 95 30.96 -15.81 -1.07
N TYR A 96 30.99 -15.30 -2.30
CA TYR A 96 29.79 -15.11 -3.16
C TYR A 96 29.21 -16.46 -3.65
N ILE A 97 28.25 -16.95 -2.88
CA ILE A 97 27.49 -18.16 -3.26
C ILE A 97 25.99 -17.87 -3.46
N SER A 98 25.18 -17.96 -2.40
CA SER A 98 23.70 -17.86 -2.47
C SER A 98 23.08 -16.55 -2.96
N ALA A 99 23.85 -15.46 -2.89
CA ALA A 99 23.46 -14.05 -3.12
C ALA A 99 22.06 -13.77 -3.73
N ALA A 100 21.08 -13.73 -2.83
CA ALA A 100 19.64 -13.59 -3.16
C ALA A 100 19.22 -12.34 -3.98
N GLU A 101 19.94 -11.24 -3.76
CA GLU A 101 19.72 -9.91 -4.38
C GLU A 101 18.36 -9.27 -4.06
N ALA A 102 18.37 -7.93 -3.97
CA ALA A 102 17.17 -7.13 -3.66
C ALA A 102 16.28 -6.93 -4.90
N SER A 103 15.36 -7.87 -5.05
CA SER A 103 14.38 -7.87 -6.15
C SER A 103 13.30 -6.81 -5.96
N VAL A 104 12.90 -6.23 -7.09
CA VAL A 104 11.84 -5.21 -7.16
C VAL A 104 10.70 -5.81 -8.01
N SER A 105 9.53 -5.91 -7.38
CA SER A 105 8.33 -6.45 -8.05
C SER A 105 7.15 -5.47 -8.09
N PRO A 106 6.39 -5.45 -9.20
CA PRO A 106 5.18 -4.63 -9.31
C PRO A 106 3.95 -5.28 -8.64
N VAL A 107 3.10 -4.39 -8.15
CA VAL A 107 1.76 -4.73 -7.62
C VAL A 107 0.70 -3.86 -8.30
N PHE A 108 -0.38 -4.51 -8.69
CA PHE A 108 -1.58 -3.83 -9.20
C PHE A 108 -2.66 -3.93 -8.12
N ALA A 109 -3.15 -2.76 -7.73
CA ALA A 109 -4.09 -2.62 -6.61
C ALA A 109 -5.36 -1.83 -6.97
N GLY A 110 -6.47 -2.56 -6.98
CA GLY A 110 -7.82 -2.02 -7.26
C GLY A 110 -8.77 -2.31 -6.10
N GLY A 111 -9.59 -1.32 -5.76
CA GLY A 111 -10.56 -1.42 -4.66
C GLY A 111 -11.31 -0.11 -4.39
N VAL A 112 -11.73 0.05 -3.14
CA VAL A 112 -12.52 1.20 -2.67
C VAL A 112 -12.15 1.68 -1.25
N GLU A 113 -12.48 2.95 -1.03
CA GLU A 113 -12.62 3.49 0.34
C GLU A 113 -14.10 3.78 0.60
N TYR A 114 -14.52 3.41 1.79
CA TYR A 114 -15.91 3.50 2.27
C TYR A 114 -15.91 4.13 3.68
N VAL A 115 -16.91 4.95 3.98
CA VAL A 115 -17.03 5.53 5.33
C VAL A 115 -17.66 4.51 6.29
N ILE A 116 -17.06 4.42 7.48
CA ILE A 116 -17.23 3.31 8.46
C ILE A 116 -18.69 2.84 8.68
N ARG A 117 -19.62 3.78 8.72
CA ARG A 117 -21.06 3.49 8.93
C ARG A 117 -21.92 4.72 8.55
N ARG A 118 -21.67 5.83 9.23
CA ARG A 118 -22.37 7.10 8.97
C ARG A 118 -21.68 7.84 7.82
N ARG A 119 -22.52 8.36 6.92
CA ARG A 119 -22.06 9.15 5.76
C ARG A 119 -21.14 10.32 6.15
N ILE A 120 -21.41 10.91 7.32
CA ILE A 120 -20.51 11.90 7.95
C ILE A 120 -19.66 11.22 9.03
N THR A 121 -18.59 10.60 8.53
CA THR A 121 -17.48 10.11 9.38
C THR A 121 -16.15 10.49 8.69
N PRO A 122 -15.63 11.69 9.00
CA PRO A 122 -14.32 12.15 8.45
C PRO A 122 -13.14 11.50 9.19
N GLU A 123 -11.94 11.92 8.79
CA GLU A 123 -10.63 11.47 9.33
C GLU A 123 -10.26 10.01 9.04
N ILE A 124 -11.14 9.08 9.44
CA ILE A 124 -10.91 7.63 9.36
C ILE A 124 -11.94 7.01 8.41
N ALA A 125 -11.42 6.48 7.31
CA ALA A 125 -12.20 5.73 6.31
C ALA A 125 -11.68 4.29 6.15
N THR A 126 -12.61 3.40 5.84
CA THR A 126 -12.32 1.97 5.60
C THR A 126 -11.82 1.83 4.15
N ARG A 127 -10.57 1.39 4.02
CA ARG A 127 -9.90 1.24 2.71
C ARG A 127 -9.57 -0.24 2.46
N LEU A 128 -10.27 -0.76 1.47
CA LEU A 128 -10.20 -2.17 1.05
C LEU A 128 -9.82 -2.28 -0.43
N GLU A 129 -8.61 -2.82 -0.63
CA GLU A 129 -7.98 -2.88 -1.97
C GLU A 129 -7.37 -4.27 -2.22
N TYR A 130 -7.60 -4.76 -3.44
CA TYR A 130 -7.13 -6.07 -3.90
C TYR A 130 -5.83 -5.91 -4.70
N GLN A 131 -4.88 -6.76 -4.33
CA GLN A 131 -3.49 -6.74 -4.81
C GLN A 131 -3.17 -7.98 -5.65
N TRP A 132 -2.85 -7.69 -6.91
CA TRP A 132 -2.44 -8.70 -7.90
C TRP A 132 -1.04 -8.43 -8.48
N THR A 133 -0.15 -9.35 -8.11
CA THR A 133 1.18 -9.50 -8.74
C THR A 133 1.29 -10.81 -9.54
N ASN A 134 0.62 -11.86 -9.09
CA ASN A 134 0.71 -13.20 -9.70
C ASN A 134 -0.14 -13.29 -10.97
N ASN A 135 0.56 -13.52 -12.08
CA ASN A 135 -0.03 -13.80 -13.41
C ASN A 135 -1.03 -14.98 -13.38
N ALA A 136 -0.76 -15.97 -12.53
CA ALA A 136 -1.64 -17.13 -12.34
C ALA A 136 -2.86 -16.75 -11.48
N SER A 137 -3.93 -16.41 -12.20
CA SER A 137 -5.27 -16.11 -11.65
C SER A 137 -5.84 -17.26 -10.81
N ASP A 138 -5.44 -17.24 -9.54
CA ASP A 138 -5.92 -18.21 -8.54
C ASP A 138 -6.83 -17.62 -7.46
N ASN A 139 -6.61 -16.34 -7.11
CA ASN A 139 -7.31 -15.61 -6.03
C ASN A 139 -6.82 -14.15 -6.01
N GLY A 140 -5.65 -13.94 -5.42
CA GLY A 140 -5.02 -12.62 -5.23
C GLY A 140 -4.88 -12.34 -3.72
N MET A 141 -4.39 -11.15 -3.39
CA MET A 141 -4.17 -10.79 -1.98
C MET A 141 -5.06 -9.58 -1.62
N LEU A 142 -5.70 -9.69 -0.46
CA LEU A 142 -6.68 -8.69 -0.02
C LEU A 142 -6.08 -7.81 1.07
N SER A 143 -5.81 -6.55 0.71
CA SER A 143 -5.41 -5.55 1.70
C SER A 143 -6.64 -4.78 2.19
N LEU A 144 -6.78 -4.82 3.51
CA LEU A 144 -7.86 -4.13 4.24
C LEU A 144 -7.29 -3.38 5.44
N GLY A 145 -7.77 -2.14 5.60
CA GLY A 145 -7.34 -1.27 6.71
C GLY A 145 -8.04 0.09 6.70
N VAL A 146 -7.43 1.01 7.43
CA VAL A 146 -7.98 2.37 7.64
C VAL A 146 -7.06 3.45 7.06
N SER A 147 -7.73 4.32 6.30
CA SER A 147 -7.13 5.46 5.60
C SER A 147 -7.63 6.80 6.18
N TYR A 148 -6.69 7.74 6.15
CA TYR A 148 -6.83 9.06 6.78
C TYR A 148 -6.63 10.21 5.79
N ARG A 149 -7.42 11.26 6.02
CA ARG A 149 -7.34 12.51 5.26
C ARG A 149 -6.47 13.56 6.00
N PHE A 150 -5.70 14.30 5.20
CA PHE A 150 -4.75 15.34 5.64
C PHE A 150 -3.51 14.80 6.39
N GLY A 151 -2.48 14.55 5.59
CA GLY A 151 -1.17 14.05 6.03
C GLY A 151 -0.32 15.18 6.64
N GLN A 152 -0.27 15.20 7.97
CA GLN A 152 0.54 16.18 8.74
C GLN A 152 2.05 16.08 8.43
N GLY A 153 2.45 16.93 7.48
CA GLY A 153 3.86 17.13 7.07
C GLY A 153 4.70 17.68 8.23
N GLU A 154 5.36 16.73 8.92
CA GLU A 154 6.25 16.94 10.07
C GLU A 154 5.50 17.39 11.34
N ALA A 155 5.31 16.41 12.22
CA ALA A 155 4.67 16.58 13.54
C ALA A 155 5.50 17.49 14.47
N ALA A 156 5.16 18.77 14.42
CA ALA A 156 5.78 19.82 15.26
C ALA A 156 4.81 20.46 16.27
N MET A 1 -9.29 20.19 -8.58
CA MET A 1 -10.28 19.46 -7.74
C MET A 1 -9.70 18.52 -6.66
N PRO A 2 -9.70 18.95 -5.40
CA PRO A 2 -9.33 18.08 -4.26
C PRO A 2 -10.45 17.06 -3.97
N LYS A 3 -10.35 15.95 -4.70
CA LYS A 3 -11.31 14.83 -4.66
C LYS A 3 -11.28 14.07 -3.32
N ASP A 4 -10.41 13.06 -3.20
CA ASP A 4 -10.25 12.24 -1.99
C ASP A 4 -9.55 13.05 -0.88
N ASN A 5 -8.53 13.80 -1.30
CA ASN A 5 -7.89 14.89 -0.53
C ASN A 5 -7.27 14.46 0.81
N THR A 6 -6.81 13.20 0.83
CA THR A 6 -6.15 12.63 2.02
C THR A 6 -4.67 12.42 1.68
N TRP A 7 -3.88 13.20 2.40
CA TRP A 7 -2.42 13.21 2.28
C TRP A 7 -1.75 13.24 3.65
N TYR A 8 -0.75 12.36 3.77
CA TYR A 8 0.04 11.99 4.97
C TYR A 8 0.36 10.49 4.89
N THR A 9 -0.42 9.65 5.59
CA THR A 9 -0.16 8.19 5.65
C THR A 9 -1.36 7.40 6.16
N GLY A 10 -1.41 6.16 5.73
CA GLY A 10 -2.37 5.16 6.23
C GLY A 10 -1.69 3.84 6.61
N ALA A 11 -2.56 2.87 6.86
CA ALA A 11 -2.22 1.47 7.21
C ALA A 11 -3.43 0.57 6.96
N LYS A 12 -3.13 -0.54 6.28
CA LYS A 12 -4.03 -1.70 6.09
C LYS A 12 -3.38 -2.92 5.41
N LEU A 13 -4.12 -4.03 5.45
CA LEU A 13 -3.65 -5.35 4.98
C LEU A 13 -4.66 -6.01 4.03
N GLY A 14 -4.15 -6.99 3.28
CA GLY A 14 -4.96 -7.80 2.36
C GLY A 14 -4.92 -9.29 2.70
N TRP A 15 -5.97 -9.97 2.27
CA TRP A 15 -6.15 -11.42 2.46
C TRP A 15 -6.30 -12.18 1.15
N SER A 16 -5.60 -13.32 1.09
CA SER A 16 -5.58 -14.21 -0.08
C SER A 16 -6.19 -15.57 0.26
N GLN A 17 -6.76 -16.22 -0.75
CA GLN A 17 -7.41 -17.54 -0.59
C GLN A 17 -6.43 -18.71 -0.35
N TYR A 18 -5.99 -18.79 0.90
CA TYR A 18 -5.10 -19.87 1.40
C TYR A 18 -5.17 -20.00 2.93
N SER A 19 -5.17 -21.26 3.36
CA SER A 19 -5.31 -21.66 4.78
C SER A 19 -4.17 -21.26 5.73
N ARG A 20 -2.93 -21.38 5.26
CA ARG A 20 -1.74 -21.15 6.11
C ARG A 20 -1.48 -19.65 6.33
N GLU A 21 -2.05 -19.18 7.43
CA GLU A 21 -1.94 -17.78 7.88
C GLU A 21 -1.40 -17.64 9.31
N ASN A 22 -0.41 -16.77 9.44
CA ASN A 22 0.22 -16.42 10.73
C ASN A 22 0.31 -14.89 10.88
N GLN A 23 1.15 -14.41 11.80
CA GLN A 23 1.40 -12.97 12.01
C GLN A 23 2.29 -12.39 10.89
N LEU A 24 1.66 -12.24 9.73
CA LEU A 24 2.27 -11.69 8.50
C LEU A 24 1.21 -10.86 7.75
N GLY A 25 1.33 -9.55 7.91
CA GLY A 25 0.46 -8.56 7.27
C GLY A 25 0.66 -7.16 7.86
N ALA A 26 -0.40 -6.36 7.76
CA ALA A 26 -0.48 -4.95 8.22
C ALA A 26 0.67 -4.06 7.73
N GLY A 27 0.42 -3.44 6.58
CA GLY A 27 1.40 -2.55 5.91
C GLY A 27 0.96 -1.09 6.05
N ALA A 28 1.95 -0.22 6.10
CA ALA A 28 1.71 1.24 6.24
C ALA A 28 1.89 1.89 4.87
N PHE A 29 0.83 2.52 4.40
CA PHE A 29 0.74 3.05 3.03
C PHE A 29 0.38 4.55 3.06
N GLY A 30 1.32 5.36 2.63
CA GLY A 30 1.23 6.84 2.71
C GLY A 30 1.35 7.55 1.36
N GLY A 31 1.37 8.88 1.45
CA GLY A 31 1.50 9.76 0.27
C GLY A 31 0.33 10.74 0.09
N TYR A 32 -0.04 10.90 -1.17
CA TYR A 32 -1.03 11.89 -1.66
C TYR A 32 -2.15 11.25 -2.51
N GLN A 33 -3.34 11.12 -1.91
CA GLN A 33 -4.52 10.60 -2.61
C GLN A 33 -5.56 11.72 -2.70
N VAL A 34 -5.34 12.54 -3.71
CA VAL A 34 -6.07 13.82 -3.90
C VAL A 34 -6.76 13.94 -5.28
N ASN A 35 -5.96 13.95 -6.34
CA ASN A 35 -6.41 14.27 -7.72
C ASN A 35 -7.46 13.28 -8.29
N PRO A 36 -8.47 13.80 -9.00
CA PRO A 36 -9.57 12.99 -9.61
C PRO A 36 -9.20 12.16 -10.86
N TYR A 37 -8.02 11.55 -10.81
CA TYR A 37 -7.47 10.72 -11.91
C TYR A 37 -6.25 9.91 -11.44
N VAL A 38 -5.23 10.62 -10.97
CA VAL A 38 -3.96 10.02 -10.51
C VAL A 38 -3.65 10.45 -9.06
N GLY A 39 -3.22 9.47 -8.29
CA GLY A 39 -2.74 9.62 -6.90
C GLY A 39 -1.43 8.85 -6.70
N PHE A 40 -0.63 9.30 -5.75
CA PHE A 40 0.71 8.72 -5.51
C PHE A 40 0.83 8.19 -4.08
N GLU A 41 0.98 6.87 -3.98
CA GLU A 41 0.94 6.18 -2.67
C GLU A 41 2.12 5.21 -2.54
N MET A 42 2.93 5.47 -1.52
CA MET A 42 4.09 4.61 -1.19
C MET A 42 3.85 3.90 0.16
N GLY A 43 4.18 2.62 0.14
CA GLY A 43 3.95 1.69 1.26
C GLY A 43 5.26 1.16 1.84
N TYR A 44 5.22 0.92 3.14
CA TYR A 44 6.33 0.33 3.90
C TYR A 44 5.94 -0.82 4.84
N ASP A 45 6.87 -1.77 4.87
CA ASP A 45 6.91 -2.88 5.83
C ASP A 45 8.30 -2.87 6.49
N TRP A 46 8.28 -2.68 7.80
CA TRP A 46 9.52 -2.59 8.61
C TRP A 46 9.64 -3.80 9.54
N LEU A 47 10.88 -4.23 9.75
CA LEU A 47 11.15 -5.48 10.49
C LEU A 47 11.32 -5.18 11.99
N GLY A 48 10.17 -4.85 12.58
CA GLY A 48 9.99 -4.52 14.00
C GLY A 48 9.60 -3.06 14.17
N ARG A 49 9.98 -2.53 15.34
CA ARG A 49 9.85 -1.09 15.69
C ARG A 49 11.23 -0.52 16.07
N MET A 50 11.63 -0.75 17.32
CA MET A 50 13.01 -0.46 17.79
C MET A 50 14.08 -1.24 16.99
N PRO A 51 13.82 -2.49 16.55
CA PRO A 51 14.60 -3.09 15.46
C PRO A 51 13.92 -2.88 14.10
N ARG A 52 14.74 -2.63 13.10
CA ARG A 52 14.32 -2.62 11.69
C ARG A 52 15.44 -3.26 10.85
N LYS A 53 15.28 -4.56 10.61
CA LYS A 53 16.25 -5.35 9.83
C LYS A 53 15.92 -5.39 8.33
N ALA A 54 15.14 -6.37 7.89
CA ALA A 54 14.90 -6.69 6.46
C ALA A 54 14.48 -5.53 5.54
N GLN A 55 13.47 -4.76 5.97
CA GLN A 55 12.95 -3.55 5.30
C GLN A 55 12.45 -3.79 3.85
N GLY A 56 11.12 -3.70 3.72
CA GLY A 56 10.42 -3.83 2.43
C GLY A 56 9.62 -2.56 2.10
N VAL A 57 9.75 -2.13 0.85
CA VAL A 57 9.08 -0.94 0.32
C VAL A 57 8.14 -1.29 -0.85
N GLN A 58 7.00 -0.62 -0.87
CA GLN A 58 5.94 -0.77 -1.87
C GLN A 58 5.69 0.56 -2.59
N LEU A 59 5.47 0.45 -3.89
CA LEU A 59 5.21 1.59 -4.79
C LEU A 59 3.88 1.39 -5.53
N THR A 60 2.92 2.28 -5.23
CA THR A 60 1.57 2.16 -5.82
C THR A 60 1.12 3.49 -6.41
N ALA A 61 0.62 3.40 -7.64
CA ALA A 61 0.05 4.54 -8.36
C ALA A 61 -1.46 4.36 -8.61
N LYS A 62 -2.19 5.34 -8.11
CA LYS A 62 -3.66 5.43 -8.23
C LYS A 62 -4.01 5.94 -9.63
N LEU A 63 -4.51 5.02 -10.44
CA LEU A 63 -5.07 5.32 -11.76
C LEU A 63 -6.55 4.92 -11.83
N GLY A 64 -7.38 5.95 -11.85
CA GLY A 64 -8.84 5.78 -11.97
C GLY A 64 -9.63 7.10 -11.92
N TYR A 65 -10.87 6.98 -11.48
CA TYR A 65 -11.86 8.06 -11.53
C TYR A 65 -12.63 8.19 -10.21
N PRO A 66 -13.13 9.37 -9.85
CA PRO A 66 -14.06 9.54 -8.70
C PRO A 66 -15.35 8.74 -8.91
N LYS A 67 -16.20 9.25 -9.81
CA LYS A 67 -17.54 8.74 -10.16
C LYS A 67 -18.48 8.75 -8.93
N LEU A 68 -19.76 9.03 -9.21
CA LEU A 68 -20.80 9.19 -8.18
C LEU A 68 -20.86 7.97 -7.23
N GLY A 69 -21.14 6.80 -7.79
CA GLY A 69 -21.29 5.52 -7.06
C GLY A 69 -22.49 5.57 -6.10
N THR A 70 -22.20 6.10 -4.91
CA THR A 70 -23.17 6.26 -3.81
C THR A 70 -23.02 7.66 -3.21
N ASP A 71 -21.93 7.83 -2.47
CA ASP A 71 -21.47 9.08 -1.83
C ASP A 71 -20.01 8.89 -1.40
N ASP A 72 -19.20 9.92 -1.67
CA ASP A 72 -17.78 10.02 -1.27
C ASP A 72 -16.90 8.90 -1.86
N LEU A 73 -17.13 8.65 -3.15
CA LEU A 73 -16.59 7.46 -3.84
C LEU A 73 -15.64 7.80 -4.98
N ASP A 74 -14.57 7.02 -4.99
CA ASP A 74 -13.62 6.89 -6.12
C ASP A 74 -13.49 5.40 -6.48
N ILE A 75 -13.44 5.14 -7.79
CA ILE A 75 -13.17 3.81 -8.36
C ILE A 75 -11.88 3.85 -9.19
N TYR A 76 -10.91 3.04 -8.77
CA TYR A 76 -9.56 3.05 -9.34
C TYR A 76 -8.80 1.72 -9.22
N THR A 77 -7.68 1.64 -9.93
CA THR A 77 -6.67 0.59 -9.74
C THR A 77 -5.32 1.19 -9.31
N ARG A 78 -4.74 0.58 -8.29
CA ARG A 78 -3.37 0.93 -7.87
C ARG A 78 -2.39 -0.12 -8.43
N LEU A 79 -1.44 0.43 -9.17
CA LEU A 79 -0.44 -0.36 -9.89
C LEU A 79 1.00 0.02 -9.54
N GLY A 80 1.84 -1.02 -9.54
CA GLY A 80 3.29 -0.91 -9.29
C GLY A 80 3.80 -2.22 -8.70
N GLY A 81 3.91 -2.25 -7.39
CA GLY A 81 4.29 -3.46 -6.63
C GLY A 81 5.24 -3.23 -5.45
N MET A 82 5.99 -4.27 -5.14
CA MET A 82 6.85 -4.33 -3.95
C MET A 82 8.31 -4.75 -4.21
N VAL A 83 9.18 -4.04 -3.52
CA VAL A 83 10.65 -4.24 -3.54
C VAL A 83 11.17 -4.36 -2.09
N TRP A 84 11.70 -5.56 -1.82
CA TRP A 84 12.43 -5.87 -0.59
C TRP A 84 13.94 -5.85 -0.86
N ARG A 85 14.69 -5.53 0.19
CA ARG A 85 16.16 -5.46 0.21
C ARG A 85 16.82 -6.85 0.04
N ALA A 86 16.64 -7.39 -1.16
CA ALA A 86 17.27 -8.65 -1.61
C ALA A 86 18.77 -8.45 -1.86
N ASP A 87 19.47 -8.68 -0.76
CA ASP A 87 20.93 -8.80 -0.57
C ASP A 87 21.48 -7.68 0.34
N THR A 88 22.22 -8.14 1.35
CA THR A 88 22.96 -7.28 2.28
C THR A 88 24.41 -7.82 2.42
N SER A 89 25.31 -6.93 2.84
CA SER A 89 26.78 -7.13 2.95
C SER A 89 27.27 -8.58 3.13
N ASP A 90 27.64 -9.19 2.01
CA ASP A 90 28.16 -10.57 1.95
C ASP A 90 29.58 -10.67 2.52
N LYS A 91 29.62 -10.80 3.86
CA LYS A 91 30.81 -11.03 4.72
C LYS A 91 32.17 -11.19 4.00
N ASP A 92 32.38 -12.35 3.40
CA ASP A 92 33.61 -12.67 2.65
C ASP A 92 33.19 -13.25 1.29
N GLY A 93 34.01 -12.96 0.28
CA GLY A 93 33.72 -13.32 -1.13
C GLY A 93 34.74 -14.27 -1.75
N ASN A 94 34.83 -14.17 -3.06
CA ASN A 94 35.71 -14.95 -3.95
C ASN A 94 35.69 -14.30 -5.35
N GLY A 95 36.09 -15.03 -6.39
CA GLY A 95 36.13 -14.56 -7.80
C GLY A 95 34.74 -14.29 -8.38
N TYR A 96 34.25 -13.09 -8.08
CA TYR A 96 32.96 -12.52 -8.55
C TYR A 96 31.75 -13.44 -8.33
N ILE A 97 31.26 -13.36 -7.09
CA ILE A 97 30.15 -14.22 -6.59
C ILE A 97 28.97 -13.39 -6.07
N SER A 98 27.83 -14.07 -5.91
CA SER A 98 26.56 -13.54 -5.39
C SER A 98 26.00 -12.35 -6.20
N ALA A 99 25.45 -12.69 -7.36
CA ALA A 99 24.88 -11.71 -8.29
C ALA A 99 23.34 -11.72 -8.24
N ALA A 100 22.84 -10.96 -7.28
CA ALA A 100 21.40 -10.74 -7.01
C ALA A 100 21.17 -9.47 -6.18
N GLU A 101 20.12 -8.74 -6.53
CA GLU A 101 19.74 -7.48 -5.87
C GLU A 101 18.26 -7.14 -6.16
N ALA A 102 17.56 -6.76 -5.09
CA ALA A 102 16.15 -6.28 -5.07
C ALA A 102 15.11 -7.29 -5.57
N SER A 103 13.87 -7.16 -5.07
CA SER A 103 12.76 -8.04 -5.49
C SER A 103 11.85 -7.39 -6.55
N VAL A 104 12.00 -7.86 -7.77
CA VAL A 104 11.12 -7.49 -8.90
C VAL A 104 9.76 -8.20 -8.70
N SER A 105 8.86 -7.49 -8.01
CA SER A 105 7.50 -8.02 -7.77
C SER A 105 6.37 -7.02 -8.12
N PRO A 106 5.90 -7.05 -9.38
CA PRO A 106 4.78 -6.20 -9.83
C PRO A 106 3.42 -6.66 -9.31
N VAL A 107 2.60 -5.68 -8.96
CA VAL A 107 1.23 -5.86 -8.42
C VAL A 107 0.25 -4.91 -9.12
N PHE A 108 -0.95 -5.44 -9.41
CA PHE A 108 -2.11 -4.66 -9.87
C PHE A 108 -3.29 -4.92 -8.92
N ALA A 109 -3.82 -3.85 -8.35
CA ALA A 109 -4.96 -3.93 -7.42
C ALA A 109 -6.04 -2.87 -7.65
N GLY A 110 -7.20 -3.35 -8.09
CA GLY A 110 -8.34 -2.50 -8.50
C GLY A 110 -9.54 -2.62 -7.56
N GLY A 111 -10.21 -1.50 -7.33
CA GLY A 111 -11.42 -1.43 -6.49
C GLY A 111 -11.93 -0.01 -6.21
N VAL A 112 -12.53 0.12 -5.04
CA VAL A 112 -13.22 1.36 -4.60
C VAL A 112 -12.62 1.98 -3.32
N GLU A 113 -12.64 3.30 -3.33
CA GLU A 113 -12.17 4.16 -2.23
C GLU A 113 -13.30 5.09 -1.78
N TYR A 114 -13.62 4.97 -0.50
CA TYR A 114 -14.61 5.82 0.19
C TYR A 114 -13.93 6.62 1.32
N VAL A 115 -14.30 7.89 1.42
CA VAL A 115 -13.84 8.79 2.49
C VAL A 115 -14.99 9.09 3.47
N ILE A 116 -14.69 8.91 4.76
CA ILE A 116 -15.69 8.92 5.85
C ILE A 116 -16.48 10.23 6.03
N ARG A 117 -17.75 10.16 5.63
CA ARG A 117 -18.72 11.24 5.87
C ARG A 117 -19.88 10.72 6.74
N ARG A 118 -19.66 10.82 8.05
CA ARG A 118 -20.63 10.49 9.10
C ARG A 118 -20.12 10.83 10.52
N ARG A 119 -19.29 9.97 11.09
CA ARG A 119 -18.89 10.04 12.51
C ARG A 119 -17.50 10.67 12.71
N ILE A 120 -17.38 11.37 13.84
CA ILE A 120 -16.16 12.05 14.33
C ILE A 120 -14.96 11.09 14.43
N THR A 121 -14.14 11.21 13.39
CA THR A 121 -12.96 10.37 13.13
C THR A 121 -11.80 11.23 12.60
N PRO A 122 -10.54 10.82 12.84
CA PRO A 122 -9.36 11.48 12.22
C PRO A 122 -9.30 11.14 10.71
N GLU A 123 -10.10 11.91 9.97
CA GLU A 123 -10.37 11.80 8.51
C GLU A 123 -9.62 10.68 7.76
N ILE A 124 -10.35 9.58 7.61
CA ILE A 124 -9.86 8.36 6.96
C ILE A 124 -10.63 8.03 5.68
N ALA A 125 -9.85 7.57 4.72
CA ALA A 125 -10.34 7.07 3.42
C ALA A 125 -9.95 5.60 3.26
N THR A 126 -10.96 4.80 2.96
CA THR A 126 -10.84 3.32 2.88
C THR A 126 -10.92 2.82 1.44
N ARG A 127 -9.92 1.99 1.12
CA ARG A 127 -9.73 1.37 -0.20
C ARG A 127 -9.92 -0.15 -0.10
N LEU A 128 -11.04 -0.59 -0.67
CA LEU A 128 -11.37 -2.02 -0.81
C LEU A 128 -11.20 -2.41 -2.28
N GLU A 129 -10.17 -3.22 -2.46
CA GLU A 129 -9.60 -3.58 -3.78
C GLU A 129 -9.24 -5.06 -3.90
N TYR A 130 -9.32 -5.58 -5.12
CA TYR A 130 -8.84 -6.94 -5.40
C TYR A 130 -7.42 -6.81 -5.97
N GLN A 131 -6.55 -7.60 -5.36
CA GLN A 131 -5.09 -7.58 -5.57
C GLN A 131 -4.70 -8.83 -6.36
N TRP A 132 -4.32 -8.56 -7.60
CA TRP A 132 -3.94 -9.62 -8.55
C TRP A 132 -2.52 -9.42 -9.12
N THR A 133 -1.86 -10.56 -9.15
CA THR A 133 -0.52 -10.81 -9.75
C THR A 133 -0.15 -12.29 -9.57
N ASN A 134 -0.81 -13.10 -10.39
CA ASN A 134 -0.74 -14.58 -10.33
C ASN A 134 -1.44 -15.25 -11.53
N ASN A 135 -0.91 -16.41 -11.89
CA ASN A 135 -1.49 -17.32 -12.90
C ASN A 135 -2.91 -17.85 -12.55
N ALA A 136 -3.18 -18.00 -11.25
CA ALA A 136 -4.46 -18.52 -10.74
C ALA A 136 -5.67 -17.62 -11.03
N SER A 137 -6.30 -17.92 -12.17
CA SER A 137 -7.59 -17.35 -12.58
C SER A 137 -8.72 -17.76 -11.63
N ASP A 138 -9.68 -16.86 -11.47
CA ASP A 138 -10.85 -16.98 -10.55
C ASP A 138 -10.50 -16.96 -9.04
N ASN A 139 -9.21 -16.89 -8.73
CA ASN A 139 -8.69 -16.75 -7.36
C ASN A 139 -7.88 -15.43 -7.25
N GLY A 140 -7.05 -15.31 -6.21
CA GLY A 140 -6.22 -14.12 -5.92
C GLY A 140 -6.41 -13.59 -4.50
N MET A 141 -6.17 -12.30 -4.36
CA MET A 141 -6.17 -11.61 -3.06
C MET A 141 -7.21 -10.47 -3.05
N LEU A 142 -7.84 -10.30 -1.89
CA LEU A 142 -8.74 -9.18 -1.60
C LEU A 142 -8.09 -8.33 -0.50
N SER A 143 -7.70 -7.13 -0.92
CA SER A 143 -6.81 -6.28 -0.12
C SER A 143 -7.44 -4.93 0.25
N LEU A 144 -7.19 -4.54 1.49
CA LEU A 144 -7.72 -3.30 2.08
C LEU A 144 -6.56 -2.40 2.53
N GLY A 145 -6.72 -1.12 2.17
CA GLY A 145 -5.82 -0.01 2.56
C GLY A 145 -6.64 1.16 3.14
N VAL A 146 -6.28 1.66 4.33
CA VAL A 146 -6.99 2.85 4.89
C VAL A 146 -5.96 3.97 5.13
N SER A 147 -6.27 5.15 4.58
CA SER A 147 -5.38 6.33 4.60
C SER A 147 -5.96 7.55 5.33
N TYR A 148 -5.10 8.21 6.09
CA TYR A 148 -5.43 9.44 6.84
C TYR A 148 -4.50 10.63 6.53
N ARG A 149 -5.10 11.80 6.61
CA ARG A 149 -4.44 13.07 6.25
C ARG A 149 -3.94 13.90 7.44
N PHE A 150 -2.91 14.69 7.13
CA PHE A 150 -2.15 15.58 8.03
C PHE A 150 -1.37 14.86 9.16
N GLY A 151 -0.12 15.30 9.26
CA GLY A 151 0.84 14.84 10.28
C GLY A 151 0.96 15.89 11.38
N GLN A 152 0.30 15.57 12.50
CA GLN A 152 0.22 16.35 13.76
C GLN A 152 0.77 17.79 13.69
N GLY A 153 -0.17 18.73 13.61
CA GLY A 153 0.12 20.18 13.48
C GLY A 153 0.74 20.83 14.73
N GLU A 154 2.01 20.51 14.94
CA GLU A 154 2.94 21.11 15.93
C GLU A 154 2.37 21.14 17.37
N ALA A 155 2.44 19.99 18.05
CA ALA A 155 2.02 19.89 19.47
C ALA A 155 3.05 20.53 20.42
N ALA A 156 2.84 21.83 20.64
CA ALA A 156 3.67 22.65 21.55
C ALA A 156 3.73 22.16 23.01
N MET A 1 -15.55 19.78 -3.33
CA MET A 1 -15.97 18.36 -3.34
C MET A 1 -15.00 17.29 -3.89
N PRO A 2 -14.35 17.47 -5.06
CA PRO A 2 -13.43 16.45 -5.60
C PRO A 2 -12.16 16.29 -4.77
N LYS A 3 -11.76 15.02 -4.64
CA LYS A 3 -10.52 14.61 -3.94
C LYS A 3 -9.25 15.15 -4.63
N ASP A 4 -8.65 16.12 -3.95
CA ASP A 4 -7.35 16.71 -4.36
C ASP A 4 -6.53 17.06 -3.12
N ASN A 5 -5.25 16.70 -3.18
CA ASN A 5 -4.22 16.94 -2.13
C ASN A 5 -4.61 16.35 -0.76
N THR A 6 -5.19 15.16 -0.86
CA THR A 6 -5.73 14.39 0.28
C THR A 6 -4.69 13.35 0.69
N TRP A 7 -4.23 13.45 1.94
CA TRP A 7 -3.19 12.54 2.45
C TRP A 7 -3.80 11.68 3.55
N TYR A 8 -3.59 10.37 3.43
CA TYR A 8 -4.16 9.39 4.37
C TYR A 8 -3.11 8.38 4.86
N THR A 9 -2.70 8.55 6.10
CA THR A 9 -1.71 7.64 6.73
C THR A 9 -2.39 6.69 7.71
N GLY A 10 -1.94 5.44 7.65
CA GLY A 10 -2.42 4.33 8.50
C GLY A 10 -1.77 3.00 8.14
N ALA A 11 -2.56 1.93 8.27
CA ALA A 11 -2.09 0.56 8.04
C ALA A 11 -3.03 -0.26 7.14
N LYS A 12 -2.42 -1.11 6.34
CA LYS A 12 -3.14 -2.07 5.48
C LYS A 12 -2.78 -3.52 5.84
N LEU A 13 -3.81 -4.35 5.82
CA LEU A 13 -3.71 -5.80 6.05
C LEU A 13 -4.36 -6.60 4.93
N GLY A 14 -3.61 -7.62 4.49
CA GLY A 14 -4.00 -8.51 3.37
C GLY A 14 -4.28 -9.92 3.89
N TRP A 15 -5.54 -10.32 3.71
CA TRP A 15 -6.02 -11.66 4.14
C TRP A 15 -6.30 -12.57 2.94
N SER A 16 -6.03 -13.85 3.16
CA SER A 16 -6.13 -14.89 2.11
C SER A 16 -7.43 -15.71 2.16
N GLN A 17 -8.37 -15.31 1.31
CA GLN A 17 -9.62 -16.07 1.06
C GLN A 17 -9.34 -17.15 0.00
N TYR A 18 -8.93 -18.30 0.52
CA TYR A 18 -8.80 -19.54 -0.26
C TYR A 18 -9.42 -20.72 0.50
N SER A 19 -8.60 -21.33 1.37
CA SER A 19 -9.02 -22.41 2.29
C SER A 19 -8.79 -21.96 3.75
N ARG A 20 -8.82 -22.90 4.68
CA ARG A 20 -8.61 -22.66 6.12
C ARG A 20 -7.17 -22.25 6.49
N GLU A 21 -6.93 -20.95 6.34
CA GLU A 21 -5.64 -20.31 6.66
C GLU A 21 -5.83 -19.06 7.54
N ASN A 22 -4.96 -18.97 8.54
CA ASN A 22 -4.91 -17.83 9.48
C ASN A 22 -3.51 -17.18 9.42
N GLN A 23 -3.44 -16.11 8.62
CA GLN A 23 -2.18 -15.35 8.46
C GLN A 23 -2.28 -13.87 8.85
N LEU A 24 -1.27 -13.46 9.60
CA LEU A 24 -1.13 -12.10 10.15
C LEU A 24 0.20 -11.47 9.69
N GLY A 25 0.23 -10.14 9.70
CA GLY A 25 1.38 -9.35 9.21
C GLY A 25 1.11 -7.83 9.27
N ALA A 26 0.50 -7.37 8.18
CA ALA A 26 0.16 -5.96 7.87
C ALA A 26 1.37 -5.04 7.58
N GLY A 27 1.10 -4.05 6.74
CA GLY A 27 2.07 -3.02 6.31
C GLY A 27 1.53 -1.61 6.60
N ALA A 28 2.46 -0.69 6.85
CA ALA A 28 2.12 0.70 7.24
C ALA A 28 2.29 1.64 6.05
N PHE A 29 1.20 2.29 5.71
CA PHE A 29 1.02 3.03 4.44
C PHE A 29 0.50 4.46 4.56
N GLY A 30 0.94 5.25 3.57
CA GLY A 30 0.46 6.63 3.31
C GLY A 30 -0.07 6.73 1.86
N GLY A 31 -1.33 7.11 1.80
CA GLY A 31 -2.07 7.33 0.54
C GLY A 31 -2.24 8.82 0.26
N TYR A 32 -1.37 9.32 -0.59
CA TYR A 32 -1.28 10.76 -0.92
C TYR A 32 -1.86 10.98 -2.32
N GLN A 33 -3.09 11.46 -2.35
CA GLN A 33 -3.84 11.68 -3.59
C GLN A 33 -3.88 13.20 -3.82
N VAL A 34 -2.77 13.67 -4.39
CA VAL A 34 -2.59 15.11 -4.70
C VAL A 34 -3.34 15.45 -6.00
N ASN A 35 -2.65 15.21 -7.13
CA ASN A 35 -3.09 15.36 -8.54
C ASN A 35 -1.94 15.37 -9.58
N PRO A 36 -1.01 14.40 -9.58
CA PRO A 36 -0.22 14.11 -10.80
C PRO A 36 -1.02 13.13 -11.67
N TYR A 37 -2.25 13.56 -11.99
CA TYR A 37 -3.34 12.76 -12.60
C TYR A 37 -3.90 11.63 -11.71
N VAL A 38 -3.03 11.03 -10.92
CA VAL A 38 -3.30 9.89 -10.02
C VAL A 38 -2.87 10.17 -8.58
N GLY A 39 -3.44 9.38 -7.67
CA GLY A 39 -3.01 9.34 -6.26
C GLY A 39 -1.79 8.41 -6.12
N PHE A 40 -0.98 8.67 -5.10
CA PHE A 40 0.22 7.86 -4.82
C PHE A 40 0.11 7.19 -3.45
N GLU A 41 0.12 5.86 -3.47
CA GLU A 41 -0.02 5.04 -2.25
C GLU A 41 1.33 4.36 -2.02
N MET A 42 1.99 4.81 -0.96
CA MET A 42 3.36 4.38 -0.63
C MET A 42 3.46 4.07 0.87
N GLY A 43 4.12 2.96 1.16
CA GLY A 43 4.34 2.52 2.54
C GLY A 43 5.28 1.30 2.64
N TYR A 44 5.54 0.93 3.88
CA TYR A 44 6.55 -0.09 4.22
C TYR A 44 5.96 -1.36 4.85
N ASP A 45 6.62 -2.45 4.49
CA ASP A 45 6.36 -3.81 5.01
C ASP A 45 7.61 -4.32 5.74
N TRP A 46 7.41 -4.58 7.03
CA TRP A 46 8.46 -5.12 7.91
C TRP A 46 7.94 -6.36 8.66
N LEU A 47 8.90 -7.22 9.00
CA LEU A 47 8.68 -8.53 9.67
C LEU A 47 10.03 -9.23 9.95
N GLY A 48 10.88 -9.23 8.94
CA GLY A 48 12.24 -9.82 8.97
C GLY A 48 13.19 -9.10 9.94
N ARG A 49 13.28 -9.62 11.15
CA ARG A 49 14.27 -9.17 12.15
C ARG A 49 15.73 -9.52 11.78
N MET A 50 16.26 -8.69 10.89
CA MET A 50 17.64 -8.82 10.37
C MET A 50 18.54 -7.62 10.71
N PRO A 51 19.80 -7.88 11.10
CA PRO A 51 20.80 -6.81 11.27
C PRO A 51 21.27 -6.26 9.93
N ARG A 52 21.33 -4.93 9.88
CA ARG A 52 21.64 -4.12 8.67
C ARG A 52 20.67 -4.43 7.51
N LYS A 53 19.63 -3.60 7.45
CA LYS A 53 18.46 -3.74 6.55
C LYS A 53 17.60 -4.97 6.87
N ALA A 54 16.30 -4.85 6.59
CA ALA A 54 15.24 -5.67 7.22
C ALA A 54 13.82 -5.48 6.67
N GLN A 55 13.60 -4.34 6.01
CA GLN A 55 12.28 -3.89 5.52
C GLN A 55 12.20 -3.82 3.98
N GLY A 56 10.96 -3.86 3.50
CA GLY A 56 10.61 -3.58 2.10
C GLY A 56 9.61 -2.42 2.01
N VAL A 57 9.71 -1.67 0.91
CA VAL A 57 8.82 -0.53 0.65
C VAL A 57 8.04 -0.76 -0.67
N GLN A 58 6.73 -0.53 -0.57
CA GLN A 58 5.79 -0.70 -1.69
C GLN A 58 5.14 0.65 -2.04
N LEU A 59 5.24 0.94 -3.34
CA LEU A 59 4.71 2.18 -3.96
C LEU A 59 3.85 1.85 -5.18
N THR A 60 2.57 2.23 -5.05
CA THR A 60 1.55 2.07 -6.11
C THR A 60 0.94 3.42 -6.52
N ALA A 61 0.63 3.49 -7.80
CA ALA A 61 -0.14 4.61 -8.40
C ALA A 61 -1.62 4.19 -8.42
N LYS A 62 -2.41 4.93 -7.66
CA LYS A 62 -3.82 4.62 -7.41
C LYS A 62 -4.79 5.59 -8.12
N LEU A 63 -5.81 4.98 -8.71
CA LEU A 63 -6.96 5.72 -9.24
C LEU A 63 -8.25 5.09 -8.69
N GLY A 64 -9.15 5.98 -8.28
CA GLY A 64 -10.48 5.64 -7.73
C GLY A 64 -11.58 6.31 -8.56
N TYR A 65 -12.66 5.58 -8.84
CA TYR A 65 -13.80 6.16 -9.59
C TYR A 65 -15.09 6.26 -8.77
N PRO A 66 -15.51 7.48 -8.42
CA PRO A 66 -16.81 7.72 -7.77
C PRO A 66 -17.94 7.55 -8.80
N LYS A 67 -18.45 6.32 -8.85
CA LYS A 67 -19.50 5.88 -9.80
C LYS A 67 -20.68 6.85 -9.93
N LEU A 68 -21.18 7.33 -8.79
CA LEU A 68 -22.30 8.29 -8.68
C LEU A 68 -22.43 8.77 -7.21
N GLY A 69 -23.05 9.94 -7.06
CA GLY A 69 -23.35 10.54 -5.76
C GLY A 69 -22.67 11.90 -5.61
N THR A 70 -21.45 11.87 -5.06
CA THR A 70 -20.62 13.09 -4.87
C THR A 70 -19.14 12.67 -4.72
N ASP A 71 -18.66 12.50 -3.49
CA ASP A 71 -17.25 12.20 -3.18
C ASP A 71 -17.17 11.51 -1.81
N ASP A 72 -17.15 10.18 -1.88
CA ASP A 72 -17.30 9.29 -0.71
C ASP A 72 -16.76 7.88 -1.01
N LEU A 73 -17.33 7.26 -2.04
CA LEU A 73 -16.93 5.92 -2.50
C LEU A 73 -16.33 5.97 -3.90
N ASP A 74 -15.10 5.47 -3.98
CA ASP A 74 -14.31 5.42 -5.22
C ASP A 74 -13.83 4.00 -5.53
N ILE A 75 -14.47 3.39 -6.53
CA ILE A 75 -14.18 2.01 -6.95
C ILE A 75 -13.37 2.01 -8.27
N TYR A 76 -12.10 1.67 -8.09
CA TYR A 76 -11.06 1.63 -9.14
C TYR A 76 -9.77 0.93 -8.64
N THR A 77 -8.73 1.00 -9.47
CA THR A 77 -7.54 0.13 -9.36
C THR A 77 -6.25 0.92 -9.13
N ARG A 78 -5.30 0.24 -8.51
CA ARG A 78 -3.92 0.71 -8.33
C ARG A 78 -2.87 -0.31 -8.80
N LEU A 79 -1.83 0.22 -9.43
CA LEU A 79 -0.69 -0.59 -9.91
C LEU A 79 0.63 0.11 -9.54
N GLY A 80 1.61 -0.70 -9.16
CA GLY A 80 2.96 -0.24 -8.81
C GLY A 80 3.92 -1.41 -8.56
N GLY A 81 4.80 -1.21 -7.58
CA GLY A 81 5.87 -2.16 -7.24
C GLY A 81 6.42 -1.97 -5.83
N MET A 82 6.98 -3.07 -5.33
CA MET A 82 7.73 -3.09 -4.06
C MET A 82 9.22 -3.39 -4.27
N VAL A 83 10.01 -2.64 -3.51
CA VAL A 83 11.49 -2.73 -3.50
C VAL A 83 11.89 -3.13 -2.07
N TRP A 84 12.79 -4.09 -1.96
CA TRP A 84 13.18 -4.66 -0.66
C TRP A 84 14.64 -4.35 -0.29
N ARG A 85 14.84 -4.08 1.00
CA ARG A 85 16.16 -3.66 1.53
C ARG A 85 16.81 -4.71 2.44
N ALA A 86 17.80 -5.38 1.83
CA ALA A 86 18.71 -6.31 2.51
C ALA A 86 20.19 -5.89 2.28
N ASP A 87 21.00 -6.11 3.30
CA ASP A 87 22.45 -5.75 3.31
C ASP A 87 23.28 -6.38 2.18
N THR A 88 24.28 -5.63 1.74
CA THR A 88 25.32 -6.09 0.79
C THR A 88 26.66 -6.29 1.51
N SER A 89 27.31 -7.39 1.15
CA SER A 89 28.63 -7.85 1.66
C SER A 89 28.67 -8.15 3.17
N ASP A 90 29.47 -9.16 3.50
CA ASP A 90 29.62 -9.70 4.88
C ASP A 90 30.69 -10.80 4.97
N LYS A 91 30.66 -11.74 4.02
CA LYS A 91 31.63 -12.85 3.95
C LYS A 91 33.08 -12.35 3.77
N ASP A 92 33.98 -13.07 4.43
CA ASP A 92 35.43 -12.76 4.45
C ASP A 92 36.26 -13.85 3.74
N GLY A 93 37.45 -13.45 3.31
CA GLY A 93 38.44 -14.34 2.67
C GLY A 93 38.92 -13.78 1.33
N ASN A 94 38.30 -14.25 0.26
CA ASN A 94 38.62 -13.83 -1.12
C ASN A 94 37.35 -13.41 -1.87
N GLY A 95 37.53 -12.54 -2.86
CA GLY A 95 36.42 -11.84 -3.54
C GLY A 95 36.39 -12.14 -5.05
N TYR A 96 35.16 -12.17 -5.56
CA TYR A 96 34.88 -12.43 -6.99
C TYR A 96 34.12 -11.27 -7.66
N ILE A 97 32.80 -11.26 -7.53
CA ILE A 97 31.93 -10.21 -8.12
C ILE A 97 31.07 -9.50 -7.06
N SER A 98 30.92 -8.20 -7.25
CA SER A 98 30.01 -7.35 -6.46
C SER A 98 28.54 -7.73 -6.69
N ALA A 99 28.08 -8.68 -5.87
CA ALA A 99 26.72 -9.27 -5.94
C ALA A 99 25.54 -8.28 -5.96
N ALA A 100 25.64 -7.22 -5.15
CA ALA A 100 24.62 -6.15 -5.00
C ALA A 100 23.22 -6.64 -4.58
N GLU A 101 22.40 -5.68 -4.12
CA GLU A 101 20.99 -5.91 -3.81
C GLU A 101 20.07 -4.93 -4.56
N ALA A 102 19.67 -5.37 -5.75
CA ALA A 102 18.72 -4.61 -6.60
C ALA A 102 17.55 -5.52 -7.03
N SER A 103 16.49 -5.45 -6.23
CA SER A 103 15.27 -6.24 -6.47
C SER A 103 13.99 -5.40 -6.42
N VAL A 104 13.16 -5.65 -7.43
CA VAL A 104 11.82 -5.04 -7.60
C VAL A 104 10.77 -6.13 -7.86
N SER A 105 9.59 -5.93 -7.29
CA SER A 105 8.44 -6.83 -7.52
C SER A 105 7.13 -6.08 -7.78
N PRO A 106 6.64 -6.10 -9.04
CA PRO A 106 5.40 -5.40 -9.43
C PRO A 106 4.16 -5.99 -8.75
N VAL A 107 3.28 -5.08 -8.35
CA VAL A 107 2.02 -5.39 -7.63
C VAL A 107 0.83 -4.62 -8.23
N PHE A 108 -0.29 -5.33 -8.31
CA PHE A 108 -1.58 -4.77 -8.76
C PHE A 108 -2.68 -5.05 -7.73
N ALA A 109 -3.50 -4.03 -7.50
CA ALA A 109 -4.67 -4.13 -6.60
C ALA A 109 -5.91 -3.41 -7.19
N GLY A 110 -7.05 -4.07 -7.06
CA GLY A 110 -8.35 -3.51 -7.50
C GLY A 110 -9.42 -3.58 -6.40
N GLY A 111 -10.19 -2.51 -6.26
CA GLY A 111 -11.31 -2.48 -5.30
C GLY A 111 -11.95 -1.11 -5.10
N VAL A 112 -12.44 -0.89 -3.88
CA VAL A 112 -13.13 0.35 -3.49
C VAL A 112 -12.48 1.01 -2.26
N GLU A 113 -12.26 2.30 -2.43
CA GLU A 113 -11.76 3.20 -1.37
C GLU A 113 -12.85 4.20 -0.98
N TYR A 114 -13.21 4.16 0.30
CA TYR A 114 -14.22 5.06 0.89
C TYR A 114 -13.58 6.00 1.92
N VAL A 115 -14.02 7.25 1.82
CA VAL A 115 -13.67 8.32 2.77
C VAL A 115 -14.97 8.84 3.43
N ILE A 116 -14.87 9.03 4.74
CA ILE A 116 -16.00 9.53 5.56
C ILE A 116 -16.42 10.95 5.17
N ARG A 117 -17.74 11.16 5.23
CA ARG A 117 -18.31 12.51 5.13
C ARG A 117 -18.43 13.14 6.54
N ARG A 118 -19.58 12.96 7.21
CA ARG A 118 -19.82 13.47 8.56
C ARG A 118 -20.11 12.34 9.56
N ARG A 119 -19.17 12.20 10.50
CA ARG A 119 -19.17 11.21 11.60
C ARG A 119 -18.07 11.54 12.62
N ILE A 120 -18.07 10.80 13.72
CA ILE A 120 -17.04 10.91 14.78
C ILE A 120 -15.63 10.75 14.19
N THR A 121 -14.81 11.76 14.47
CA THR A 121 -13.46 11.96 13.87
C THR A 121 -13.57 12.01 12.32
N PRO A 122 -14.08 13.13 11.76
CA PRO A 122 -14.31 13.26 10.31
C PRO A 122 -13.01 13.53 9.53
N GLU A 123 -12.23 12.46 9.43
CA GLU A 123 -10.97 12.38 8.66
C GLU A 123 -10.50 10.94 8.40
N ILE A 124 -11.43 10.00 8.30
CA ILE A 124 -11.07 8.57 8.20
C ILE A 124 -11.48 7.92 6.87
N ALA A 125 -10.53 7.15 6.35
CA ALA A 125 -10.69 6.40 5.09
C ALA A 125 -10.45 4.89 5.30
N THR A 126 -11.28 4.14 4.60
CA THR A 126 -11.23 2.67 4.53
C THR A 126 -11.13 2.21 3.06
N ARG A 127 -10.01 1.58 2.77
CA ARG A 127 -9.64 1.17 1.40
C ARG A 127 -9.56 -0.36 1.31
N LEU A 128 -10.55 -0.93 0.63
CA LEU A 128 -10.66 -2.40 0.50
C LEU A 128 -10.53 -2.85 -0.96
N GLU A 129 -9.40 -3.51 -1.20
CA GLU A 129 -8.94 -3.93 -2.53
C GLU A 129 -8.26 -5.31 -2.50
N TYR A 130 -8.35 -6.04 -3.59
CA TYR A 130 -7.64 -7.33 -3.71
C TYR A 130 -6.32 -7.08 -4.46
N GLN A 131 -5.25 -7.55 -3.85
CA GLN A 131 -3.88 -7.43 -4.40
C GLN A 131 -3.39 -8.77 -4.97
N TRP A 132 -3.03 -8.68 -6.24
CA TRP A 132 -2.50 -9.78 -7.06
C TRP A 132 -1.16 -9.39 -7.70
N THR A 133 -0.31 -10.42 -7.83
CA THR A 133 1.10 -10.30 -8.26
C THR A 133 1.66 -11.67 -8.66
N ASN A 134 2.16 -12.44 -7.70
CA ASN A 134 2.61 -13.85 -7.88
C ASN A 134 1.65 -14.68 -8.74
N ASN A 135 2.24 -15.49 -9.62
CA ASN A 135 1.54 -16.34 -10.61
C ASN A 135 0.35 -17.14 -10.05
N ALA A 136 -0.83 -16.60 -10.36
CA ALA A 136 -2.14 -17.16 -9.95
C ALA A 136 -3.26 -16.91 -10.97
N SER A 137 -3.38 -15.66 -11.44
CA SER A 137 -4.28 -15.25 -12.54
C SER A 137 -5.76 -15.69 -12.38
N ASP A 138 -6.23 -15.58 -11.14
CA ASP A 138 -7.58 -16.03 -10.72
C ASP A 138 -8.07 -15.18 -9.54
N ASN A 139 -7.55 -15.46 -8.34
CA ASN A 139 -7.80 -14.65 -7.14
C ASN A 139 -6.47 -14.17 -6.53
N GLY A 140 -6.58 -13.09 -5.75
CA GLY A 140 -5.47 -12.49 -5.01
C GLY A 140 -5.73 -12.56 -3.50
N MET A 141 -5.20 -11.56 -2.80
CA MET A 141 -5.40 -11.39 -1.36
C MET A 141 -6.14 -10.07 -1.08
N LEU A 142 -7.13 -10.14 -0.20
CA LEU A 142 -7.97 -8.97 0.13
C LEU A 142 -7.31 -8.09 1.20
N SER A 143 -6.72 -7.02 0.68
CA SER A 143 -6.06 -5.98 1.50
C SER A 143 -7.05 -4.86 1.81
N LEU A 144 -7.17 -4.63 3.10
CA LEU A 144 -7.92 -3.48 3.63
C LEU A 144 -6.96 -2.55 4.39
N GLY A 145 -7.03 -1.30 3.97
CA GLY A 145 -6.19 -0.20 4.46
C GLY A 145 -7.05 0.84 5.18
N VAL A 146 -6.83 0.90 6.49
CA VAL A 146 -7.49 1.90 7.34
C VAL A 146 -6.49 3.04 7.62
N SER A 147 -6.96 4.24 7.33
CA SER A 147 -6.12 5.45 7.35
C SER A 147 -6.89 6.71 7.76
N TYR A 148 -6.13 7.66 8.29
CA TYR A 148 -6.64 9.00 8.64
C TYR A 148 -5.96 10.09 7.81
N ARG A 149 -6.78 11.08 7.47
CA ARG A 149 -6.37 12.25 6.68
C ARG A 149 -5.47 13.15 7.53
N PHE A 150 -4.31 13.43 6.95
CA PHE A 150 -3.27 14.26 7.57
C PHE A 150 -3.63 15.75 7.46
N GLY A 151 -4.56 16.13 8.33
CA GLY A 151 -5.14 17.49 8.44
C GLY A 151 -4.13 18.64 8.44
N GLN A 152 -2.97 18.38 9.08
CA GLN A 152 -1.78 19.24 9.12
C GLN A 152 -2.02 20.61 9.79
N GLY A 153 -1.05 20.98 10.64
CA GLY A 153 -1.05 22.18 11.50
C GLY A 153 -1.67 23.41 10.81
N GLU A 154 -1.00 23.82 9.73
CA GLU A 154 -1.60 24.70 8.71
C GLU A 154 -1.44 24.07 7.32
N ALA A 155 -2.47 23.30 6.93
CA ALA A 155 -2.55 22.71 5.58
C ALA A 155 -2.61 23.76 4.46
N ALA A 156 -1.42 24.15 4.03
CA ALA A 156 -1.22 25.15 2.95
C ALA A 156 -0.80 24.54 1.59
N MET A 1 2.32 25.15 -9.84
CA MET A 1 2.60 23.70 -9.69
C MET A 1 1.67 22.97 -8.68
N PRO A 2 1.16 21.78 -9.04
CA PRO A 2 0.33 20.95 -8.16
C PRO A 2 1.10 20.42 -6.93
N LYS A 3 2.30 19.90 -7.16
CA LYS A 3 3.34 19.50 -6.18
C LYS A 3 2.94 18.37 -5.19
N ASP A 4 1.88 18.62 -4.42
CA ASP A 4 1.30 17.72 -3.41
C ASP A 4 -0.07 18.28 -2.97
N ASN A 5 -1.01 18.09 -3.88
CA ASN A 5 -2.41 18.56 -3.80
C ASN A 5 -3.09 18.08 -2.52
N THR A 6 -2.73 16.85 -2.13
CA THR A 6 -3.16 16.16 -0.90
C THR A 6 -2.07 15.15 -0.50
N TRP A 7 -1.87 15.02 0.80
CA TRP A 7 -0.95 14.02 1.37
C TRP A 7 -1.77 12.84 1.88
N TYR A 8 -1.35 11.65 1.49
CA TYR A 8 -2.14 10.40 1.63
C TYR A 8 -1.35 9.32 2.38
N THR A 9 -1.71 9.08 3.64
CA THR A 9 -1.02 8.08 4.48
C THR A 9 -2.02 7.04 5.00
N GLY A 10 -1.67 5.77 4.81
CA GLY A 10 -2.56 4.63 5.10
C GLY A 10 -1.89 3.43 5.79
N ALA A 11 -2.73 2.74 6.56
CA ALA A 11 -2.38 1.44 7.16
C ALA A 11 -3.35 0.38 6.61
N LYS A 12 -2.77 -0.66 6.03
CA LYS A 12 -3.54 -1.77 5.43
C LYS A 12 -2.95 -3.17 5.70
N LEU A 13 -3.86 -4.14 5.65
CA LEU A 13 -3.57 -5.58 5.79
C LEU A 13 -4.00 -6.38 4.54
N GLY A 14 -3.43 -7.58 4.44
CA GLY A 14 -3.68 -8.50 3.32
C GLY A 14 -4.25 -9.83 3.83
N TRP A 15 -5.57 -9.95 3.79
CA TRP A 15 -6.29 -11.10 4.38
C TRP A 15 -6.74 -12.09 3.29
N SER A 16 -6.30 -13.33 3.45
CA SER A 16 -6.63 -14.43 2.51
C SER A 16 -7.69 -15.38 3.07
N GLN A 17 -8.65 -15.68 2.20
CA GLN A 17 -9.86 -16.47 2.52
C GLN A 17 -9.56 -17.92 2.94
N TYR A 18 -8.86 -18.65 2.07
CA TYR A 18 -8.46 -20.05 2.34
C TYR A 18 -6.94 -20.22 2.33
N SER A 19 -6.40 -19.98 3.53
CA SER A 19 -4.96 -20.13 3.82
C SER A 19 -4.73 -20.81 5.18
N ARG A 20 -3.82 -21.78 5.18
CA ARG A 20 -3.48 -22.63 6.34
C ARG A 20 -3.07 -21.85 7.61
N GLU A 21 -1.84 -21.35 7.63
CA GLU A 21 -1.30 -20.55 8.76
C GLU A 21 -0.68 -19.25 8.24
N ASN A 22 -1.49 -18.20 8.27
CA ASN A 22 -1.09 -16.86 7.80
C ASN A 22 -1.21 -15.76 8.86
N GLN A 23 -0.32 -14.78 8.72
CA GLN A 23 -0.40 -13.49 9.43
C GLN A 23 -1.51 -12.61 8.82
N LEU A 24 -2.04 -11.71 9.64
CA LEU A 24 -3.01 -10.68 9.20
C LEU A 24 -2.45 -9.65 8.20
N GLY A 25 -1.15 -9.35 8.37
CA GLY A 25 -0.43 -8.31 7.61
C GLY A 25 -0.50 -6.94 8.32
N ALA A 26 0.62 -6.24 8.29
CA ALA A 26 0.76 -4.89 8.88
C ALA A 26 1.63 -4.01 7.98
N GLY A 27 0.94 -3.38 7.03
CA GLY A 27 1.55 -2.50 6.02
C GLY A 27 1.05 -1.06 6.16
N ALA A 28 1.79 -0.26 6.93
CA ALA A 28 1.44 1.16 7.10
C ALA A 28 2.58 2.03 6.57
N PHE A 29 2.21 2.86 5.59
CA PHE A 29 3.07 3.87 4.95
C PHE A 29 2.24 4.94 4.21
N GLY A 30 2.95 5.89 3.60
CA GLY A 30 2.34 7.10 3.03
C GLY A 30 2.66 7.26 1.54
N GLY A 31 2.14 8.36 1.00
CA GLY A 31 2.41 8.82 -0.37
C GLY A 31 1.72 10.15 -0.68
N TYR A 32 1.48 10.33 -1.98
CA TYR A 32 1.08 11.60 -2.58
C TYR A 32 -0.21 11.49 -3.42
N GLN A 33 -1.05 12.50 -3.25
CA GLN A 33 -2.19 12.71 -4.16
C GLN A 33 -1.97 14.04 -4.90
N VAL A 34 -1.33 13.86 -6.04
CA VAL A 34 -1.06 14.94 -7.01
C VAL A 34 -1.97 14.78 -8.26
N ASN A 35 -2.31 13.52 -8.56
CA ASN A 35 -3.12 13.07 -9.70
C ASN A 35 -2.71 13.61 -11.10
N PRO A 36 -1.45 13.45 -11.52
CA PRO A 36 -1.04 13.73 -12.92
C PRO A 36 -1.64 12.70 -13.91
N TYR A 37 -1.99 11.55 -13.35
CA TYR A 37 -2.51 10.33 -13.99
C TYR A 37 -3.08 9.39 -12.91
N VAL A 38 -2.29 9.21 -11.86
CA VAL A 38 -2.60 8.35 -10.70
C VAL A 38 -2.28 9.03 -9.35
N GLY A 39 -2.90 8.50 -8.31
CA GLY A 39 -2.47 8.71 -6.91
C GLY A 39 -1.33 7.74 -6.58
N PHE A 40 -0.41 8.16 -5.72
CA PHE A 40 0.77 7.36 -5.35
C PHE A 40 0.76 6.99 -3.88
N GLU A 41 0.88 5.69 -3.60
CA GLU A 41 0.85 5.17 -2.22
C GLU A 41 1.83 4.00 -2.01
N MET A 42 2.56 4.10 -0.90
CA MET A 42 3.46 3.03 -0.46
C MET A 42 3.07 2.63 0.96
N GLY A 43 3.06 1.32 1.19
CA GLY A 43 2.77 0.66 2.47
C GLY A 43 3.99 -0.15 2.97
N TYR A 44 4.36 0.07 4.23
CA TYR A 44 5.56 -0.56 4.83
C TYR A 44 5.13 -1.68 5.77
N ASP A 45 5.47 -2.89 5.35
CA ASP A 45 5.14 -4.12 6.10
C ASP A 45 6.40 -4.68 6.77
N TRP A 46 6.33 -4.73 8.09
CA TRP A 46 7.43 -5.25 8.92
C TRP A 46 6.95 -6.44 9.78
N LEU A 47 7.47 -7.60 9.39
CA LEU A 47 7.23 -8.90 10.05
C LEU A 47 7.74 -8.94 11.51
N GLY A 48 8.80 -8.18 11.77
CA GLY A 48 9.45 -8.08 13.08
C GLY A 48 10.96 -8.40 12.99
N ARG A 49 11.46 -8.99 14.08
CA ARG A 49 12.88 -9.37 14.23
C ARG A 49 13.26 -10.66 13.47
N MET A 50 13.21 -10.54 12.13
CA MET A 50 13.50 -11.66 11.22
C MET A 50 14.72 -11.37 10.31
N PRO A 51 15.89 -11.95 10.63
CA PRO A 51 17.09 -11.84 9.78
C PRO A 51 16.97 -12.74 8.53
N ARG A 52 16.08 -12.31 7.65
CA ARG A 52 15.71 -12.96 6.38
C ARG A 52 14.71 -12.03 5.66
N LYS A 53 13.41 -12.29 5.79
CA LYS A 53 12.33 -11.43 5.26
C LYS A 53 11.51 -10.81 6.38
N ALA A 54 11.95 -9.62 6.75
CA ALA A 54 11.30 -8.80 7.79
C ALA A 54 10.62 -7.53 7.26
N GLN A 55 11.37 -6.70 6.53
CA GLN A 55 10.89 -5.37 6.12
C GLN A 55 10.75 -5.25 4.59
N GLY A 56 9.48 -5.34 4.20
CA GLY A 56 9.03 -5.28 2.81
C GLY A 56 8.08 -4.10 2.57
N VAL A 57 8.24 -3.51 1.41
CA VAL A 57 7.44 -2.34 0.98
C VAL A 57 6.55 -2.69 -0.22
N GLN A 58 5.30 -2.25 -0.13
CA GLN A 58 4.35 -2.38 -1.24
C GLN A 58 4.10 -0.97 -1.80
N LEU A 59 4.49 -0.85 -3.05
CA LEU A 59 4.43 0.41 -3.82
C LEU A 59 3.40 0.25 -4.95
N THR A 60 2.32 1.01 -4.78
CA THR A 60 1.18 0.99 -5.71
C THR A 60 0.73 2.38 -6.16
N ALA A 61 0.26 2.39 -7.40
CA ALA A 61 -0.39 3.54 -8.03
C ALA A 61 -1.92 3.31 -8.08
N LYS A 62 -2.64 4.35 -7.69
CA LYS A 62 -4.10 4.32 -7.51
C LYS A 62 -4.83 5.06 -8.63
N LEU A 63 -5.57 4.26 -9.40
CA LEU A 63 -6.35 4.70 -10.56
C LEU A 63 -7.84 4.43 -10.32
N GLY A 64 -8.67 5.35 -10.81
CA GLY A 64 -10.14 5.29 -10.68
C GLY A 64 -10.74 6.66 -10.32
N TYR A 65 -11.94 6.62 -9.73
CA TYR A 65 -12.78 7.81 -9.54
C TYR A 65 -13.97 7.61 -8.57
N PRO A 66 -14.53 8.70 -8.01
CA PRO A 66 -15.84 8.69 -7.35
C PRO A 66 -16.97 8.30 -8.33
N LYS A 67 -17.39 7.06 -8.14
CA LYS A 67 -18.43 6.39 -8.95
C LYS A 67 -19.20 5.46 -8.01
N LEU A 68 -20.49 5.28 -8.31
CA LEU A 68 -21.53 4.71 -7.41
C LEU A 68 -21.88 5.69 -6.27
N GLY A 69 -20.84 6.22 -5.61
CA GLY A 69 -20.94 7.33 -4.65
C GLY A 69 -20.09 8.52 -5.10
N THR A 70 -20.74 9.67 -5.20
CA THR A 70 -20.07 10.96 -5.50
C THR A 70 -19.13 11.33 -4.33
N ASP A 71 -19.71 11.40 -3.14
CA ASP A 71 -18.97 11.57 -1.87
C ASP A 71 -19.52 10.57 -0.85
N ASP A 72 -19.03 9.34 -0.98
CA ASP A 72 -19.42 8.17 -0.16
C ASP A 72 -18.44 7.02 -0.43
N LEU A 73 -18.61 6.38 -1.59
CA LEU A 73 -17.72 5.31 -2.06
C LEU A 73 -17.15 5.64 -3.44
N ASP A 74 -15.84 5.48 -3.54
CA ASP A 74 -15.08 5.76 -4.77
C ASP A 74 -14.37 4.46 -5.21
N ILE A 75 -14.45 4.20 -6.51
CA ILE A 75 -13.92 2.96 -7.10
C ILE A 75 -12.47 3.18 -7.55
N TYR A 76 -11.60 2.41 -6.90
CA TYR A 76 -10.14 2.52 -7.08
C TYR A 76 -9.41 1.18 -7.20
N THR A 77 -8.47 1.20 -8.13
CA THR A 77 -7.52 0.11 -8.39
C THR A 77 -6.10 0.57 -8.03
N ARG A 78 -5.35 -0.39 -7.50
CA ARG A 78 -3.93 -0.23 -7.16
C ARG A 78 -3.09 -1.16 -8.04
N LEU A 79 -2.16 -0.55 -8.75
CA LEU A 79 -1.22 -1.27 -9.64
C LEU A 79 0.22 -1.02 -9.18
N GLY A 80 0.90 -2.12 -8.89
CA GLY A 80 2.31 -2.11 -8.44
C GLY A 80 2.70 -3.48 -7.87
N GLY A 81 3.29 -3.46 -6.69
CA GLY A 81 3.61 -4.68 -5.93
C GLY A 81 4.48 -4.46 -4.69
N MET A 82 5.00 -5.59 -4.18
CA MET A 82 5.79 -5.62 -2.94
C MET A 82 7.22 -6.13 -3.18
N VAL A 83 8.16 -5.35 -2.67
CA VAL A 83 9.60 -5.64 -2.68
C VAL A 83 10.12 -5.65 -1.24
N TRP A 84 10.92 -6.64 -0.92
CA TRP A 84 11.64 -6.74 0.37
C TRP A 84 13.12 -6.47 0.16
N ARG A 85 13.57 -5.41 0.84
CA ARG A 85 14.92 -4.83 0.62
C ARG A 85 15.82 -4.81 1.87
N ALA A 86 15.28 -4.33 2.99
CA ALA A 86 15.97 -4.14 4.29
C ALA A 86 17.18 -3.18 4.24
N ASP A 87 18.33 -3.64 3.75
CA ASP A 87 19.61 -2.89 3.73
C ASP A 87 20.71 -3.64 2.96
N THR A 88 21.04 -3.11 1.78
CA THR A 88 22.02 -3.73 0.87
C THR A 88 23.27 -2.83 0.76
N SER A 89 24.27 -3.18 1.57
CA SER A 89 25.55 -2.44 1.65
C SER A 89 26.75 -3.38 1.84
N ASP A 90 27.94 -2.87 1.48
CA ASP A 90 29.19 -3.64 1.53
C ASP A 90 30.03 -3.30 2.77
N LYS A 91 29.85 -4.12 3.80
CA LYS A 91 30.60 -4.03 5.07
C LYS A 91 32.11 -4.32 4.90
N ASP A 92 32.80 -3.24 4.54
CA ASP A 92 34.26 -3.17 4.30
C ASP A 92 34.68 -1.73 3.97
N GLY A 93 34.04 -1.17 2.93
CA GLY A 93 34.41 0.14 2.36
C GLY A 93 34.74 0.01 0.86
N ASN A 94 35.59 -0.97 0.53
CA ASN A 94 35.87 -1.34 -0.87
C ASN A 94 34.65 -1.96 -1.58
N GLY A 95 34.68 -1.84 -2.92
CA GLY A 95 33.66 -2.42 -3.81
C GLY A 95 33.01 -1.32 -4.66
N TYR A 96 31.85 -0.86 -4.19
CA TYR A 96 30.98 0.12 -4.85
C TYR A 96 30.75 -0.18 -6.34
N ILE A 97 29.72 -1.01 -6.57
CA ILE A 97 29.38 -1.53 -7.90
C ILE A 97 27.93 -2.07 -7.90
N SER A 98 27.26 -1.86 -9.02
CA SER A 98 25.84 -2.25 -9.28
C SER A 98 24.85 -1.52 -8.36
N ALA A 99 23.57 -1.73 -8.64
CA ALA A 99 22.44 -1.11 -7.92
C ALA A 99 21.55 -2.18 -7.27
N ALA A 100 20.89 -1.78 -6.18
CA ALA A 100 19.93 -2.64 -5.44
C ALA A 100 18.67 -2.94 -6.29
N GLU A 101 18.80 -4.01 -7.06
CA GLU A 101 17.78 -4.49 -8.01
C GLU A 101 16.49 -4.97 -7.33
N ALA A 102 15.59 -4.01 -7.17
CA ALA A 102 14.20 -4.24 -6.71
C ALA A 102 13.37 -5.04 -7.72
N SER A 103 12.49 -5.90 -7.19
CA SER A 103 11.57 -6.71 -8.01
C SER A 103 10.47 -5.85 -8.65
N VAL A 104 10.14 -6.16 -9.90
CA VAL A 104 8.96 -5.62 -10.61
C VAL A 104 7.62 -5.97 -9.91
N SER A 105 7.63 -7.10 -9.18
CA SER A 105 6.52 -7.63 -8.35
C SER A 105 5.11 -7.32 -8.88
N PRO A 106 4.71 -7.97 -9.99
CA PRO A 106 3.45 -7.65 -10.71
C PRO A 106 2.17 -8.02 -9.95
N VAL A 107 1.64 -7.02 -9.25
CA VAL A 107 0.40 -7.14 -8.44
C VAL A 107 -0.62 -6.08 -8.90
N PHE A 108 -1.85 -6.58 -9.05
CA PHE A 108 -3.02 -5.77 -9.43
C PHE A 108 -4.12 -5.91 -8.36
N ALA A 109 -4.55 -4.79 -7.82
CA ALA A 109 -5.64 -4.73 -6.83
C ALA A 109 -6.79 -3.84 -7.34
N GLY A 110 -8.02 -4.33 -7.14
CA GLY A 110 -9.24 -3.59 -7.52
C GLY A 110 -10.31 -3.62 -6.43
N GLY A 111 -10.91 -2.46 -6.17
CA GLY A 111 -12.02 -2.33 -5.22
C GLY A 111 -12.50 -0.88 -5.02
N VAL A 112 -12.93 -0.61 -3.79
CA VAL A 112 -13.51 0.69 -3.40
C VAL A 112 -12.93 1.24 -2.08
N GLU A 113 -12.99 2.56 -1.98
CA GLU A 113 -12.75 3.27 -0.70
C GLU A 113 -13.99 4.07 -0.29
N TYR A 114 -14.23 4.10 1.01
CA TYR A 114 -15.34 4.84 1.64
C TYR A 114 -14.85 5.95 2.57
N VAL A 115 -15.54 7.08 2.48
CA VAL A 115 -15.25 8.26 3.32
C VAL A 115 -16.24 8.37 4.49
N ILE A 116 -15.74 8.00 5.67
CA ILE A 116 -16.56 7.93 6.89
C ILE A 116 -16.78 9.31 7.56
N ARG A 117 -17.80 9.97 7.03
CA ARG A 117 -18.26 11.31 7.47
C ARG A 117 -19.68 11.20 8.05
N ARG A 118 -19.71 11.23 9.38
CA ARG A 118 -20.94 11.21 10.22
C ARG A 118 -20.48 11.49 11.67
N ARG A 119 -20.05 10.43 12.36
CA ARG A 119 -19.33 10.55 13.64
C ARG A 119 -17.93 11.14 13.44
N ILE A 120 -17.43 11.74 14.52
CA ILE A 120 -16.09 12.38 14.60
C ILE A 120 -14.93 11.39 14.30
N THR A 121 -14.49 11.44 13.05
CA THR A 121 -13.40 10.60 12.52
C THR A 121 -12.13 11.42 12.23
N PRO A 122 -10.95 10.92 12.62
CA PRO A 122 -9.67 11.63 12.42
C PRO A 122 -9.17 11.60 10.96
N GLU A 123 -9.85 12.39 10.12
CA GLU A 123 -9.51 12.65 8.69
C GLU A 123 -9.26 11.37 7.86
N ILE A 124 -10.08 10.35 8.13
CA ILE A 124 -9.80 8.97 7.69
C ILE A 124 -10.93 8.36 6.84
N ALA A 125 -10.48 7.59 5.85
CA ALA A 125 -11.28 6.78 4.93
C ALA A 125 -10.88 5.29 5.03
N THR A 126 -11.80 4.43 4.64
CA THR A 126 -11.57 2.97 4.61
C THR A 126 -11.40 2.46 3.18
N ARG A 127 -10.36 1.65 3.00
CA ARG A 127 -10.02 1.06 1.69
C ARG A 127 -10.22 -0.47 1.75
N LEU A 128 -10.93 -0.96 0.73
CA LEU A 128 -11.14 -2.41 0.52
C LEU A 128 -10.99 -2.79 -0.97
N GLU A 129 -9.91 -3.52 -1.24
CA GLU A 129 -9.53 -3.99 -2.59
C GLU A 129 -9.18 -5.49 -2.62
N TYR A 130 -9.43 -6.09 -3.78
CA TYR A 130 -9.04 -7.49 -4.06
C TYR A 130 -7.72 -7.46 -4.85
N GLN A 131 -6.74 -8.04 -4.17
CA GLN A 131 -5.32 -8.09 -4.56
C GLN A 131 -5.01 -9.41 -5.27
N TRP A 132 -4.80 -9.28 -6.58
CA TRP A 132 -4.55 -10.35 -7.54
C TRP A 132 -3.11 -10.31 -8.10
N THR A 133 -2.63 -11.52 -8.36
CA THR A 133 -1.30 -11.81 -8.96
C THR A 133 -1.20 -13.31 -9.29
N ASN A 134 -0.32 -13.62 -10.24
CA ASN A 134 -0.07 -14.99 -10.75
C ASN A 134 0.62 -15.93 -9.74
N ASN A 135 -0.22 -16.48 -8.86
CA ASN A 135 0.20 -17.41 -7.80
C ASN A 135 -0.40 -18.82 -8.00
N ALA A 136 0.12 -19.76 -7.20
CA ALA A 136 -0.37 -21.15 -7.14
C ALA A 136 -0.87 -21.55 -5.72
N SER A 137 -1.63 -20.65 -5.10
CA SER A 137 -2.14 -20.79 -3.72
C SER A 137 -3.18 -19.72 -3.33
N ASP A 138 -4.42 -20.18 -3.20
CA ASP A 138 -5.66 -19.40 -2.89
C ASP A 138 -6.08 -18.36 -3.93
N ASN A 139 -5.08 -17.72 -4.54
CA ASN A 139 -5.16 -16.82 -5.70
C ASN A 139 -6.15 -15.65 -5.57
N GLY A 140 -5.62 -14.63 -4.89
CA GLY A 140 -6.34 -13.40 -4.55
C GLY A 140 -6.47 -13.22 -3.03
N MET A 141 -6.11 -12.02 -2.62
CA MET A 141 -6.17 -11.58 -1.21
C MET A 141 -7.12 -10.38 -1.08
N LEU A 142 -7.76 -10.29 0.07
CA LEU A 142 -8.61 -9.14 0.41
C LEU A 142 -7.75 -8.15 1.21
N SER A 143 -7.25 -7.16 0.47
CA SER A 143 -6.41 -6.12 1.07
C SER A 143 -7.29 -4.93 1.43
N LEU A 144 -7.19 -4.58 2.71
CA LEU A 144 -8.09 -3.61 3.34
C LEU A 144 -7.44 -2.96 4.57
N GLY A 145 -7.86 -1.73 4.81
CA GLY A 145 -7.39 -0.93 5.96
C GLY A 145 -7.98 0.47 6.04
N VAL A 146 -7.29 1.28 6.83
CA VAL A 146 -7.68 2.68 7.13
C VAL A 146 -6.59 3.65 6.67
N SER A 147 -7.03 4.63 5.90
CA SER A 147 -6.15 5.61 5.23
C SER A 147 -6.64 7.04 5.49
N TYR A 148 -5.72 7.90 5.89
CA TYR A 148 -6.04 9.30 6.25
C TYR A 148 -5.28 10.30 5.36
N ARG A 149 -5.87 11.49 5.26
CA ARG A 149 -5.27 12.59 4.48
C ARG A 149 -4.89 13.77 5.37
N PHE A 150 -3.68 14.27 5.10
CA PHE A 150 -3.02 15.38 5.83
C PHE A 150 -2.74 15.13 7.32
N GLY A 151 -1.76 15.88 7.83
CA GLY A 151 -1.32 15.83 9.24
C GLY A 151 -2.21 16.71 10.14
N GLN A 152 -3.28 16.10 10.65
CA GLN A 152 -4.24 16.77 11.56
C GLN A 152 -3.64 17.09 12.94
N GLY A 153 -2.91 18.21 12.98
CA GLY A 153 -2.35 18.77 14.22
C GLY A 153 -1.48 20.01 13.96
N GLU A 154 -1.71 21.04 14.76
CA GLU A 154 -1.01 22.34 14.70
C GLU A 154 0.50 22.32 15.05
N ALA A 155 0.90 21.29 15.81
CA ALA A 155 2.25 21.08 16.41
C ALA A 155 3.38 22.05 16.00
N ALA A 156 3.48 23.14 16.76
CA ALA A 156 4.48 24.20 16.55
C ALA A 156 5.40 24.44 17.77
N MET A 1 -13.77 22.45 -7.15
CA MET A 1 -12.54 21.67 -6.90
C MET A 1 -12.71 20.40 -6.02
N PRO A 2 -12.86 19.22 -6.65
CA PRO A 2 -13.07 17.95 -5.94
C PRO A 2 -11.83 17.45 -5.17
N LYS A 3 -10.67 17.49 -5.82
CA LYS A 3 -9.38 17.08 -5.25
C LYS A 3 -8.33 18.15 -5.56
N ASP A 4 -7.46 18.40 -4.57
CA ASP A 4 -6.35 19.37 -4.69
C ASP A 4 -5.45 19.30 -3.43
N ASN A 5 -4.34 18.59 -3.57
CA ASN A 5 -3.31 18.41 -2.52
C ASN A 5 -3.88 17.79 -1.23
N THR A 6 -4.59 16.70 -1.43
CA THR A 6 -5.36 16.02 -0.36
C THR A 6 -4.52 14.86 0.15
N TRP A 7 -4.29 14.87 1.46
CA TRP A 7 -3.47 13.87 2.15
C TRP A 7 -4.34 12.78 2.79
N TYR A 8 -3.95 11.56 2.48
CA TYR A 8 -4.53 10.31 3.01
C TYR A 8 -3.42 9.51 3.70
N THR A 9 -3.21 9.85 4.97
CA THR A 9 -2.15 9.25 5.80
C THR A 9 -2.76 8.33 6.85
N GLY A 10 -2.29 7.08 6.82
CA GLY A 10 -2.74 6.01 7.72
C GLY A 10 -1.81 4.79 7.69
N ALA A 11 -2.42 3.62 7.81
CA ALA A 11 -1.70 2.33 7.91
C ALA A 11 -2.32 1.22 7.05
N LYS A 12 -1.43 0.34 6.57
CA LYS A 12 -1.78 -0.85 5.78
C LYS A 12 -1.09 -2.13 6.32
N LEU A 13 -1.86 -3.20 6.30
CA LEU A 13 -1.38 -4.56 6.63
C LEU A 13 -1.46 -5.43 5.38
N GLY A 14 -0.36 -6.15 5.17
CA GLY A 14 -0.14 -6.98 3.97
C GLY A 14 -0.30 -8.47 4.33
N TRP A 15 -1.36 -9.06 3.78
CA TRP A 15 -1.70 -10.48 3.98
C TRP A 15 -1.76 -11.21 2.62
N SER A 16 -1.35 -12.47 2.65
CA SER A 16 -1.46 -13.38 1.48
C SER A 16 -2.09 -14.72 1.88
N GLN A 17 -2.88 -15.28 0.96
CA GLN A 17 -3.50 -16.60 1.14
C GLN A 17 -2.46 -17.70 0.86
N TYR A 18 -1.61 -17.89 1.86
CA TYR A 18 -0.49 -18.85 1.81
C TYR A 18 -0.22 -19.47 3.20
N SER A 19 0.53 -18.74 4.03
CA SER A 19 0.85 -19.18 5.41
C SER A 19 0.24 -18.22 6.44
N ARG A 20 -0.32 -18.83 7.48
CA ARG A 20 -0.77 -18.11 8.69
C ARG A 20 0.37 -17.46 9.50
N GLU A 21 1.59 -17.98 9.29
CA GLU A 21 2.81 -17.44 9.92
C GLU A 21 3.78 -16.93 8.83
N ASN A 22 3.69 -15.62 8.60
CA ASN A 22 4.51 -14.87 7.61
C ASN A 22 4.25 -13.36 7.73
N GLN A 23 3.04 -12.93 7.34
CA GLN A 23 2.57 -11.52 7.38
C GLN A 23 3.47 -10.52 6.63
N LEU A 24 3.04 -10.22 5.42
CA LEU A 24 3.78 -9.40 4.42
C LEU A 24 4.07 -7.95 4.89
N GLY A 25 3.11 -7.38 5.62
CA GLY A 25 3.18 -6.06 6.30
C GLY A 25 3.71 -4.85 5.49
N ALA A 26 2.78 -4.20 4.79
CA ALA A 26 3.04 -2.94 4.04
C ALA A 26 3.49 -1.75 4.91
N GLY A 27 2.89 -1.64 6.10
CA GLY A 27 3.32 -0.72 7.16
C GLY A 27 2.41 0.52 7.25
N ALA A 28 3.03 1.67 7.03
CA ALA A 28 2.36 2.98 7.05
C ALA A 28 2.11 3.46 5.61
N PHE A 29 0.92 4.01 5.40
CA PHE A 29 0.42 4.38 4.07
C PHE A 29 0.18 5.89 3.96
N GLY A 30 1.00 6.49 3.12
CA GLY A 30 1.01 7.95 2.86
C GLY A 30 0.61 8.26 1.41
N GLY A 31 -0.64 8.68 1.27
CA GLY A 31 -1.24 9.03 -0.03
C GLY A 31 -1.43 10.54 -0.21
N TYR A 32 -1.05 10.99 -1.39
CA TYR A 32 -1.09 12.41 -1.79
C TYR A 32 -1.81 12.59 -3.13
N GLN A 33 -2.98 13.21 -3.06
CA GLN A 33 -3.80 13.44 -4.26
C GLN A 33 -3.73 14.93 -4.62
N VAL A 34 -2.65 15.25 -5.34
CA VAL A 34 -2.30 16.63 -5.77
C VAL A 34 -3.31 17.14 -6.81
N ASN A 35 -3.08 16.79 -8.08
CA ASN A 35 -3.95 17.14 -9.22
C ASN A 35 -5.15 16.17 -9.27
N PRO A 36 -6.38 16.67 -9.47
CA PRO A 36 -7.58 15.82 -9.63
C PRO A 36 -7.56 15.03 -10.97
N TYR A 37 -6.78 13.96 -10.92
CA TYR A 37 -6.50 13.02 -12.03
C TYR A 37 -5.60 11.88 -11.50
N VAL A 38 -4.30 12.19 -11.35
CA VAL A 38 -3.29 11.24 -10.82
C VAL A 38 -2.75 11.79 -9.49
N GLY A 39 -2.65 10.88 -8.54
CA GLY A 39 -1.97 11.09 -7.24
C GLY A 39 -0.94 9.99 -6.98
N PHE A 40 -0.46 9.95 -5.74
CA PHE A 40 0.53 8.94 -5.29
C PHE A 40 0.15 8.28 -3.96
N GLU A 41 0.56 7.02 -3.85
CA GLU A 41 0.50 6.22 -2.62
C GLU A 41 1.86 5.60 -2.29
N MET A 42 2.30 5.85 -1.06
CA MET A 42 3.54 5.30 -0.50
C MET A 42 3.24 4.39 0.69
N GLY A 43 3.90 3.23 0.66
CA GLY A 43 3.84 2.22 1.74
C GLY A 43 5.24 2.09 2.38
N TYR A 44 5.34 2.47 3.64
CA TYR A 44 6.62 2.42 4.38
C TYR A 44 6.54 1.46 5.56
N ASP A 45 7.44 0.49 5.52
CA ASP A 45 7.55 -0.62 6.50
C ASP A 45 9.01 -0.89 6.88
N TRP A 46 9.24 -1.20 8.15
CA TRP A 46 10.58 -1.62 8.61
C TRP A 46 10.55 -2.29 9.99
N LEU A 47 11.19 -3.45 10.00
CA LEU A 47 11.57 -4.14 11.24
C LEU A 47 13.10 -4.22 11.48
N GLY A 48 13.85 -3.53 10.61
CA GLY A 48 15.32 -3.40 10.69
C GLY A 48 15.78 -2.45 11.81
N ARG A 49 15.62 -2.93 13.04
CA ARG A 49 15.99 -2.21 14.26
C ARG A 49 17.46 -2.46 14.66
N MET A 50 18.32 -1.76 13.92
CA MET A 50 19.80 -1.75 14.10
C MET A 50 20.41 -0.64 13.21
N PRO A 51 21.62 -0.14 13.52
CA PRO A 51 22.35 0.79 12.64
C PRO A 51 22.81 0.10 11.33
N ARG A 52 21.85 0.05 10.42
CA ARG A 52 21.94 -0.58 9.09
C ARG A 52 20.72 -0.17 8.27
N LYS A 53 20.92 0.00 6.97
CA LYS A 53 19.80 0.25 6.04
C LYS A 53 19.10 -1.07 5.69
N ALA A 54 18.10 -1.35 6.53
CA ALA A 54 17.24 -2.55 6.47
C ALA A 54 15.75 -2.15 6.61
N GLN A 55 15.37 -1.25 5.70
CA GLN A 55 14.05 -0.61 5.68
C GLN A 55 13.39 -0.80 4.30
N GLY A 56 12.07 -0.92 4.30
CA GLY A 56 11.27 -1.23 3.10
C GLY A 56 10.21 -0.17 2.76
N VAL A 57 9.99 -0.04 1.47
CA VAL A 57 9.07 0.93 0.86
C VAL A 57 8.41 0.39 -0.42
N GLN A 58 7.19 0.82 -0.64
CA GLN A 58 6.39 0.63 -1.88
C GLN A 58 6.01 2.01 -2.47
N LEU A 59 6.33 2.24 -3.74
CA LEU A 59 5.97 3.50 -4.42
C LEU A 59 5.01 3.23 -5.59
N THR A 60 3.77 3.66 -5.42
CA THR A 60 2.73 3.48 -6.46
C THR A 60 1.95 4.78 -6.76
N ALA A 61 1.56 4.92 -8.02
CA ALA A 61 0.77 6.07 -8.50
C ALA A 61 -0.70 5.66 -8.69
N LYS A 62 -1.58 6.54 -8.23
CA LYS A 62 -3.02 6.27 -8.14
C LYS A 62 -3.90 7.14 -9.03
N LEU A 63 -4.95 6.49 -9.53
CA LEU A 63 -6.08 7.11 -10.24
C LEU A 63 -7.38 6.91 -9.43
N GLY A 64 -8.15 7.98 -9.35
CA GLY A 64 -9.41 8.06 -8.57
C GLY A 64 -10.63 7.74 -9.44
N TYR A 65 -11.25 6.60 -9.15
CA TYR A 65 -12.39 6.03 -9.90
C TYR A 65 -13.69 6.09 -9.07
N PRO A 66 -14.59 7.02 -9.40
CA PRO A 66 -15.93 7.10 -8.79
C PRO A 66 -16.93 6.12 -9.45
N LYS A 67 -18.19 6.54 -9.56
CA LYS A 67 -19.33 5.83 -10.21
C LYS A 67 -19.80 4.54 -9.49
N LEU A 68 -18.97 3.50 -9.51
CA LEU A 68 -19.34 2.13 -9.11
C LEU A 68 -19.78 2.03 -7.64
N GLY A 69 -21.10 2.00 -7.50
CA GLY A 69 -21.79 1.86 -6.20
C GLY A 69 -22.42 3.20 -5.81
N THR A 70 -21.59 4.03 -5.17
CA THR A 70 -21.92 5.40 -4.71
C THR A 70 -20.69 6.04 -4.04
N ASP A 71 -20.81 7.33 -3.74
CA ASP A 71 -19.74 8.18 -3.19
C ASP A 71 -19.01 7.64 -1.93
N ASP A 72 -19.74 6.88 -1.11
CA ASP A 72 -19.18 6.16 0.06
C ASP A 72 -18.03 5.19 -0.28
N LEU A 73 -18.05 4.64 -1.50
CA LEU A 73 -17.01 3.74 -2.02
C LEU A 73 -16.41 4.26 -3.33
N ASP A 74 -15.14 4.64 -3.23
CA ASP A 74 -14.35 5.09 -4.40
C ASP A 74 -13.19 4.11 -4.64
N ILE A 75 -13.04 3.78 -5.92
CA ILE A 75 -12.04 2.82 -6.41
C ILE A 75 -10.77 3.61 -6.78
N TYR A 76 -9.64 3.02 -6.47
CA TYR A 76 -8.32 3.55 -6.85
C TYR A 76 -7.53 2.48 -7.60
N THR A 77 -7.02 2.87 -8.76
CA THR A 77 -6.14 1.99 -9.56
C THR A 77 -4.72 2.56 -9.50
N ARG A 78 -3.85 1.68 -9.01
CA ARG A 78 -2.50 2.05 -8.58
C ARG A 78 -1.43 1.22 -9.30
N LEU A 79 -0.52 1.92 -9.95
CA LEU A 79 0.61 1.31 -10.68
C LEU A 79 1.97 1.87 -10.23
N GLY A 80 2.89 0.95 -9.98
CA GLY A 80 4.27 1.30 -9.58
C GLY A 80 5.10 0.09 -9.14
N GLY A 81 5.87 0.32 -8.09
CA GLY A 81 6.74 -0.67 -7.43
C GLY A 81 7.73 -0.01 -6.46
N MET A 82 7.91 -0.71 -5.35
CA MET A 82 9.08 -0.59 -4.46
C MET A 82 9.30 -1.86 -3.60
N VAL A 83 10.49 -1.95 -3.01
CA VAL A 83 10.92 -3.16 -2.29
C VAL A 83 10.70 -2.99 -0.78
N TRP A 84 9.98 -3.93 -0.18
CA TRP A 84 9.63 -3.88 1.25
C TRP A 84 10.37 -4.93 2.08
N ARG A 85 10.55 -4.60 3.36
CA ARG A 85 11.38 -5.38 4.29
C ARG A 85 10.50 -6.35 5.10
N ALA A 86 10.47 -7.59 4.59
CA ALA A 86 9.70 -8.69 5.19
C ALA A 86 10.55 -9.91 5.61
N ASP A 87 10.78 -10.86 4.70
CA ASP A 87 11.48 -12.14 4.99
C ASP A 87 12.06 -12.73 3.69
N THR A 88 13.20 -13.40 3.85
CA THR A 88 13.89 -14.18 2.78
C THR A 88 14.97 -15.08 3.38
N SER A 89 15.34 -16.11 2.62
CA SER A 89 16.34 -17.12 3.01
C SER A 89 17.48 -17.21 1.97
N ASP A 90 18.62 -17.73 2.42
CA ASP A 90 19.83 -17.85 1.58
C ASP A 90 20.40 -19.29 1.69
N LYS A 91 21.05 -19.72 0.60
CA LYS A 91 21.62 -21.08 0.39
C LYS A 91 20.54 -22.19 0.35
N ASP A 92 20.68 -23.03 -0.67
CA ASP A 92 19.84 -24.23 -0.84
C ASP A 92 20.71 -25.50 -0.82
N GLY A 93 21.36 -25.81 -1.94
CA GLY A 93 22.28 -26.96 -2.08
C GLY A 93 22.94 -26.91 -3.46
N ASN A 94 24.14 -26.34 -3.47
CA ASN A 94 24.94 -26.04 -4.69
C ASN A 94 24.33 -24.86 -5.47
N GLY A 95 25.15 -24.29 -6.34
CA GLY A 95 24.84 -23.10 -7.15
C GLY A 95 24.92 -21.81 -6.31
N TYR A 96 26.14 -21.28 -6.25
CA TYR A 96 26.45 -20.08 -5.44
C TYR A 96 27.09 -18.98 -6.29
N ILE A 97 26.69 -17.75 -5.97
CA ILE A 97 27.11 -16.52 -6.70
C ILE A 97 26.65 -15.23 -5.98
N SER A 98 25.33 -14.98 -5.98
CA SER A 98 24.72 -13.76 -5.42
C SER A 98 23.19 -13.87 -5.29
N ALA A 99 22.51 -13.86 -6.44
CA ALA A 99 21.04 -13.92 -6.62
C ALA A 99 20.29 -12.68 -6.10
N ALA A 100 19.26 -12.31 -6.86
CA ALA A 100 18.46 -11.09 -6.59
C ALA A 100 17.53 -11.24 -5.37
N GLU A 101 18.12 -10.96 -4.21
CA GLU A 101 17.42 -10.94 -2.90
C GLU A 101 16.50 -9.70 -2.68
N ALA A 102 15.86 -9.28 -3.76
CA ALA A 102 15.03 -8.06 -3.82
C ALA A 102 14.00 -8.18 -4.96
N SER A 103 12.84 -7.56 -4.73
CA SER A 103 11.70 -7.59 -5.68
C SER A 103 11.97 -6.76 -6.95
N VAL A 104 11.48 -7.29 -8.06
CA VAL A 104 11.66 -6.73 -9.42
C VAL A 104 10.34 -6.72 -10.20
N SER A 105 10.34 -6.01 -11.33
CA SER A 105 9.20 -5.82 -12.25
C SER A 105 8.04 -4.98 -11.68
N PRO A 106 7.30 -4.23 -12.52
CA PRO A 106 6.19 -3.38 -12.07
C PRO A 106 5.06 -4.18 -11.40
N VAL A 107 4.53 -3.56 -10.36
CA VAL A 107 3.49 -4.10 -9.47
C VAL A 107 2.24 -3.21 -9.62
N PHE A 108 1.11 -3.90 -9.71
CA PHE A 108 -0.20 -3.29 -9.96
C PHE A 108 -1.15 -3.59 -8.79
N ALA A 109 -1.76 -2.52 -8.30
CA ALA A 109 -2.67 -2.55 -7.15
C ALA A 109 -4.06 -2.01 -7.49
N GLY A 110 -5.05 -2.79 -7.09
CA GLY A 110 -6.48 -2.49 -7.24
C GLY A 110 -7.09 -2.31 -5.84
N GLY A 111 -7.23 -1.05 -5.45
CA GLY A 111 -7.68 -0.66 -4.10
C GLY A 111 -9.03 0.06 -4.10
N VAL A 112 -9.79 -0.20 -3.05
CA VAL A 112 -11.05 0.55 -2.79
C VAL A 112 -11.02 1.24 -1.42
N GLU A 113 -11.55 2.47 -1.46
CA GLU A 113 -11.71 3.34 -0.29
C GLU A 113 -13.20 3.46 0.01
N TYR A 114 -13.60 2.83 1.11
CA TYR A 114 -14.99 2.73 1.56
C TYR A 114 -15.17 3.33 2.96
N VAL A 115 -16.26 4.09 3.06
CA VAL A 115 -16.75 4.64 4.34
C VAL A 115 -18.24 4.28 4.54
N ILE A 116 -18.46 3.37 5.47
CA ILE A 116 -19.82 2.93 5.85
C ILE A 116 -20.18 3.36 7.29
N ARG A 117 -20.27 4.68 7.45
CA ARG A 117 -20.62 5.31 8.74
C ARG A 117 -21.85 6.23 8.77
N ARG A 118 -22.15 6.91 7.65
CA ARG A 118 -23.31 7.81 7.46
C ARG A 118 -23.39 9.10 8.29
N ARG A 119 -22.80 9.08 9.48
CA ARG A 119 -22.66 10.26 10.36
C ARG A 119 -21.25 10.86 10.30
N ILE A 120 -21.22 12.18 10.52
CA ILE A 120 -20.03 13.07 10.63
C ILE A 120 -18.69 12.30 10.76
N THR A 121 -18.39 11.85 11.99
CA THR A 121 -17.20 11.04 12.35
C THR A 121 -15.83 11.67 12.03
N PRO A 122 -14.74 11.22 12.67
CA PRO A 122 -13.36 11.59 12.28
C PRO A 122 -13.02 11.05 10.89
N GLU A 123 -11.97 11.61 10.28
CA GLU A 123 -11.52 11.28 8.91
C GLU A 123 -10.91 9.86 8.83
N ILE A 124 -11.81 8.87 8.79
CA ILE A 124 -11.48 7.44 8.79
C ILE A 124 -12.06 6.78 7.51
N ALA A 125 -11.16 6.50 6.59
CA ALA A 125 -11.49 5.81 5.33
C ALA A 125 -10.85 4.43 5.23
N THR A 126 -11.71 3.42 5.09
CA THR A 126 -11.31 2.00 5.03
C THR A 126 -10.84 1.67 3.60
N ARG A 127 -9.57 1.31 3.51
CA ARG A 127 -8.93 0.93 2.24
C ARG A 127 -8.49 -0.54 2.23
N LEU A 128 -9.06 -1.27 1.27
CA LEU A 128 -8.63 -2.65 0.98
C LEU A 128 -8.18 -2.76 -0.48
N GLU A 129 -6.91 -3.12 -0.61
CA GLU A 129 -6.15 -3.13 -1.86
C GLU A 129 -5.61 -4.53 -2.18
N TYR A 130 -5.82 -4.92 -3.43
CA TYR A 130 -5.21 -6.15 -3.98
C TYR A 130 -3.95 -5.81 -4.77
N GLN A 131 -2.89 -6.53 -4.40
CA GLN A 131 -1.52 -6.33 -4.90
C GLN A 131 -1.14 -7.52 -5.81
N TRP A 132 -1.08 -7.18 -7.09
CA TRP A 132 -0.85 -8.10 -8.22
C TRP A 132 0.44 -7.76 -8.98
N THR A 133 1.07 -8.82 -9.49
CA THR A 133 2.25 -8.69 -10.35
C THR A 133 2.15 -9.57 -11.62
N ASN A 134 2.41 -10.87 -11.46
CA ASN A 134 2.49 -11.85 -12.57
C ASN A 134 2.62 -13.29 -12.04
N ASN A 135 3.67 -13.50 -11.23
CA ASN A 135 3.91 -14.75 -10.48
C ASN A 135 2.69 -15.08 -9.59
N ALA A 136 2.57 -16.38 -9.28
CA ALA A 136 1.40 -17.04 -8.66
C ALA A 136 0.14 -16.97 -9.53
N SER A 137 -0.05 -18.07 -10.26
CA SER A 137 -1.14 -18.27 -11.25
C SER A 137 -2.54 -17.95 -10.69
N ASP A 138 -2.97 -16.75 -11.06
CA ASP A 138 -4.27 -16.14 -10.67
C ASP A 138 -4.41 -15.89 -9.15
N ASN A 139 -3.28 -15.71 -8.48
CA ASN A 139 -3.20 -15.42 -7.04
C ASN A 139 -2.29 -14.19 -6.80
N GLY A 140 -2.30 -13.67 -5.58
CA GLY A 140 -1.59 -12.44 -5.22
C GLY A 140 -1.68 -12.09 -3.73
N MET A 141 -1.57 -10.80 -3.46
CA MET A 141 -1.52 -10.24 -2.10
C MET A 141 -2.72 -9.31 -1.84
N LEU A 142 -3.16 -9.29 -0.59
CA LEU A 142 -4.20 -8.37 -0.10
C LEU A 142 -3.66 -7.52 1.05
N SER A 143 -3.54 -6.23 0.74
CA SER A 143 -3.12 -5.22 1.74
C SER A 143 -4.36 -4.42 2.11
N LEU A 144 -4.62 -4.38 3.41
CA LEU A 144 -5.82 -3.77 4.01
C LEU A 144 -5.47 -2.86 5.19
N GLY A 145 -6.19 -1.75 5.27
CA GLY A 145 -5.97 -0.73 6.33
C GLY A 145 -6.89 0.48 6.20
N VAL A 146 -6.49 1.53 6.88
CA VAL A 146 -7.25 2.79 6.99
C VAL A 146 -6.34 3.98 6.60
N SER A 147 -6.95 4.91 5.88
CA SER A 147 -6.36 6.23 5.55
C SER A 147 -7.18 7.35 6.18
N TYR A 148 -6.45 8.33 6.71
CA TYR A 148 -7.01 9.56 7.30
C TYR A 148 -6.65 10.77 6.44
N ARG A 149 -7.66 11.62 6.22
CA ARG A 149 -7.46 12.93 5.59
C ARG A 149 -6.91 13.91 6.64
N PHE A 150 -5.76 14.48 6.29
CA PHE A 150 -4.95 15.37 7.17
C PHE A 150 -5.77 16.26 8.13
N GLY A 151 -6.37 17.32 7.59
CA GLY A 151 -7.22 18.29 8.32
C GLY A 151 -6.61 18.74 9.66
N GLN A 152 -7.37 18.47 10.71
CA GLN A 152 -6.94 18.66 12.10
C GLN A 152 -5.91 17.59 12.51
N GLY A 153 -4.65 17.93 12.25
CA GLY A 153 -3.47 17.20 12.76
C GLY A 153 -3.29 17.35 14.28
N GLU A 154 -2.03 17.37 14.70
CA GLU A 154 -1.63 17.50 16.12
C GLU A 154 -1.91 18.90 16.71
N ALA A 155 -3.16 19.06 17.15
CA ALA A 155 -3.63 20.27 17.86
C ALA A 155 -3.17 20.25 19.34
N ALA A 156 -1.93 20.72 19.52
CA ALA A 156 -1.28 20.80 20.85
C ALA A 156 -0.99 22.24 21.32
N MET A 1 -8.52 21.54 4.68
CA MET A 1 -8.63 21.36 3.22
C MET A 1 -8.57 19.89 2.73
N PRO A 2 -9.74 19.27 2.51
CA PRO A 2 -9.82 17.90 1.94
C PRO A 2 -9.55 17.89 0.43
N LYS A 3 -8.92 16.80 -0.01
CA LYS A 3 -8.54 16.52 -1.42
C LYS A 3 -7.50 17.51 -1.97
N ASP A 4 -6.89 17.13 -3.09
CA ASP A 4 -5.91 17.92 -3.87
C ASP A 4 -4.57 18.11 -3.13
N ASN A 5 -3.74 17.10 -3.33
CA ASN A 5 -2.43 16.89 -2.69
C ASN A 5 -2.53 16.62 -1.17
N THR A 6 -3.51 15.80 -0.81
CA THR A 6 -3.77 15.43 0.60
C THR A 6 -3.18 14.06 0.97
N TRP A 7 -2.64 14.06 2.20
CA TRP A 7 -1.85 12.94 2.74
C TRP A 7 -2.64 12.23 3.85
N TYR A 8 -2.67 10.92 3.72
CA TYR A 8 -3.33 9.98 4.65
C TYR A 8 -2.31 8.95 5.14
N THR A 9 -2.27 8.76 6.46
CA THR A 9 -1.38 7.78 7.11
C THR A 9 -2.17 6.84 8.04
N GLY A 10 -1.88 5.55 7.91
CA GLY A 10 -2.53 4.50 8.72
C GLY A 10 -1.91 3.11 8.51
N ALA A 11 -2.77 2.10 8.58
CA ALA A 11 -2.37 0.68 8.56
C ALA A 11 -3.18 -0.16 7.56
N LYS A 12 -2.52 -1.20 7.04
CA LYS A 12 -3.16 -2.20 6.17
C LYS A 12 -3.01 -3.64 6.70
N LEU A 13 -4.08 -4.39 6.51
CA LEU A 13 -4.22 -5.81 6.86
C LEU A 13 -4.35 -6.64 5.57
N GLY A 14 -3.70 -7.80 5.59
CA GLY A 14 -3.67 -8.74 4.46
C GLY A 14 -4.39 -10.05 4.83
N TRP A 15 -5.33 -10.43 3.97
CA TRP A 15 -6.13 -11.66 4.11
C TRP A 15 -5.90 -12.60 2.93
N SER A 16 -5.85 -13.89 3.25
CA SER A 16 -5.71 -14.96 2.26
C SER A 16 -7.02 -15.73 2.13
N GLN A 17 -7.71 -15.46 1.03
CA GLN A 17 -8.96 -16.14 0.65
C GLN A 17 -8.81 -17.68 0.65
N TYR A 18 -7.69 -18.14 0.08
CA TYR A 18 -7.28 -19.56 0.10
C TYR A 18 -6.95 -20.08 1.52
N SER A 19 -6.12 -19.34 2.25
CA SER A 19 -5.62 -19.82 3.56
C SER A 19 -6.34 -19.15 4.74
N ARG A 20 -7.49 -19.77 5.02
CA ARG A 20 -8.44 -19.50 6.12
C ARG A 20 -8.03 -18.46 7.19
N GLU A 21 -7.22 -18.88 8.16
CA GLU A 21 -6.85 -18.05 9.33
C GLU A 21 -5.33 -17.94 9.49
N ASN A 22 -4.79 -16.89 8.88
CA ASN A 22 -3.33 -16.63 8.87
C ASN A 22 -2.94 -15.37 9.64
N GLN A 23 -2.66 -15.58 10.92
CA GLN A 23 -2.24 -14.52 11.85
C GLN A 23 -0.80 -14.06 11.57
N LEU A 24 -0.73 -13.09 10.66
CA LEU A 24 0.52 -12.34 10.37
C LEU A 24 0.49 -10.90 10.94
N GLY A 25 -0.66 -10.24 10.80
CA GLY A 25 -0.92 -8.92 11.39
C GLY A 25 -1.14 -7.84 10.31
N ALA A 26 -0.78 -6.62 10.70
CA ALA A 26 -0.95 -5.42 9.87
C ALA A 26 0.37 -4.63 9.76
N GLY A 27 0.54 -3.98 8.62
CA GLY A 27 1.67 -3.09 8.33
C GLY A 27 1.20 -1.63 8.18
N ALA A 28 2.08 -0.79 7.65
CA ALA A 28 1.80 0.65 7.53
C ALA A 28 1.42 1.04 6.09
N PHE A 29 0.31 1.75 6.00
CA PHE A 29 -0.29 2.17 4.72
C PHE A 29 -0.42 3.69 4.62
N GLY A 30 0.37 4.22 3.69
CA GLY A 30 0.47 5.65 3.38
C GLY A 30 -0.27 5.96 2.07
N GLY A 31 -1.36 6.69 2.21
CA GLY A 31 -2.26 7.06 1.10
C GLY A 31 -2.12 8.55 0.76
N TYR A 32 -2.20 8.84 -0.53
CA TYR A 32 -2.14 10.23 -1.03
C TYR A 32 -3.11 10.45 -2.19
N GLN A 33 -3.87 11.53 -2.11
CA GLN A 33 -4.83 11.89 -3.16
C GLN A 33 -4.52 13.28 -3.74
N VAL A 34 -3.76 13.22 -4.83
CA VAL A 34 -3.41 14.38 -5.65
C VAL A 34 -4.64 14.96 -6.39
N ASN A 35 -5.21 14.16 -7.28
CA ASN A 35 -6.44 14.47 -8.05
C ASN A 35 -7.27 13.18 -8.23
N PRO A 36 -8.62 13.26 -8.21
CA PRO A 36 -9.51 12.10 -8.42
C PRO A 36 -9.42 11.58 -9.87
N TYR A 37 -8.48 10.66 -10.03
CA TYR A 37 -7.98 10.11 -11.30
C TYR A 37 -6.76 9.20 -11.01
N VAL A 38 -5.84 9.72 -10.20
CA VAL A 38 -4.64 8.98 -9.74
C VAL A 38 -4.52 9.17 -8.22
N GLY A 39 -4.48 8.02 -7.54
CA GLY A 39 -4.30 7.94 -6.07
C GLY A 39 -3.09 7.06 -5.71
N PHE A 40 -2.43 7.38 -4.61
CA PHE A 40 -1.22 6.64 -4.17
C PHE A 40 -1.44 5.86 -2.87
N GLU A 41 -0.91 4.64 -2.90
CA GLU A 41 -0.83 3.73 -1.74
C GLU A 41 0.56 3.11 -1.59
N MET A 42 1.22 3.50 -0.50
CA MET A 42 2.51 2.94 -0.07
C MET A 42 2.28 1.97 1.09
N GLY A 43 2.85 0.78 0.93
CA GLY A 43 2.84 -0.28 1.95
C GLY A 43 4.24 -0.45 2.51
N TYR A 44 4.37 -0.13 3.80
CA TYR A 44 5.64 -0.19 4.53
C TYR A 44 5.56 -1.27 5.61
N ASP A 45 6.29 -2.35 5.38
CA ASP A 45 6.31 -3.51 6.28
C ASP A 45 7.73 -3.79 6.80
N TRP A 46 7.83 -3.80 8.12
CA TRP A 46 9.07 -4.09 8.86
C TRP A 46 8.83 -5.24 9.85
N LEU A 47 9.86 -6.07 10.03
CA LEU A 47 9.80 -7.22 10.95
C LEU A 47 9.73 -6.79 12.42
N GLY A 48 8.50 -6.82 12.94
CA GLY A 48 8.16 -6.58 14.36
C GLY A 48 8.72 -7.65 15.32
N ARG A 49 10.04 -7.67 15.37
CA ARG A 49 10.93 -8.56 16.16
C ARG A 49 12.36 -7.98 16.06
N MET A 50 13.17 -8.47 15.10
CA MET A 50 14.45 -7.85 14.73
C MET A 50 14.51 -7.59 13.21
N PRO A 51 14.12 -6.39 12.77
CA PRO A 51 14.08 -6.01 11.34
C PRO A 51 15.45 -5.91 10.64
N ARG A 52 16.52 -5.81 11.43
CA ARG A 52 17.94 -5.69 11.04
C ARG A 52 18.27 -5.66 9.53
N LYS A 53 18.21 -4.45 9.00
CA LYS A 53 18.51 -4.08 7.59
C LYS A 53 17.73 -4.82 6.47
N ALA A 54 16.58 -5.40 6.83
CA ALA A 54 15.68 -6.08 5.86
C ALA A 54 14.20 -5.73 6.08
N GLN A 55 13.79 -4.63 5.46
CA GLN A 55 12.37 -4.22 5.39
C GLN A 55 11.82 -4.24 3.95
N GLY A 56 10.51 -4.41 3.87
CA GLY A 56 9.78 -4.53 2.59
C GLY A 56 8.83 -3.33 2.39
N VAL A 57 9.09 -2.60 1.32
CA VAL A 57 8.29 -1.41 0.93
C VAL A 57 7.72 -1.56 -0.49
N GLN A 58 6.42 -1.35 -0.57
CA GLN A 58 5.70 -1.32 -1.86
C GLN A 58 5.07 0.05 -2.13
N LEU A 59 5.16 0.42 -3.40
CA LEU A 59 4.57 1.65 -3.96
C LEU A 59 3.61 1.27 -5.09
N THR A 60 2.32 1.47 -4.84
CA THR A 60 1.28 1.26 -5.87
C THR A 60 0.39 2.51 -6.09
N ALA A 61 0.18 2.80 -7.36
CA ALA A 61 -0.60 3.96 -7.83
C ALA A 61 -1.84 3.51 -8.61
N LYS A 62 -2.97 3.98 -8.10
CA LYS A 62 -4.30 3.69 -8.65
C LYS A 62 -4.63 4.65 -9.79
N LEU A 63 -5.04 4.02 -10.88
CA LEU A 63 -5.50 4.69 -12.10
C LEU A 63 -7.02 4.48 -12.20
N GLY A 64 -7.70 5.62 -12.08
CA GLY A 64 -9.17 5.77 -12.20
C GLY A 64 -9.82 6.51 -11.01
N TYR A 65 -11.06 6.11 -10.69
CA TYR A 65 -12.04 6.89 -9.91
C TYR A 65 -13.50 6.40 -10.11
N PRO A 66 -14.06 6.41 -11.34
CA PRO A 66 -15.51 6.20 -11.58
C PRO A 66 -15.92 4.72 -11.53
N LYS A 67 -16.91 4.34 -12.33
CA LYS A 67 -17.47 2.98 -12.46
C LYS A 67 -17.89 2.45 -11.08
N LEU A 68 -19.11 2.82 -10.69
CA LEU A 68 -19.64 2.71 -9.30
C LEU A 68 -18.99 3.68 -8.30
N GLY A 69 -17.75 4.10 -8.56
CA GLY A 69 -17.02 5.15 -7.81
C GLY A 69 -17.62 6.55 -7.97
N THR A 70 -18.84 6.67 -7.48
CA THR A 70 -19.61 7.93 -7.43
C THR A 70 -20.17 8.13 -6.00
N ASP A 71 -19.36 7.76 -5.01
CA ASP A 71 -19.74 7.71 -3.58
C ASP A 71 -18.52 7.55 -2.64
N ASP A 72 -17.82 6.42 -2.75
CA ASP A 72 -16.60 6.15 -1.95
C ASP A 72 -15.51 7.23 -2.11
N LEU A 73 -15.22 7.53 -3.38
CA LEU A 73 -14.28 8.52 -3.94
C LEU A 73 -13.64 7.90 -5.18
N ASP A 74 -12.52 7.20 -5.00
CA ASP A 74 -11.74 6.66 -6.13
C ASP A 74 -11.78 5.13 -6.12
N ILE A 75 -12.57 4.56 -7.04
CA ILE A 75 -12.65 3.10 -7.22
C ILE A 75 -12.20 2.77 -8.65
N TYR A 76 -11.03 2.14 -8.66
CA TYR A 76 -10.29 1.73 -9.87
C TYR A 76 -9.10 0.79 -9.61
N THR A 77 -8.31 0.54 -10.65
CA THR A 77 -7.25 -0.49 -10.58
C THR A 77 -5.86 0.17 -10.54
N ARG A 78 -5.03 -0.42 -9.69
CA ARG A 78 -3.72 0.12 -9.29
C ARG A 78 -2.54 -0.79 -9.65
N LEU A 79 -1.49 -0.10 -10.08
CA LEU A 79 -0.23 -0.69 -10.53
C LEU A 79 0.96 -0.09 -9.77
N GLY A 80 1.95 -0.95 -9.49
CA GLY A 80 3.20 -0.51 -8.86
C GLY A 80 4.25 -1.61 -8.69
N GLY A 81 5.11 -1.39 -7.69
CA GLY A 81 6.28 -2.22 -7.40
C GLY A 81 6.52 -2.48 -5.91
N MET A 82 7.13 -3.63 -5.66
CA MET A 82 7.54 -4.12 -4.33
C MET A 82 9.07 -4.25 -4.26
N VAL A 83 9.66 -3.43 -3.39
CA VAL A 83 11.13 -3.38 -3.19
C VAL A 83 11.44 -3.75 -1.73
N TRP A 84 12.42 -4.65 -1.58
CA TRP A 84 12.87 -5.13 -0.26
C TRP A 84 14.35 -4.82 -0.07
N ARG A 85 14.70 -4.43 1.16
CA ARG A 85 16.10 -4.23 1.58
C ARG A 85 16.87 -5.55 1.73
N ALA A 86 17.41 -5.98 0.58
CA ALA A 86 18.23 -7.20 0.48
C ALA A 86 19.67 -6.97 0.99
N ASP A 87 19.80 -7.09 2.31
CA ASP A 87 21.09 -6.96 3.02
C ASP A 87 22.12 -8.10 2.80
N THR A 88 21.64 -9.29 2.47
CA THR A 88 22.48 -10.51 2.40
C THR A 88 23.13 -10.74 1.03
N SER A 89 24.38 -11.21 1.08
CA SER A 89 25.24 -11.52 -0.09
C SER A 89 26.53 -12.22 0.36
N ASP A 90 27.13 -12.96 -0.56
CA ASP A 90 28.37 -13.73 -0.32
C ASP A 90 29.33 -13.65 -1.52
N LYS A 91 30.63 -13.69 -1.23
CA LYS A 91 31.68 -13.64 -2.26
C LYS A 91 32.44 -14.97 -2.31
N ASP A 92 32.51 -15.51 -3.53
CA ASP A 92 33.28 -16.72 -3.87
C ASP A 92 34.21 -16.36 -5.05
N GLY A 93 35.30 -17.12 -5.22
CA GLY A 93 36.32 -16.92 -6.28
C GLY A 93 35.79 -17.22 -7.69
N ASN A 94 34.90 -16.34 -8.12
CA ASN A 94 34.11 -16.48 -9.36
C ASN A 94 34.49 -15.35 -10.33
N GLY A 95 35.45 -15.66 -11.21
CA GLY A 95 35.98 -14.75 -12.25
C GLY A 95 34.96 -14.42 -13.37
N TYR A 96 33.74 -14.13 -12.96
CA TYR A 96 32.54 -13.92 -13.82
C TYR A 96 31.32 -13.38 -13.04
N ILE A 97 31.59 -12.53 -12.04
CA ILE A 97 30.54 -11.96 -11.17
C ILE A 97 30.47 -10.43 -11.31
N SER A 98 29.25 -9.94 -11.54
CA SER A 98 28.92 -8.51 -11.71
C SER A 98 27.39 -8.31 -11.74
N ALA A 99 26.99 -7.05 -11.64
CA ALA A 99 25.59 -6.55 -11.66
C ALA A 99 24.63 -7.21 -10.65
N ALA A 100 24.60 -6.61 -9.46
CA ALA A 100 23.70 -7.01 -8.36
C ALA A 100 22.87 -5.80 -7.91
N GLU A 101 21.55 -6.01 -7.84
CA GLU A 101 20.55 -4.99 -7.47
C GLU A 101 19.18 -5.60 -7.15
N ALA A 102 18.48 -4.97 -6.22
CA ALA A 102 17.11 -5.36 -5.80
C ALA A 102 16.08 -5.10 -6.90
N SER A 103 15.15 -6.05 -7.05
CA SER A 103 14.07 -5.97 -8.05
C SER A 103 12.97 -4.97 -7.67
N VAL A 104 12.54 -4.23 -8.69
CA VAL A 104 11.31 -3.41 -8.61
C VAL A 104 10.04 -4.22 -8.30
N SER A 105 10.03 -5.47 -8.78
CA SER A 105 9.01 -6.51 -8.55
C SER A 105 7.56 -5.98 -8.73
N PRO A 106 7.06 -5.97 -9.97
CA PRO A 106 5.75 -5.39 -10.29
C PRO A 106 4.59 -6.13 -9.60
N VAL A 107 3.71 -5.32 -9.04
CA VAL A 107 2.48 -5.77 -8.35
C VAL A 107 1.26 -5.06 -8.96
N PHE A 108 0.20 -5.84 -9.14
CA PHE A 108 -1.09 -5.31 -9.62
C PHE A 108 -2.23 -5.62 -8.65
N ALA A 109 -2.97 -4.57 -8.32
CA ALA A 109 -4.14 -4.65 -7.43
C ALA A 109 -5.34 -3.89 -8.01
N GLY A 110 -6.54 -4.38 -7.74
CA GLY A 110 -7.80 -3.70 -8.13
C GLY A 110 -8.72 -3.53 -6.92
N GLY A 111 -9.35 -2.35 -6.81
CA GLY A 111 -10.33 -2.13 -5.72
C GLY A 111 -10.93 -0.74 -5.56
N VAL A 112 -11.40 -0.53 -4.33
CA VAL A 112 -12.20 0.65 -3.95
C VAL A 112 -11.52 1.46 -2.82
N GLU A 113 -11.43 2.76 -3.06
CA GLU A 113 -10.95 3.72 -2.04
C GLU A 113 -12.04 4.76 -1.71
N TYR A 114 -12.28 4.81 -0.41
CA TYR A 114 -13.06 5.87 0.26
C TYR A 114 -12.10 6.72 1.09
N VAL A 115 -12.35 8.03 1.03
CA VAL A 115 -11.71 9.01 1.92
C VAL A 115 -12.82 9.87 2.55
N ILE A 116 -12.60 10.27 3.80
CA ILE A 116 -13.55 11.06 4.60
C ILE A 116 -14.12 12.28 3.83
N ARG A 117 -15.37 12.09 3.41
CA ARG A 117 -16.16 13.14 2.75
C ARG A 117 -16.73 14.09 3.81
N ARG A 118 -17.93 13.79 4.32
CA ARG A 118 -18.54 14.53 5.44
C ARG A 118 -19.11 13.54 6.47
N ARG A 119 -18.43 13.48 7.61
CA ARG A 119 -18.82 12.66 8.78
C ARG A 119 -18.02 13.04 10.04
N ILE A 120 -18.52 12.57 11.18
CA ILE A 120 -17.98 12.85 12.53
C ILE A 120 -16.48 12.49 12.58
N THR A 121 -15.71 13.44 13.11
CA THR A 121 -14.23 13.42 13.18
C THR A 121 -13.65 13.24 11.76
N PRO A 122 -13.58 14.32 10.97
CA PRO A 122 -13.17 14.28 9.56
C PRO A 122 -11.68 13.98 9.34
N GLU A 123 -11.37 12.70 9.43
CA GLU A 123 -10.01 12.15 9.24
C GLU A 123 -9.92 10.64 8.97
N ILE A 124 -11.01 10.04 8.48
CA ILE A 124 -11.13 8.57 8.39
C ILE A 124 -11.25 8.13 6.91
N ALA A 125 -10.19 7.53 6.41
CA ALA A 125 -10.12 6.97 5.05
C ALA A 125 -10.06 5.43 5.09
N THR A 126 -10.73 4.82 4.11
CA THR A 126 -10.92 3.36 4.05
C THR A 126 -10.77 2.86 2.61
N ARG A 127 -9.76 2.03 2.41
CA ARG A 127 -9.45 1.41 1.10
C ARG A 127 -9.31 -0.11 1.18
N LEU A 128 -9.89 -0.77 0.18
CA LEU A 128 -9.79 -2.24 0.02
C LEU A 128 -9.56 -2.64 -1.43
N GLU A 129 -8.42 -3.30 -1.61
CA GLU A 129 -7.88 -3.70 -2.91
C GLU A 129 -7.32 -5.14 -2.91
N TYR A 130 -7.55 -5.81 -4.03
CA TYR A 130 -7.10 -7.20 -4.27
C TYR A 130 -5.79 -7.20 -5.07
N GLN A 131 -4.74 -7.64 -4.39
CA GLN A 131 -3.35 -7.55 -4.89
C GLN A 131 -2.75 -8.91 -5.30
N TRP A 132 -2.18 -8.89 -6.50
CA TRP A 132 -1.47 -10.03 -7.11
C TRP A 132 -0.01 -9.70 -7.43
N THR A 133 0.86 -10.49 -6.80
CA THR A 133 2.28 -10.59 -7.22
C THR A 133 2.45 -11.54 -8.41
N ASN A 134 1.66 -12.62 -8.38
CA ASN A 134 1.71 -13.77 -9.31
C ASN A 134 3.09 -14.43 -9.29
N ASN A 135 3.13 -15.49 -8.48
CA ASN A 135 4.34 -16.22 -7.99
C ASN A 135 4.92 -15.57 -6.73
N ALA A 136 5.75 -16.36 -6.06
CA ALA A 136 6.43 -16.03 -4.78
C ALA A 136 5.44 -15.77 -3.62
N SER A 137 5.95 -15.25 -2.50
CA SER A 137 5.16 -14.95 -1.29
C SER A 137 4.04 -13.92 -1.57
N ASP A 138 3.03 -13.96 -0.70
CA ASP A 138 1.78 -13.15 -0.75
C ASP A 138 0.85 -13.52 -1.90
N ASN A 139 1.37 -13.52 -3.14
CA ASN A 139 0.65 -13.88 -4.37
C ASN A 139 -0.68 -13.11 -4.52
N GLY A 140 -1.77 -13.81 -4.85
CA GLY A 140 -3.15 -13.29 -4.86
C GLY A 140 -3.73 -13.16 -3.45
N MET A 141 -3.62 -11.95 -2.91
CA MET A 141 -4.02 -11.61 -1.53
C MET A 141 -5.00 -10.42 -1.50
N LEU A 142 -5.88 -10.46 -0.50
CA LEU A 142 -6.83 -9.35 -0.22
C LEU A 142 -6.12 -8.37 0.73
N SER A 143 -6.10 -7.10 0.35
CA SER A 143 -5.51 -6.04 1.18
C SER A 143 -6.55 -4.97 1.53
N LEU A 144 -6.68 -4.75 2.83
CA LEU A 144 -7.57 -3.72 3.42
C LEU A 144 -6.74 -2.75 4.25
N GLY A 145 -6.92 -1.47 3.94
CA GLY A 145 -6.20 -0.36 4.58
C GLY A 145 -7.13 0.72 5.12
N VAL A 146 -6.79 1.20 6.31
CA VAL A 146 -7.44 2.34 6.97
C VAL A 146 -6.42 3.40 7.36
N SER A 147 -6.69 4.63 6.93
CA SER A 147 -5.79 5.79 7.13
C SER A 147 -6.49 7.07 7.61
N TYR A 148 -5.67 7.88 8.26
CA TYR A 148 -6.06 9.19 8.80
C TYR A 148 -5.34 10.34 8.06
N ARG A 149 -6.08 11.40 7.81
CA ARG A 149 -5.54 12.59 7.10
C ARG A 149 -4.52 13.37 7.95
N PHE A 150 -3.67 14.12 7.25
CA PHE A 150 -2.70 15.03 7.89
C PHE A 150 -3.37 15.96 8.90
N GLY A 151 -2.62 16.24 9.97
CA GLY A 151 -3.06 17.00 11.16
C GLY A 151 -3.59 18.40 10.86
N GLN A 152 -4.92 18.50 10.94
CA GLN A 152 -5.66 19.77 10.75
C GLN A 152 -5.30 20.80 11.83
N GLY A 153 -4.99 22.01 11.33
CA GLY A 153 -4.76 23.21 12.14
C GLY A 153 -6.01 23.66 12.93
N GLU A 154 -5.74 24.41 13.99
CA GLU A 154 -6.76 24.98 14.90
C GLU A 154 -7.79 25.82 14.12
N ALA A 155 -9.06 25.59 14.46
CA ALA A 155 -10.21 26.27 13.83
C ALA A 155 -10.84 27.28 14.81
N ALA A 156 -11.32 28.37 14.24
CA ALA A 156 -11.96 29.47 14.99
C ALA A 156 -13.47 29.60 14.76
#